data_7UHG
#
_entry.id   7UHG
#
_cell.length_a   1.00
_cell.length_b   1.00
_cell.length_c   1.00
_cell.angle_alpha   90.00
_cell.angle_beta   90.00
_cell.angle_gamma   90.00
#
_symmetry.space_group_name_H-M   'P 1'
#
loop_
_entity.id
_entity.type
_entity.pdbx_description
1 polymer 'Voltage-dependent L-type calcium channel subunit beta-3'
2 polymer 'Voltage-dependent L-type calcium channel subunit alpha-1D'
3 polymer 'Voltage-dependent calcium channel subunit alpha-2/delta-1'
4 branched 2-acetamido-2-deoxy-beta-D-glucopyranose-(1-4)-2-acetamido-2-deoxy-beta-D-glucopyranose
5 branched 2-acetamido-2-deoxy-beta-D-glucopyranose-(1-4)-2-acetamido-2-deoxy-beta-D-glucopyranose-(1-4)-2-acetamido-2-deoxy-beta-D-glucopyranose
6 branched 2-acetamido-2-deoxy-beta-D-glucopyranose-(1-4)-2-acetamido-2-deoxy-beta-D-glucopyranose-(1-4)-2-acetamido-2-deoxy-beta-D-glucopyranose-(1-4)-2-acetamido-2-deoxy-beta-D-glucopyranose
7 non-polymer 'CALCIUM ION'
8 non-polymer CHOLESTEROL
9 non-polymer 1,2-Distearoyl-sn-glycerophosphoethanolamine
10 non-polymer 2-acetamido-2-deoxy-beta-D-glucopyranose
#
loop_
_entity_poly.entity_id
_entity_poly.type
_entity_poly.pdbx_seq_one_letter_code
_entity_poly.pdbx_strand_id
1 'polypeptide(L)'
;MYDDSYVPGFEDSEAGSADSYTSRPSLDSDVSLEEDRESARREVESQAQQQLERAKHKPVAFAVRTNVSYCGVLDEECPV
QGSGVNFEAKDFLHIKEKYSNDWWIGRLVKEGGDIAFIPSPQRLESIRLKQEQKARRSGNPSSLSDIGNRRSPPPSLAKQ
KQKQAEHVPPYDVVPSMRPVVLVGPSLKGYEVTDMMQKALFDFLKHRFDGRISITRVTADLSLAKRSVLNNPGKRTIIER
SSARSSIAEVQSEIERIFELAKSLQLVVLDADTINHPAQLAKTSLAPIIVFVKVSSPKVLQRLIRSRGKSQMKHLTVQMM
AYDKLVQCPPESFDVILDENQLEDACEHLAEYLEVYWRATHHPAPGPGLLGPPSAIPGLQNQQLLGERGEEHSPLERDSL
MPSDEASESSRQAWTGSSQRSSRHLEEDYADAYQDLYQPHRQHTSGLPSANGHDPQDRLLAQDSEHNHSDRNWQRNRPWP
KDSY
;
C
2 'polypeptide(L)'
;MMMMMMMKKMQHQRQQQADHANEANYARGTRLPLSGEGPTSQPNSSKQTVLSWQAAIDAARQAKAAQTMSTSAPPPVGSL
SQRKRQQYAKSKKQGNSSNSRPARALFCLSLNNPIRRACISIVEWKPFDIFILLAIFANCVALAIYIPFPEDDSNSTNHN
LEKVEYAFLIIFTVETFLKIIAYGLLLHPNAYVRNGWNLLDFVIVIVGLFSVILEQLTKETEGGNHSSGKSGGFDVKALR
AFRVLRPLRLVSGVPSLQVVLNSIIKAMVPLLHIALLVLFVIIIYAIIGLELFIGKMHKTCFFADSDIVAEEDPAPCAFS
GNGRQCTANGTECRSGWVGPNGGITNFDNFAFAMLTVFQCITMEGWTDVLYWMNDAMGFELPWVYFVSLVIFGSFFVLNL
VLGVLSGEFSKEREKAKARGDFQKLREKQQLEEDLKGYLDWITQAEDIDPENEEEGGEEGKRNTSMPTSETESVNTENVS
GEGENRGCCGSLCQAISKSKLSRRWRRWNRFNRRRCRAAVKSVTFYWLVIVLVFLNTLTISSEHYNQPDWLTQIQDIANK
VLLALFTCEMLVKMYSLGLQAYFVSLFNRFDCFVVCGGITETILVELEIMSPLGISVFRCVRLLRIFKVTRHWTSLSNLV
ASLLNSMKSIASLLLLLFLFIIIFSLLGMQLFGGKFNFDETQTKRSTFDNFPQALLTVFQILTGEDWNAVMYDGIMAYGG
PSSSGMIVCIYFIILFICGNYILLNVFLAIAVDNLADAESLNTAQKEEAEEKERKKIARKESLENKKNNKPEVNQIANSD
NKVTIDDYREEDEDKDPYPPCDVPVGEEEEEEEEDEPEVPAGPRPRRISELNMKEKIAPIPEGSAFFILSKTNPIRVGCH
KLINHHIFTNLILVFIMLSSAALAAEDPIRSHSFRNTILGYFDYAFTAIFTVEILLKMTTFGAFLHKGAFCRNYFNLLDM
LVVGVSLVSFGIQSSAISVVKILRVLRVLRPLRAINRAKGLKHVVQCVFVAIRTIGNIMIVTTLLQFMFACIGVQLFKGK
FYRCTDEAKSNPEECRGLFILYKDGDVDSPVVRERIWQNSDFNFDNVLSAMMALFTVSTFEGWPALLYKAIDSNGENIGP
IYNHRVEISIFFIIYIIIVAFFMMNIFVGFVIVTFQEQGEKEYKNCELDKNQRQCVEYALKARPLRRYIPKNPYQYKFWY
VVNSSPFEYMMFVLIMLNTLCLAMQHYEQSKMFNDAMDILNMVFTGVFTVEMVLKVIAFKPKGYFSDAWNTFDSLIVIGS
IIDVALSEADPTESENVPVPTATPGNSEESNRISITFFRLFRVMRLVKLLSRGEGIRTLLWTFIKSFQALPYVALLIAML
FFIYAVIGMQMFGKVAMRDNNQINRNNNFQTFPQAVLLLFRCATGEAWQEIMLACLPGKLCDPESDYNPGEEYTCGSNFA
IVYFISFYMLCAFLIINLFVAVIMDNFDYLTRDWSILGPHHLDEFKRIWSEYDPEAKGRIKHLDVVTLLRRIQPPLGFGK
LCPHRVACKRLVAMNMPLNSDGTVMFNATLFALVRTALKIKTEGNLEQANEELRAVIKKIWKKTSMKLLDQVVPPAGDDE
VTVGKFYATFLIQDYFRKFKKRKEQGLVGKYPAKNTTIALQAGLRTLHDIGPEIRRAISCDLQDDEPEETKREEEDDVFK
RNGALLGNHVNHVNSDRRDSLQQTNTTHRPLHVQRPSIPPASDTEKPLFPPAGNSVCHNHHNHNSIGKQVPTSTNANLNN
ANMSKAAHGKRPSIGNLEHVSENGHHSSHKHDREPQRRSSVKRTRYYETYIRSDSGDEQLPTICREDPEIHGYFRDPHCL
GEQEYFSSEECYEDDSSPTWSRQNYGYYSRYPGRNIDSERPRGYHHPQGFLEDDDSPVCYDSRRSPRRRLLPPTPASHRR
SSFNFECLRRQSSQEEVPSSPIFPHRTALPLHLMQQQIMAVAGLDSSKAQKYSPSHSTRSWATPPATPPYRDWTPCYTPL
IQVEQSEALDQVNGSLPSLHRSSWYTDEPDISYRTFTPASLTVPSSFRNKNSDKQRSADSLVEAVLISEGLGRYARDPKF
VSATKHEIADACDLTIDEMESAASTLLNGNVRPRANGDVGPLSHRQDYELQDFGPGYSDEEPDPGRDEEDLADEMICITT
L
;
A
3 'polypeptide(L)'
;MAAGCLLALTLTLFQSLLIGPSSEEPFPSAVTIKSWVDKMQEDLVTLAKTASGVNQLVDIYEKYQDLYTVEPNNARQLVE
IAARDIEKLLSNRSKALVRLALEAEKVQAAHQWREDFASNEVVYYNAKDDLDPEKNDSEPGSQRIKPVFIEDANFGRQIS
YQHAAVHIPTDIYEGSTIVLNELNWTSALDEVFKKNREEDPSLLWQVFGSATGLARYYPASPWVDNSRTPNKIDLYDVRR
RPWYIQGAASPKDMLILVDVSGSVSGLTLKLIRTSVSEMLETLSDDDFVNVASFNSNAQDVSCFQHLVQANVRNKKVLKD
AVNNITAKGITDYKKGFSFAFEQLLNYNVSRANCNKIIMLFTDGGEERAQEIFNKYNKDKKVRVFTFSVGQHNYDRGPIQ
WMACENKGYYYEIPSIGAIRINTQEYLDVLGRPMVLAGDKAKQVQWTNVYLDALELGLVITGTLPVFNITGQFENKTNLK
NQLILGVMGVDVSLEDIKRLTPRFTLCPNGYYFAIDPNGYVLLHPNLQPKPIGVGIPTINLRKRRPNIQNPKSQEPVTLD
FLDAELENDIKVEIRNKMIDGESGEKTFRTLVKSQDERYIDKGNRTYTWTPVNGTDYSLALVLPTYSFYYIKAKLEETIT
QARYSETLKPDNFEESGYTFIAPRDYCNDLKISDNNTEFLLNFNEFIDRKTPNNPSCNADLINRVLLDAGFTNELVQNYW
SKQKNIKGVKARFVVTDGGITRVYPKEAGENWQENPETYEDSFYKRSLDNDNYVFTAPYFNKSGPGAYESGIMVSKAVEI
YIQGKLLKPAVVGIKIDVNSWIENFTKTSIRDPCAGPVCDCKRNSDVMDCVILDDGGFLLMANHDDYTNQIGRFFGEIDP
SLMRHLVNISVYAFNKSYDYQSVCEPGAAPKQGAGHRSAYVPSVADILQIGWWATAAAWSILQQFLLSLTFPRLLEAVEM
EDDDFTASLSKQSCITEQTQYFFDNDSKSFSGVLDCGNCSRIFHGEKLMNTNLIFIMVESKGTCPCDTRLLIQAEQTSDG
PNPCDMVKQPRYRKGPDVCFDNNVLEDYTDCGGVSGLNPSLWYIIGIQFLLLWLVSGSTHRLL
;
D
#
# COMPACT_ATOMS: atom_id res chain seq x y z
N GLU A 38 115.72 1.56 33.23
CA GLU A 38 116.10 0.58 32.23
C GLU A 38 115.61 0.99 30.84
N SER A 39 116.57 1.22 29.94
CA SER A 39 116.23 1.60 28.58
C SER A 39 115.88 0.39 27.71
N ALA A 40 116.19 -0.82 28.17
CA ALA A 40 115.92 -2.02 27.37
C ALA A 40 114.42 -2.21 27.15
N ARG A 41 113.62 -2.00 28.20
CA ARG A 41 112.17 -2.16 28.06
C ARG A 41 111.59 -1.14 27.09
N ARG A 42 112.04 0.11 27.17
CA ARG A 42 111.56 1.13 26.24
C ARG A 42 111.99 0.81 24.81
N GLU A 43 113.23 0.34 24.63
CA GLU A 43 113.70 0.01 23.29
C GLU A 43 112.92 -1.15 22.69
N VAL A 44 112.65 -2.18 23.49
CA VAL A 44 111.90 -3.32 22.97
C VAL A 44 110.44 -2.93 22.73
N GLU A 45 109.89 -2.02 23.55
CA GLU A 45 108.55 -1.52 23.30
C GLU A 45 108.49 -0.78 21.95
N SER A 46 109.49 0.07 21.70
CA SER A 46 109.53 0.79 20.43
C SER A 46 109.69 -0.16 19.25
N GLN A 47 110.56 -1.17 19.38
CA GLN A 47 110.75 -2.13 18.31
C GLN A 47 109.47 -2.92 18.04
N ALA A 48 108.80 -3.37 19.10
CA ALA A 48 107.54 -4.10 18.94
C ALA A 48 106.48 -3.24 18.28
N GLN A 49 106.38 -1.97 18.69
CA GLN A 49 105.43 -1.07 18.07
C GLN A 49 105.72 -0.89 16.59
N GLN A 50 106.99 -0.67 16.25
CA GLN A 50 107.35 -0.48 14.84
C GLN A 50 107.02 -1.73 14.03
N GLN A 51 107.29 -2.92 14.59
CA GLN A 51 106.88 -4.15 13.92
C GLN A 51 105.37 -4.22 13.78
N LEU A 52 104.63 -3.72 14.77
CA LEU A 52 103.16 -3.74 14.70
C LEU A 52 102.66 -2.91 13.52
N GLU A 53 103.08 -1.66 13.41
CA GLU A 53 102.63 -0.89 12.25
C GLU A 53 103.31 -1.31 10.95
N ARG A 54 104.39 -2.11 11.01
CA ARG A 54 104.93 -2.66 9.77
C ARG A 54 104.07 -3.81 9.26
N ALA A 55 103.63 -4.70 10.15
CA ALA A 55 102.84 -5.87 9.78
C ALA A 55 101.34 -5.63 9.86
N LYS A 56 100.91 -4.41 10.18
CA LYS A 56 99.48 -4.11 10.26
C LYS A 56 98.75 -4.42 8.94
N HIS A 57 99.44 -4.30 7.81
CA HIS A 57 98.79 -4.43 6.51
C HIS A 57 99.30 -5.65 5.75
N LYS A 58 99.46 -6.77 6.43
CA LYS A 58 99.91 -8.02 5.84
C LYS A 58 98.80 -9.05 5.87
N PRO A 59 98.83 -10.04 4.99
CA PRO A 59 97.80 -11.08 4.99
C PRO A 59 97.80 -11.87 6.29
N VAL A 60 96.61 -12.33 6.67
CA VAL A 60 96.42 -13.09 7.91
C VAL A 60 96.89 -14.52 7.70
N ALA A 61 97.55 -15.08 8.71
CA ALA A 61 98.04 -16.45 8.62
C ALA A 61 96.95 -17.47 8.95
N PHE A 62 96.43 -17.43 10.17
CA PHE A 62 95.44 -18.40 10.62
C PHE A 62 94.58 -17.75 11.70
N ALA A 63 93.79 -18.56 12.40
CA ALA A 63 92.92 -18.08 13.46
C ALA A 63 92.63 -19.24 14.41
N VAL A 64 92.37 -18.88 15.67
CA VAL A 64 92.04 -19.84 16.72
C VAL A 64 90.84 -19.32 17.50
N ARG A 65 90.41 -20.10 18.48
CA ARG A 65 89.29 -19.75 19.35
C ARG A 65 89.72 -19.83 20.80
N THR A 66 89.23 -18.89 21.62
CA THR A 66 89.56 -18.82 23.04
C THR A 66 88.37 -19.31 23.84
N ASN A 67 88.59 -20.33 24.66
CA ASN A 67 87.54 -20.89 25.51
C ASN A 67 87.67 -20.45 26.97
N VAL A 68 88.53 -19.47 27.25
CA VAL A 68 88.73 -18.96 28.60
C VAL A 68 88.60 -17.45 28.56
N SER A 69 88.18 -16.88 29.69
CA SER A 69 88.00 -15.43 29.81
C SER A 69 89.22 -14.83 30.51
N TYR A 70 89.89 -13.92 29.82
CA TYR A 70 91.07 -13.26 30.37
C TYR A 70 91.27 -11.94 29.64
N CYS A 71 92.02 -11.04 30.28
CA CYS A 71 92.31 -9.73 29.72
C CYS A 71 93.81 -9.63 29.42
N GLY A 72 94.13 -9.21 28.21
CA GLY A 72 95.51 -9.06 27.76
C GLY A 72 96.15 -7.74 28.10
N VAL A 73 95.47 -6.87 28.85
CA VAL A 73 96.00 -5.56 29.21
C VAL A 73 96.48 -5.60 30.65
N LEU A 74 95.86 -6.44 31.47
CA LEU A 74 96.22 -6.50 32.89
C LEU A 74 97.57 -7.17 33.11
N ASP A 75 97.92 -8.15 32.28
CA ASP A 75 99.16 -8.88 32.48
C ASP A 75 100.37 -8.00 32.23
N GLU A 76 101.41 -8.20 33.03
CA GLU A 76 102.64 -7.42 32.94
C GLU A 76 103.64 -7.98 31.95
N GLU A 77 103.38 -9.15 31.39
CA GLU A 77 104.30 -9.80 30.46
C GLU A 77 104.04 -9.43 29.01
N CYS A 78 103.03 -8.61 28.74
CA CYS A 78 102.72 -8.23 27.36
C CYS A 78 103.83 -7.38 26.79
N PRO A 79 104.23 -7.59 25.53
CA PRO A 79 105.26 -6.74 24.93
C PRO A 79 104.85 -5.27 24.85
N VAL A 80 103.57 -4.99 24.66
CA VAL A 80 103.04 -3.63 24.65
C VAL A 80 101.98 -3.53 25.74
N GLN A 81 102.15 -2.56 26.63
CA GLN A 81 101.27 -2.39 27.78
C GLN A 81 100.19 -1.36 27.45
N GLY A 82 98.97 -1.64 27.90
CA GLY A 82 97.85 -0.75 27.69
C GLY A 82 97.05 -0.98 26.43
N SER A 83 97.45 -1.93 25.58
CA SER A 83 96.76 -2.21 24.34
C SER A 83 96.27 -3.66 24.28
N GLY A 84 95.90 -4.22 25.43
CA GLY A 84 95.44 -5.60 25.48
C GLY A 84 94.01 -5.76 24.98
N VAL A 85 93.64 -7.02 24.74
CA VAL A 85 92.32 -7.38 24.25
C VAL A 85 91.53 -8.00 25.39
N ASN A 86 90.29 -7.54 25.56
CA ASN A 86 89.43 -8.02 26.63
C ASN A 86 88.49 -9.11 26.09
N PHE A 87 89.12 -10.20 25.65
CA PHE A 87 88.37 -11.33 25.11
C PHE A 87 87.73 -12.12 26.25
N GLU A 88 86.66 -12.85 25.90
CA GLU A 88 85.94 -13.67 26.85
C GLU A 88 85.83 -15.10 26.33
N ALA A 89 85.02 -15.93 27.00
CA ALA A 89 84.84 -17.31 26.57
C ALA A 89 84.17 -17.35 25.20
N LYS A 90 84.58 -18.32 24.39
CA LYS A 90 84.05 -18.51 23.03
C LYS A 90 84.23 -17.24 22.18
N ASP A 91 85.49 -16.85 22.02
CA ASP A 91 85.85 -15.69 21.22
C ASP A 91 86.89 -16.08 20.18
N PHE A 92 86.96 -15.29 19.11
CA PHE A 92 87.79 -15.59 17.97
C PHE A 92 88.78 -14.45 17.72
N LEU A 93 90.01 -14.81 17.37
CA LEU A 93 91.04 -13.85 17.03
C LEU A 93 91.72 -14.29 15.73
N HIS A 94 92.28 -13.32 14.99
CA HIS A 94 92.91 -13.57 13.71
C HIS A 94 94.40 -13.27 13.82
N ILE A 95 95.22 -14.32 13.79
CA ILE A 95 96.67 -14.21 13.96
C ILE A 95 97.32 -14.13 12.58
N LYS A 96 98.20 -13.15 12.40
CA LYS A 96 98.82 -12.90 11.11
C LYS A 96 100.30 -13.28 11.04
N GLU A 97 101.08 -12.99 12.08
CA GLU A 97 102.52 -13.22 12.06
C GLU A 97 102.94 -13.95 13.33
N LYS A 98 104.25 -14.16 13.45
CA LYS A 98 104.85 -14.87 14.57
C LYS A 98 105.68 -13.91 15.40
N TYR A 99 105.57 -14.01 16.72
CA TYR A 99 106.35 -13.17 17.63
C TYR A 99 107.35 -13.98 18.44
N SER A 100 106.89 -14.97 19.19
CA SER A 100 107.73 -15.82 20.02
C SER A 100 106.87 -16.99 20.50
N ASN A 101 107.42 -17.80 21.40
CA ASN A 101 106.68 -18.88 22.02
C ASN A 101 105.88 -18.43 23.23
N ASP A 102 105.71 -17.12 23.42
CA ASP A 102 104.97 -16.56 24.55
C ASP A 102 103.78 -15.70 24.15
N TRP A 103 103.84 -15.02 23.02
CA TRP A 103 102.75 -14.14 22.61
C TRP A 103 102.61 -14.17 21.09
N TRP A 104 101.42 -13.78 20.62
CA TRP A 104 101.12 -13.68 19.21
C TRP A 104 100.46 -12.34 18.91
N ILE A 105 100.40 -12.01 17.63
CA ILE A 105 99.75 -10.80 17.16
C ILE A 105 98.42 -11.18 16.51
N GLY A 106 97.33 -10.61 17.02
CA GLY A 106 96.01 -10.95 16.52
C GLY A 106 95.14 -9.72 16.36
N ARG A 107 93.98 -9.94 15.73
CA ARG A 107 93.01 -8.88 15.47
C ARG A 107 91.64 -9.31 15.97
N LEU A 108 90.90 -8.35 16.52
CA LEU A 108 89.55 -8.63 16.99
C LEU A 108 88.60 -8.86 15.82
N VAL A 109 87.79 -9.92 15.93
CA VAL A 109 86.80 -10.21 14.90
C VAL A 109 85.70 -9.18 14.86
N LYS A 110 85.40 -8.52 15.98
CA LYS A 110 84.34 -7.53 16.02
C LYS A 110 84.68 -6.34 15.13
N GLU A 111 83.64 -5.66 14.67
CA GLU A 111 83.82 -4.53 13.76
C GLU A 111 84.59 -3.41 14.46
N GLY A 112 85.56 -2.84 13.75
CA GLY A 112 86.37 -1.77 14.29
C GLY A 112 87.48 -2.22 15.21
N GLY A 113 87.69 -3.52 15.35
CA GLY A 113 88.75 -4.02 16.21
C GLY A 113 90.14 -3.65 15.73
N ASP A 114 90.95 -3.09 16.61
CA ASP A 114 92.31 -2.68 16.28
C ASP A 114 93.28 -3.82 16.59
N ILE A 115 94.57 -3.53 16.59
CA ILE A 115 95.59 -4.54 16.80
C ILE A 115 95.70 -4.84 18.29
N ALA A 116 96.05 -6.09 18.61
CA ALA A 116 96.17 -6.51 20.00
C ALA A 116 97.10 -7.71 20.08
N PHE A 117 97.54 -8.02 21.30
CA PHE A 117 98.40 -9.16 21.57
C PHE A 117 97.59 -10.25 22.29
N ILE A 118 97.77 -11.48 21.85
CA ILE A 118 97.07 -12.64 22.41
C ILE A 118 98.13 -13.66 22.84
N PRO A 119 98.10 -14.16 24.06
CA PRO A 119 99.17 -15.04 24.54
C PRO A 119 99.23 -16.35 23.80
N SER A 120 100.42 -16.95 23.83
CA SER A 120 100.63 -18.27 23.27
C SER A 120 99.97 -19.32 24.16
N PRO A 121 99.72 -20.53 23.62
CA PRO A 121 99.13 -21.59 24.47
C PRO A 121 99.95 -21.88 25.72
N GLN A 122 101.28 -21.83 25.63
CA GLN A 122 102.11 -22.00 26.82
C GLN A 122 101.87 -20.86 27.81
N ARG A 123 101.79 -19.63 27.32
CA ARG A 123 101.53 -18.50 28.21
C ARG A 123 100.13 -18.57 28.80
N LEU A 124 99.15 -19.03 28.01
CA LEU A 124 97.80 -19.21 28.54
C LEU A 124 97.76 -20.27 29.62
N GLU A 125 98.50 -21.37 29.43
CA GLU A 125 98.60 -22.38 30.48
C GLU A 125 99.28 -21.83 31.73
N SER A 126 100.32 -21.01 31.54
CA SER A 126 101.00 -20.40 32.68
C SER A 126 100.05 -19.48 33.46
N ILE A 127 99.27 -18.68 32.75
CA ILE A 127 98.34 -17.78 33.44
C ILE A 127 97.20 -18.56 34.07
N ARG A 128 96.79 -19.68 33.48
CA ARG A 128 95.79 -20.53 34.10
C ARG A 128 96.32 -21.12 35.41
N LEU A 129 97.57 -21.56 35.41
CA LEU A 129 98.19 -22.04 36.64
C LEU A 129 98.29 -20.92 37.68
N LYS A 130 98.65 -19.72 37.23
CA LYS A 130 98.73 -18.57 38.13
C LYS A 130 97.38 -18.16 38.68
N GLN A 131 96.29 -18.47 37.97
CA GLN A 131 94.96 -18.06 38.42
C GLN A 131 94.61 -18.72 39.75
N GLU A 132 94.92 -20.01 39.90
CA GLU A 132 94.54 -20.77 41.09
C GLU A 132 95.65 -20.88 42.14
N GLN A 133 96.79 -20.24 41.90
CA GLN A 133 97.87 -20.27 42.88
C GLN A 133 97.69 -19.24 43.99
N LYS A 134 96.78 -18.28 43.81
CA LYS A 134 96.53 -17.29 44.85
C LYS A 134 95.72 -17.86 46.01
N ALA A 135 95.10 -19.02 45.83
CA ALA A 135 94.36 -19.65 46.91
C ALA A 135 95.31 -20.18 47.98
N ARG A 136 94.72 -20.52 49.13
CA ARG A 136 95.53 -21.02 50.25
C ARG A 136 96.21 -22.33 49.90
N ARG A 137 95.49 -23.25 49.24
CA ARG A 137 96.03 -24.54 48.85
C ARG A 137 95.43 -24.93 47.50
N SER A 138 96.14 -25.82 46.80
CA SER A 138 95.68 -26.31 45.51
C SER A 138 95.65 -27.84 45.50
N GLY A 139 96.49 -28.47 46.30
CA GLY A 139 96.58 -29.91 46.37
C GLY A 139 95.63 -30.52 47.36
N ASN A 140 96.04 -31.65 47.94
CA ASN A 140 95.23 -32.37 48.92
C ASN A 140 95.16 -31.74 50.32
N PRO A 141 96.22 -31.10 50.87
CA PRO A 141 96.19 -30.77 52.30
C PRO A 141 95.34 -29.53 52.55
N SER A 142 94.20 -29.72 53.20
CA SER A 142 93.29 -28.62 53.49
C SER A 142 93.87 -27.71 54.57
N SER A 143 93.40 -26.47 54.59
CA SER A 143 93.85 -25.46 55.54
C SER A 143 92.85 -25.28 56.68
N LEU A 144 92.20 -26.36 57.10
CA LEU A 144 91.15 -26.29 58.13
C LEU A 144 91.80 -26.34 59.51
N SER A 145 92.52 -25.25 59.82
CA SER A 145 93.17 -25.06 61.13
C SER A 145 94.12 -26.21 61.46
N ASP A 146 94.86 -26.67 60.45
CA ASP A 146 95.88 -27.72 60.61
C ASP A 146 97.14 -27.26 59.89
N ILE A 147 97.99 -26.52 60.60
CA ILE A 147 99.26 -26.02 60.06
C ILE A 147 100.37 -26.41 61.01
N GLY A 148 101.46 -26.95 60.46
CA GLY A 148 102.62 -27.32 61.24
C GLY A 148 102.74 -28.79 61.54
N ASN A 149 101.70 -29.58 61.31
CA ASN A 149 101.73 -31.02 61.57
C ASN A 149 102.01 -31.82 60.30
N ARG A 150 101.19 -31.64 59.27
CA ARG A 150 101.35 -32.33 58.00
C ARG A 150 101.76 -31.29 56.96
N ARG A 151 103.07 -31.21 56.69
CA ARG A 151 103.56 -30.26 55.68
C ARG A 151 103.02 -30.61 54.30
N SER A 152 103.04 -31.89 53.94
CA SER A 152 102.44 -32.42 52.71
C SER A 152 102.91 -31.65 51.48
N PRO A 153 104.15 -31.87 51.03
CA PRO A 153 104.63 -31.18 49.83
C PRO A 153 103.79 -31.54 48.62
N PRO A 154 103.59 -30.60 47.70
CA PRO A 154 102.71 -30.86 46.54
C PRO A 154 103.29 -31.94 45.64
N PRO A 155 102.55 -33.03 45.42
CA PRO A 155 103.03 -34.07 44.51
C PRO A 155 102.70 -33.75 43.05
N SER A 156 102.97 -34.70 42.15
CA SER A 156 102.63 -34.51 40.75
C SER A 156 101.13 -34.36 40.54
N LEU A 157 100.32 -34.95 41.44
CA LEU A 157 98.88 -34.81 41.34
C LEU A 157 98.41 -33.38 41.54
N ALA A 158 99.18 -32.56 42.25
CA ALA A 158 98.85 -31.16 42.45
C ALA A 158 99.24 -30.27 41.28
N LYS A 159 100.04 -30.79 40.34
CA LYS A 159 100.48 -30.03 39.18
C LYS A 159 99.62 -30.38 37.97
N GLN A 160 99.99 -29.82 36.82
CA GLN A 160 99.28 -30.06 35.58
C GLN A 160 99.74 -31.33 34.85
N LYS A 161 100.74 -32.02 35.39
CA LYS A 161 101.17 -33.29 34.78
C LYS A 161 100.05 -34.31 34.81
N GLN A 162 99.30 -34.36 35.91
CA GLN A 162 98.15 -35.24 36.03
C GLN A 162 96.95 -34.59 35.32
N LYS A 163 95.75 -35.13 35.55
CA LYS A 163 94.52 -34.62 34.94
C LYS A 163 94.61 -34.63 33.42
N GLN A 164 95.19 -35.71 32.87
CA GLN A 164 95.36 -35.86 31.43
C GLN A 164 94.32 -36.79 30.81
N ALA A 165 93.27 -37.14 31.57
CA ALA A 165 92.24 -38.02 31.02
C ALA A 165 91.53 -37.41 29.83
N GLU A 166 91.20 -36.12 29.91
CA GLU A 166 90.59 -35.39 28.81
C GLU A 166 91.55 -34.37 28.21
N HIS A 167 92.07 -33.46 29.04
CA HIS A 167 93.05 -32.46 28.62
C HIS A 167 92.52 -31.61 27.45
N VAL A 168 91.45 -30.87 27.75
CA VAL A 168 90.84 -29.97 26.78
C VAL A 168 91.84 -28.89 26.43
N PRO A 169 92.20 -28.70 25.16
CA PRO A 169 93.24 -27.73 24.81
C PRO A 169 92.75 -26.30 25.03
N PRO A 170 93.57 -25.47 25.67
CA PRO A 170 93.18 -24.06 25.84
C PRO A 170 93.02 -23.32 24.52
N TYR A 171 93.76 -23.71 23.49
CA TYR A 171 93.67 -23.11 22.17
C TYR A 171 93.40 -24.20 21.15
N ASP A 172 92.40 -23.99 20.30
CA ASP A 172 91.98 -24.96 19.30
C ASP A 172 92.20 -24.39 17.91
N VAL A 173 92.70 -25.24 17.01
CA VAL A 173 92.93 -24.83 15.63
C VAL A 173 91.61 -24.87 14.89
N VAL A 174 90.91 -23.75 14.85
CA VAL A 174 89.59 -23.65 14.22
C VAL A 174 89.75 -22.94 12.88
N PRO A 175 88.83 -23.14 11.93
CA PRO A 175 88.93 -22.43 10.65
C PRO A 175 88.83 -20.92 10.86
N SER A 176 89.47 -20.18 9.96
CA SER A 176 89.51 -18.72 10.09
C SER A 176 88.11 -18.13 10.07
N MET A 177 87.24 -18.62 9.19
CA MET A 177 85.85 -18.21 9.14
C MET A 177 84.96 -19.38 9.55
N ARG A 178 83.87 -19.05 10.23
CA ARG A 178 82.90 -20.07 10.61
C ARG A 178 81.99 -20.37 9.43
N PRO A 179 81.91 -21.63 8.98
CA PRO A 179 81.10 -21.93 7.79
C PRO A 179 79.62 -21.75 8.06
N VAL A 180 78.88 -21.44 7.01
CA VAL A 180 77.44 -21.19 7.08
C VAL A 180 76.71 -22.47 6.71
N VAL A 181 75.84 -22.94 7.59
CA VAL A 181 75.01 -24.11 7.34
C VAL A 181 73.57 -23.77 7.67
N LEU A 182 72.63 -24.41 6.99
CA LEU A 182 71.21 -24.24 7.22
C LEU A 182 70.64 -25.50 7.85
N VAL A 183 69.81 -25.33 8.87
CA VAL A 183 69.23 -26.44 9.61
C VAL A 183 67.72 -26.28 9.66
N GLY A 184 67.01 -27.39 9.58
CA GLY A 184 65.57 -27.40 9.66
C GLY A 184 64.92 -26.98 8.35
N PRO A 185 63.57 -26.98 8.33
CA PRO A 185 62.73 -27.42 9.45
C PRO A 185 62.39 -28.91 9.37
N SER A 186 62.94 -29.60 8.39
CA SER A 186 62.71 -31.04 8.21
C SER A 186 64.05 -31.70 7.90
N LEU A 187 63.99 -32.98 7.55
CA LEU A 187 65.22 -33.73 7.29
C LEU A 187 65.91 -33.20 6.04
N LYS A 188 67.24 -33.22 6.05
CA LYS A 188 68.01 -32.85 4.88
C LYS A 188 67.88 -33.93 3.81
N GLY A 189 67.90 -33.49 2.55
CA GLY A 189 67.73 -34.38 1.42
C GLY A 189 66.31 -34.63 1.00
N TYR A 190 65.33 -34.09 1.72
CA TYR A 190 63.93 -34.23 1.38
C TYR A 190 63.37 -32.91 0.87
N GLU A 191 62.18 -33.00 0.26
CA GLU A 191 61.70 -31.92 -0.60
C GLU A 191 61.58 -30.59 0.14
N VAL A 192 60.88 -30.58 1.28
CA VAL A 192 60.55 -29.30 1.92
C VAL A 192 61.82 -28.54 2.28
N THR A 193 62.74 -29.20 2.98
CA THR A 193 64.01 -28.58 3.32
C THR A 193 64.82 -28.26 2.06
N ASP A 194 64.72 -29.12 1.05
CA ASP A 194 65.49 -28.89 -0.18
C ASP A 194 65.11 -27.57 -0.83
N MET A 195 63.81 -27.33 -1.05
CA MET A 195 63.40 -26.04 -1.60
C MET A 195 63.69 -24.90 -0.63
N MET A 196 63.35 -25.08 0.65
CA MET A 196 63.41 -23.96 1.58
C MET A 196 64.85 -23.53 1.86
N GLN A 197 65.83 -24.39 1.58
CA GLN A 197 67.23 -24.02 1.66
C GLN A 197 67.83 -23.64 0.31
N LYS A 198 67.39 -24.27 -0.78
CA LYS A 198 67.90 -23.95 -2.10
C LYS A 198 67.52 -22.54 -2.53
N ALA A 199 66.34 -22.07 -2.13
CA ALA A 199 65.98 -20.68 -2.42
C ALA A 199 66.99 -19.72 -1.82
N LEU A 200 67.31 -19.91 -0.54
CA LEU A 200 68.26 -19.02 0.13
C LEU A 200 69.67 -19.19 -0.43
N PHE A 201 70.05 -20.42 -0.79
CA PHE A 201 71.36 -20.63 -1.40
C PHE A 201 71.47 -19.90 -2.74
N ASP A 202 70.42 -19.98 -3.57
CA ASP A 202 70.43 -19.29 -4.86
C ASP A 202 70.45 -17.78 -4.66
N PHE A 203 69.69 -17.28 -3.67
CA PHE A 203 69.73 -15.85 -3.38
C PHE A 203 71.12 -15.40 -2.97
N LEU A 204 71.78 -16.16 -2.10
CA LEU A 204 73.12 -15.81 -1.66
C LEU A 204 74.12 -15.85 -2.82
N LYS A 205 74.01 -16.87 -3.67
CA LYS A 205 74.89 -16.96 -4.83
C LYS A 205 74.69 -15.79 -5.78
N HIS A 206 73.42 -15.40 -6.00
CA HIS A 206 73.15 -14.30 -6.91
C HIS A 206 73.62 -12.97 -6.35
N ARG A 207 73.38 -12.73 -5.05
CA ARG A 207 73.74 -11.45 -4.46
C ARG A 207 75.23 -11.33 -4.17
N PHE A 208 75.91 -12.44 -3.86
CA PHE A 208 77.33 -12.44 -3.56
C PHE A 208 78.16 -12.99 -4.70
N ASP A 209 77.76 -12.70 -5.95
CA ASP A 209 78.48 -13.21 -7.10
C ASP A 209 79.88 -12.63 -7.15
N GLY A 210 80.87 -13.50 -7.39
CA GLY A 210 82.25 -13.10 -7.50
C GLY A 210 83.02 -13.03 -6.20
N ARG A 211 82.36 -13.24 -5.06
CA ARG A 211 83.03 -13.18 -3.76
C ARG A 211 82.70 -14.35 -2.86
N ILE A 212 81.86 -15.30 -3.29
CA ILE A 212 81.45 -16.43 -2.47
C ILE A 212 81.59 -17.70 -3.30
N SER A 213 81.73 -18.82 -2.60
CA SER A 213 81.81 -20.13 -3.24
C SER A 213 80.83 -21.08 -2.57
N ILE A 214 80.21 -21.95 -3.36
CA ILE A 214 79.23 -22.91 -2.89
C ILE A 214 79.72 -24.31 -3.20
N THR A 215 79.78 -25.16 -2.19
CA THR A 215 80.23 -26.54 -2.34
C THR A 215 79.33 -27.46 -1.54
N ARG A 216 79.24 -28.71 -1.99
CA ARG A 216 78.44 -29.73 -1.34
C ARG A 216 79.37 -30.81 -0.78
N VAL A 217 79.19 -31.13 0.49
CA VAL A 217 80.02 -32.11 1.18
C VAL A 217 79.23 -33.41 1.23
N THR A 218 79.46 -34.29 0.26
CA THR A 218 78.78 -35.59 0.25
C THR A 218 79.20 -36.44 1.44
N ALA A 219 80.49 -36.40 1.80
CA ALA A 219 80.98 -37.18 2.91
C ALA A 219 80.44 -36.68 4.24
N ASP A 220 80.42 -37.55 5.23
CA ASP A 220 79.93 -37.20 6.55
C ASP A 220 80.85 -36.17 7.21
N LEU A 221 80.27 -35.39 8.11
CA LEU A 221 81.00 -34.35 8.83
C LEU A 221 80.74 -34.36 10.33
N SER A 222 79.87 -35.23 10.82
CA SER A 222 79.51 -35.25 12.23
C SER A 222 80.57 -35.91 13.10
N LEU A 223 81.49 -36.67 12.51
CA LEU A 223 82.54 -37.35 13.26
C LEU A 223 83.85 -36.56 13.26
N ALA A 224 83.78 -35.23 13.24
CA ALA A 224 84.95 -34.37 13.20
C ALA A 224 85.58 -34.34 14.59
N LYS A 225 86.25 -35.43 14.93
CA LYS A 225 86.93 -35.57 16.21
C LYS A 225 88.41 -35.24 16.07
N ARG A 226 89.06 -35.01 17.21
CA ARG A 226 90.45 -34.58 17.25
C ARG A 226 91.34 -35.36 18.18
N SER A 227 90.79 -36.06 19.18
CA SER A 227 91.59 -36.78 20.17
C SER A 227 91.17 -38.24 20.25
N VAL A 228 91.01 -38.87 19.09
CA VAL A 228 90.66 -40.28 19.03
C VAL A 228 91.90 -41.16 19.07
N LEU A 229 92.86 -40.91 18.19
CA LEU A 229 94.07 -41.71 18.11
C LEU A 229 95.14 -40.89 17.42
N ASN A 230 96.40 -41.35 17.55
CA ASN A 230 97.52 -40.64 16.95
C ASN A 230 97.39 -40.58 15.43
N ASN A 231 96.99 -41.68 14.80
CA ASN A 231 96.80 -41.72 13.35
C ASN A 231 95.84 -42.85 12.99
N PRO A 232 94.53 -42.62 13.07
CA PRO A 232 93.56 -43.67 12.75
C PRO A 232 93.49 -43.96 11.25
N GLY A 233 94.02 -45.10 10.83
CA GLY A 233 93.96 -45.50 9.44
C GLY A 233 94.83 -44.65 8.54
N LYS A 234 96.14 -44.66 8.78
CA LYS A 234 97.05 -43.87 7.95
C LYS A 234 97.08 -44.37 6.51
N ARG A 235 97.05 -45.69 6.33
CA ARG A 235 97.07 -46.31 5.00
C ARG A 235 95.83 -47.17 4.83
N THR A 236 95.30 -47.17 3.60
CA THR A 236 94.08 -47.90 3.28
C THR A 236 94.34 -49.34 2.84
N ILE A 237 95.60 -49.75 2.72
CA ILE A 237 95.92 -51.12 2.30
C ILE A 237 96.11 -52.06 3.48
N ILE A 238 96.12 -51.56 4.71
CA ILE A 238 96.28 -52.42 5.88
C ILE A 238 95.08 -53.33 6.06
N GLU A 239 93.93 -52.98 5.48
CA GLU A 239 92.71 -53.79 5.56
C GLU A 239 92.28 -53.99 7.01
N ARG A 240 92.43 -52.95 7.82
CA ARG A 240 91.96 -52.98 9.20
C ARG A 240 90.47 -52.69 9.26
N SER A 241 89.93 -52.64 10.48
CA SER A 241 88.51 -52.36 10.64
C SER A 241 88.16 -50.94 10.16
N SER A 242 88.99 -49.96 10.51
CA SER A 242 88.75 -48.58 10.12
C SER A 242 89.46 -48.18 8.83
N ALA A 243 90.32 -49.05 8.29
CA ALA A 243 91.03 -48.72 7.06
C ALA A 243 90.07 -48.60 5.88
N ARG A 244 89.10 -49.51 5.78
CA ARG A 244 88.15 -49.53 4.69
C ARG A 244 86.94 -48.64 4.92
N SER A 245 86.86 -47.97 6.07
CA SER A 245 85.73 -47.13 6.38
C SER A 245 85.87 -45.77 5.69
N SER A 246 84.97 -44.84 6.01
CA SER A 246 84.94 -43.53 5.38
C SER A 246 85.55 -42.45 6.26
N ILE A 247 86.29 -42.84 7.30
CA ILE A 247 86.90 -41.84 8.19
C ILE A 247 87.95 -41.03 7.44
N ALA A 248 88.66 -41.66 6.50
CA ALA A 248 89.67 -40.95 5.73
C ALA A 248 89.05 -39.85 4.89
N GLU A 249 87.90 -40.13 4.26
CA GLU A 249 87.21 -39.10 3.48
C GLU A 249 86.72 -37.98 4.38
N VAL A 250 86.22 -38.31 5.57
CA VAL A 250 85.77 -37.29 6.51
C VAL A 250 86.92 -36.37 6.90
N GLN A 251 88.07 -36.96 7.24
CA GLN A 251 89.23 -36.15 7.60
C GLN A 251 89.69 -35.29 6.42
N SER A 252 89.74 -35.87 5.22
CA SER A 252 90.19 -35.11 4.06
C SER A 252 89.27 -33.93 3.80
N GLU A 253 87.96 -34.13 3.92
CA GLU A 253 87.03 -33.02 3.81
C GLU A 253 87.22 -32.02 4.94
N ILE A 254 87.66 -32.47 6.12
CA ILE A 254 87.93 -31.53 7.21
C ILE A 254 89.07 -30.59 6.85
N GLU A 255 90.20 -31.14 6.38
CA GLU A 255 91.27 -30.24 5.96
C GLU A 255 90.89 -29.45 4.71
N ARG A 256 90.02 -29.99 3.86
CA ARG A 256 89.54 -29.21 2.71
C ARG A 256 88.77 -27.98 3.17
N ILE A 257 87.90 -28.16 4.16
CA ILE A 257 87.16 -27.03 4.72
C ILE A 257 88.12 -26.05 5.39
N PHE A 258 89.12 -26.58 6.09
CA PHE A 258 90.09 -25.71 6.76
C PHE A 258 90.84 -24.84 5.75
N GLU A 259 91.37 -25.44 4.69
CA GLU A 259 92.11 -24.66 3.70
C GLU A 259 91.19 -23.74 2.90
N LEU A 260 89.93 -24.13 2.70
CA LEU A 260 88.99 -23.24 2.04
C LEU A 260 88.70 -22.01 2.90
N ALA A 261 88.57 -22.21 4.22
CA ALA A 261 88.38 -21.08 5.12
C ALA A 261 89.64 -20.24 5.25
N LYS A 262 90.81 -20.84 5.01
CA LYS A 262 92.04 -20.06 5.00
C LYS A 262 92.04 -19.02 3.89
N SER A 263 91.32 -19.29 2.80
CA SER A 263 91.28 -18.39 1.65
C SER A 263 90.53 -17.09 1.95
N LEU A 264 89.85 -17.01 3.10
CA LEU A 264 89.17 -15.80 3.57
C LEU A 264 87.91 -15.52 2.77
N GLN A 265 87.67 -16.30 1.72
CA GLN A 265 86.43 -16.20 0.96
C GLN A 265 85.32 -16.94 1.68
N LEU A 266 84.13 -16.33 1.71
CA LEU A 266 82.99 -16.96 2.35
C LEU A 266 82.56 -18.20 1.57
N VAL A 267 82.27 -19.27 2.30
CA VAL A 267 81.83 -20.53 1.71
C VAL A 267 80.72 -21.10 2.57
N VAL A 268 79.63 -21.50 1.93
CA VAL A 268 78.52 -22.15 2.62
C VAL A 268 78.58 -23.64 2.31
N LEU A 269 77.96 -24.43 3.19
CA LEU A 269 77.99 -25.88 3.09
C LEU A 269 76.60 -26.39 2.73
N ASP A 270 76.54 -27.27 1.73
CA ASP A 270 75.31 -27.90 1.30
C ASP A 270 75.21 -29.35 1.73
N ALA A 271 76.03 -29.76 2.70
CA ALA A 271 76.04 -31.14 3.15
C ALA A 271 74.69 -31.52 3.77
N ASP A 272 74.21 -32.71 3.42
CA ASP A 272 72.92 -33.22 3.88
C ASP A 272 73.10 -34.33 4.91
N THR A 273 74.11 -34.20 5.77
CA THR A 273 74.39 -35.19 6.81
C THR A 273 74.39 -34.56 8.20
N ILE A 274 73.76 -33.41 8.37
CA ILE A 274 73.66 -32.73 9.65
C ILE A 274 72.19 -32.48 9.96
N ASN A 275 71.74 -32.86 11.15
CA ASN A 275 70.34 -32.70 11.50
C ASN A 275 70.11 -32.24 12.93
N HIS A 276 71.16 -31.81 13.65
CA HIS A 276 70.97 -31.38 15.03
C HIS A 276 72.12 -30.45 15.40
N PRO A 277 71.86 -29.36 16.14
CA PRO A 277 72.95 -28.47 16.52
C PRO A 277 74.02 -29.13 17.37
N ALA A 278 73.65 -30.09 18.21
CA ALA A 278 74.60 -30.72 19.12
C ALA A 278 75.50 -31.73 18.44
N GLN A 279 75.16 -32.17 17.23
CA GLN A 279 76.00 -33.16 16.53
C GLN A 279 77.38 -32.59 16.23
N LEU A 280 77.44 -31.34 15.77
CA LEU A 280 78.70 -30.71 15.39
C LEU A 280 79.06 -29.53 16.28
N ALA A 281 78.39 -29.38 17.43
CA ALA A 281 78.71 -28.27 18.32
C ALA A 281 80.03 -28.48 19.04
N LYS A 282 80.36 -29.74 19.36
CA LYS A 282 81.59 -30.07 20.07
C LYS A 282 82.76 -30.36 19.15
N THR A 283 82.54 -30.31 17.83
CA THR A 283 83.61 -30.58 16.88
C THR A 283 84.47 -29.33 16.68
N SER A 284 85.50 -29.46 15.85
CA SER A 284 86.41 -28.34 15.61
C SER A 284 85.79 -27.27 14.72
N LEU A 285 84.98 -27.67 13.74
CA LEU A 285 84.43 -26.71 12.80
C LEU A 285 83.46 -25.74 13.48
N ALA A 286 82.49 -26.28 14.22
CA ALA A 286 81.46 -25.50 14.90
C ALA A 286 80.83 -24.46 13.97
N PRO A 287 80.13 -24.89 12.93
CA PRO A 287 79.64 -23.93 11.93
C PRO A 287 78.55 -23.04 12.48
N ILE A 288 78.36 -21.90 11.80
CA ILE A 288 77.28 -20.98 12.14
C ILE A 288 75.96 -21.67 11.82
N ILE A 289 75.20 -22.02 12.86
CA ILE A 289 73.95 -22.73 12.69
C ILE A 289 72.85 -21.72 12.40
N VAL A 290 72.23 -21.83 11.23
CA VAL A 290 71.14 -20.96 10.81
C VAL A 290 69.86 -21.76 10.92
N PHE A 291 68.99 -21.39 11.85
CA PHE A 291 67.79 -22.15 12.18
C PHE A 291 66.57 -21.43 11.61
N VAL A 292 65.81 -22.15 10.78
CA VAL A 292 64.53 -21.66 10.27
C VAL A 292 63.42 -22.43 10.97
N LYS A 293 62.38 -21.70 11.38
CA LYS A 293 61.32 -22.27 12.22
C LYS A 293 59.96 -21.92 11.67
N VAL A 294 58.98 -22.74 12.05
CA VAL A 294 57.58 -22.53 11.71
C VAL A 294 56.80 -22.36 13.00
N SER A 295 55.77 -21.52 12.95
CA SER A 295 55.03 -21.17 14.16
C SER A 295 54.39 -22.39 14.82
N SER A 296 53.76 -23.25 14.01
CA SER A 296 53.11 -24.44 14.53
C SER A 296 53.32 -25.59 13.56
N PRO A 297 53.31 -26.83 14.06
CA PRO A 297 53.39 -27.99 13.15
C PRO A 297 52.21 -28.07 12.18
N LYS A 298 51.09 -27.42 12.48
CA LYS A 298 49.93 -27.49 11.59
C LYS A 298 50.23 -26.84 10.23
N VAL A 299 50.97 -25.73 10.24
CA VAL A 299 51.33 -25.08 8.99
C VAL A 299 52.20 -26.00 8.14
N LEU A 300 53.18 -26.65 8.76
CA LEU A 300 54.01 -27.60 8.02
C LEU A 300 53.18 -28.78 7.53
N GLN A 301 52.24 -29.26 8.34
CA GLN A 301 51.39 -30.36 7.92
C GLN A 301 50.61 -29.99 6.67
N ARG A 302 50.07 -28.76 6.63
CA ARG A 302 49.40 -28.30 5.43
C ARG A 302 50.37 -28.13 4.27
N LEU A 303 51.62 -27.75 4.55
CA LEU A 303 52.61 -27.60 3.49
C LEU A 303 52.91 -28.92 2.80
N ILE A 304 53.24 -29.95 3.59
CA ILE A 304 53.41 -31.29 3.00
C ILE A 304 52.10 -31.81 2.42
N ARG A 305 50.96 -31.39 2.96
CA ARG A 305 49.69 -31.75 2.34
C ARG A 305 49.59 -31.22 0.91
N SER A 306 50.22 -30.07 0.64
CA SER A 306 50.22 -29.51 -0.71
C SER A 306 51.28 -30.10 -1.62
N ARG A 307 52.23 -30.88 -1.07
CA ARG A 307 53.29 -31.45 -1.90
C ARG A 307 52.82 -32.71 -2.61
N GLY A 308 52.48 -33.74 -1.86
CA GLY A 308 52.05 -34.99 -2.44
C GLY A 308 52.16 -36.13 -1.45
N LYS A 309 51.91 -37.33 -1.95
CA LYS A 309 51.92 -38.53 -1.11
C LYS A 309 53.33 -38.98 -0.77
N SER A 310 54.31 -38.70 -1.64
CA SER A 310 55.68 -39.13 -1.38
C SER A 310 56.22 -38.49 -0.10
N GLN A 311 55.97 -37.20 0.08
CA GLN A 311 56.31 -36.54 1.33
C GLN A 311 55.33 -36.87 2.45
N MET A 312 54.09 -37.23 2.11
CA MET A 312 53.14 -37.68 3.12
C MET A 312 53.61 -38.95 3.81
N LYS A 313 54.34 -39.80 3.09
CA LYS A 313 54.85 -41.03 3.69
C LYS A 313 55.83 -40.74 4.82
N HIS A 314 56.70 -39.74 4.63
CA HIS A 314 57.69 -39.36 5.63
C HIS A 314 57.24 -38.17 6.47
N LEU A 315 55.98 -37.76 6.33
CA LEU A 315 55.43 -36.70 7.17
C LEU A 315 55.66 -36.97 8.65
N THR A 316 55.46 -38.22 9.09
CA THR A 316 55.59 -38.53 10.51
C THR A 316 57.02 -38.31 11.00
N VAL A 317 58.01 -38.84 10.27
CA VAL A 317 59.39 -38.67 10.70
C VAL A 317 59.83 -37.21 10.60
N GLN A 318 59.33 -36.49 9.59
CA GLN A 318 59.67 -35.07 9.48
C GLN A 318 59.10 -34.27 10.65
N MET A 319 57.86 -34.57 11.05
CA MET A 319 57.28 -33.91 12.21
C MET A 319 58.05 -34.25 13.48
N MET A 320 58.44 -35.51 13.63
CA MET A 320 59.21 -35.91 14.81
C MET A 320 60.53 -35.16 14.88
N ALA A 321 61.24 -35.08 13.74
CA ALA A 321 62.51 -34.38 13.72
C ALA A 321 62.34 -32.88 13.95
N TYR A 322 61.29 -32.29 13.37
CA TYR A 322 61.03 -30.86 13.60
C TYR A 322 60.74 -30.59 15.07
N ASP A 323 59.96 -31.46 15.72
CA ASP A 323 59.68 -31.29 17.14
C ASP A 323 60.95 -31.42 17.96
N LYS A 324 61.79 -32.43 17.65
CA LYS A 324 63.04 -32.59 18.38
C LYS A 324 63.96 -31.39 18.19
N LEU A 325 64.03 -30.86 16.96
CA LEU A 325 64.90 -29.73 16.69
C LEU A 325 64.38 -28.46 17.36
N VAL A 326 63.06 -28.29 17.45
CA VAL A 326 62.51 -27.08 18.05
C VAL A 326 62.49 -27.16 19.57
N GLN A 327 62.56 -28.36 20.16
CA GLN A 327 62.68 -28.45 21.61
C GLN A 327 63.98 -27.81 22.11
N CYS A 328 65.00 -27.75 21.26
CA CYS A 328 66.27 -27.18 21.66
C CYS A 328 66.14 -25.67 21.86
N PRO A 329 66.64 -25.12 22.97
CA PRO A 329 66.63 -23.68 23.16
C PRO A 329 67.31 -22.96 22.02
N PRO A 330 66.86 -21.75 21.69
CA PRO A 330 67.43 -21.04 20.53
C PRO A 330 68.91 -20.69 20.66
N GLU A 331 69.44 -20.55 21.88
CA GLU A 331 70.82 -20.07 22.03
C GLU A 331 71.83 -21.05 21.47
N SER A 332 71.48 -22.33 21.34
CA SER A 332 72.39 -23.28 20.70
C SER A 332 72.64 -22.89 19.24
N PHE A 333 71.58 -22.50 18.53
CA PHE A 333 71.74 -22.00 17.17
C PHE A 333 72.31 -20.59 17.19
N ASP A 334 73.02 -20.24 16.11
CA ASP A 334 73.66 -18.93 16.06
C ASP A 334 72.65 -17.83 15.72
N VAL A 335 71.84 -18.05 14.69
CA VAL A 335 70.84 -17.07 14.28
C VAL A 335 69.50 -17.77 14.13
N ILE A 336 68.43 -16.99 14.16
CA ILE A 336 67.07 -17.51 14.09
C ILE A 336 66.32 -16.80 12.96
N LEU A 337 65.40 -17.53 12.33
CA LEU A 337 64.62 -17.04 11.20
C LEU A 337 63.16 -17.46 11.41
N ASP A 338 62.39 -16.59 12.04
CA ASP A 338 60.96 -16.82 12.24
C ASP A 338 60.11 -16.21 11.14
N GLU A 339 60.73 -15.55 10.15
CA GLU A 339 59.97 -14.85 9.12
C GLU A 339 59.21 -15.85 8.24
N ASN A 340 57.94 -15.54 7.98
CA ASN A 340 57.11 -16.37 7.12
C ASN A 340 57.44 -16.16 5.65
N GLN A 341 57.80 -14.95 5.26
CA GLN A 341 58.01 -14.61 3.86
C GLN A 341 59.47 -14.82 3.46
N LEU A 342 59.67 -15.16 2.18
CA LEU A 342 61.00 -15.46 1.67
C LEU A 342 61.93 -14.26 1.80
N GLU A 343 61.44 -13.07 1.42
CA GLU A 343 62.26 -11.87 1.43
C GLU A 343 62.84 -11.60 2.81
N ASP A 344 62.00 -11.38 3.82
CA ASP A 344 62.49 -10.97 5.13
C ASP A 344 63.63 -11.86 5.61
N ALA A 345 63.45 -13.18 5.51
CA ALA A 345 64.51 -14.11 5.93
C ALA A 345 65.75 -13.95 5.07
N CYS A 346 65.59 -13.86 3.74
CA CYS A 346 66.75 -13.79 2.86
C CYS A 346 67.55 -12.53 3.10
N GLU A 347 66.89 -11.37 3.08
CA GLU A 347 67.60 -10.12 3.38
C GLU A 347 68.15 -10.09 4.80
N HIS A 348 67.49 -10.72 5.78
CA HIS A 348 68.02 -10.72 7.13
C HIS A 348 69.34 -11.47 7.20
N LEU A 349 69.38 -12.69 6.66
CA LEU A 349 70.66 -13.39 6.56
C LEU A 349 71.63 -12.59 5.71
N ALA A 350 71.12 -11.77 4.79
CA ALA A 350 72.00 -10.94 3.97
C ALA A 350 72.74 -9.90 4.82
N GLU A 351 72.04 -9.14 5.66
CA GLU A 351 72.83 -8.17 6.43
C GLU A 351 73.66 -8.87 7.49
N TYR A 352 73.20 -10.03 7.99
CA TYR A 352 74.04 -10.75 8.95
C TYR A 352 75.36 -11.19 8.32
N LEU A 353 75.30 -11.75 7.11
CA LEU A 353 76.52 -12.14 6.42
C LEU A 353 77.36 -10.92 6.04
N GLU A 354 76.71 -9.82 5.67
CA GLU A 354 77.44 -8.61 5.32
C GLU A 354 78.21 -8.06 6.52
N VAL A 355 77.57 -8.01 7.70
CA VAL A 355 78.26 -7.50 8.88
C VAL A 355 79.32 -8.49 9.36
N TYR A 356 79.09 -9.79 9.17
CA TYR A 356 80.14 -10.76 9.48
C TYR A 356 81.36 -10.55 8.59
N TRP A 357 81.15 -10.30 7.30
CA TRP A 357 82.26 -10.01 6.40
C TRP A 357 82.95 -8.71 6.76
N ARG A 358 82.18 -7.66 7.06
CA ARG A 358 82.75 -6.36 7.34
C ARG A 358 83.54 -6.35 8.65
N ALA A 359 83.00 -7.01 9.68
CA ALA A 359 83.67 -7.03 10.97
C ALA A 359 85.00 -7.78 10.91
N THR A 360 85.09 -8.82 10.10
CA THR A 360 86.31 -9.58 9.96
C THR A 360 87.44 -8.77 9.35
N HIS A 361 87.13 -7.75 8.56
CA HIS A 361 88.14 -6.97 7.86
C HIS A 361 88.24 -5.55 8.39
N SER B 121 8.92 -47.20 24.44
CA SER B 121 9.04 -46.81 25.84
C SER B 121 10.47 -46.97 26.34
N ILE B 122 11.22 -47.85 25.69
CA ILE B 122 12.62 -48.08 26.03
C ILE B 122 13.50 -47.64 24.86
N VAL B 123 12.94 -47.70 23.66
CA VAL B 123 13.70 -47.35 22.45
C VAL B 123 13.66 -45.86 22.15
N GLU B 124 12.94 -45.07 22.95
CA GLU B 124 12.85 -43.64 22.72
C GLU B 124 14.12 -42.93 23.14
N TRP B 125 15.21 -43.10 22.40
CA TRP B 125 16.45 -42.40 22.69
C TRP B 125 17.11 -41.76 21.48
N LYS B 126 16.83 -42.23 20.26
CA LYS B 126 17.51 -41.72 19.07
C LYS B 126 16.89 -42.24 17.77
N PRO B 127 16.59 -43.56 17.62
CA PRO B 127 16.20 -44.08 16.31
C PRO B 127 15.02 -43.38 15.66
N PHE B 128 13.85 -43.36 16.31
CA PHE B 128 12.67 -42.74 15.70
C PHE B 128 12.49 -41.30 16.12
N ASP B 129 13.40 -40.75 16.94
CA ASP B 129 13.25 -39.38 17.40
C ASP B 129 13.28 -38.41 16.23
N ILE B 130 14.07 -38.72 15.20
CA ILE B 130 14.05 -37.91 13.98
C ILE B 130 12.69 -38.01 13.31
N PHE B 131 12.06 -39.18 13.35
CA PHE B 131 10.76 -39.36 12.70
C PHE B 131 9.71 -38.45 13.33
N ILE B 132 9.66 -38.41 14.67
CA ILE B 132 8.71 -37.52 15.32
C ILE B 132 9.06 -36.07 15.03
N LEU B 133 10.36 -35.75 14.98
CA LEU B 133 10.78 -34.43 14.55
C LEU B 133 10.43 -34.18 13.09
N LEU B 134 10.59 -35.20 12.24
CA LEU B 134 10.21 -35.07 10.84
C LEU B 134 8.70 -34.99 10.67
N ALA B 135 7.94 -35.58 11.59
CA ALA B 135 6.48 -35.47 11.52
C ALA B 135 6.03 -34.03 11.71
N ILE B 136 6.66 -33.31 12.63
CA ILE B 136 6.30 -31.91 12.85
C ILE B 136 6.64 -31.07 11.62
N PHE B 137 7.79 -31.31 11.01
CA PHE B 137 8.15 -30.58 9.80
C PHE B 137 7.17 -30.88 8.67
N ALA B 138 6.76 -32.14 8.53
CA ALA B 138 5.78 -32.48 7.51
C ALA B 138 4.43 -31.83 7.81
N ASN B 139 4.07 -31.75 9.08
CA ASN B 139 2.82 -31.09 9.46
C ASN B 139 2.88 -29.60 9.16
N CYS B 140 4.07 -29.00 9.25
CA CYS B 140 4.21 -27.58 8.91
C CYS B 140 3.89 -27.33 7.46
N VAL B 141 4.33 -28.22 6.56
CA VAL B 141 4.04 -28.06 5.14
C VAL B 141 2.55 -28.23 4.87
N ALA B 142 1.90 -29.12 5.61
CA ALA B 142 0.45 -29.28 5.46
C ALA B 142 -0.31 -28.03 5.87
N LEU B 143 0.23 -27.28 6.83
CA LEU B 143 -0.39 -26.02 7.24
C LEU B 143 -0.12 -24.91 6.24
N ALA B 144 1.02 -24.95 5.55
CA ALA B 144 1.37 -23.87 4.62
C ALA B 144 0.56 -23.96 3.34
N ILE B 145 0.29 -25.17 2.86
CA ILE B 145 -0.41 -25.32 1.57
C ILE B 145 -1.92 -25.21 1.70
N TYR B 146 -2.44 -25.09 2.93
CA TYR B 146 -3.85 -24.85 3.11
C TYR B 146 -4.21 -23.44 2.66
N ILE B 147 -5.34 -23.31 1.97
CA ILE B 147 -5.79 -22.03 1.44
C ILE B 147 -7.02 -21.59 2.23
N PRO B 148 -6.93 -20.53 3.04
CA PRO B 148 -8.13 -20.02 3.71
C PRO B 148 -9.07 -19.31 2.75
N PHE B 149 -10.19 -19.94 2.44
CA PHE B 149 -11.18 -19.37 1.54
C PHE B 149 -12.18 -18.52 2.31
N PRO B 150 -12.70 -17.45 1.70
CA PRO B 150 -13.72 -16.66 2.37
C PRO B 150 -15.07 -17.37 2.40
N GLU B 151 -15.80 -17.17 3.49
CA GLU B 151 -17.20 -17.59 3.61
C GLU B 151 -17.37 -19.10 3.39
N ASP B 152 -16.61 -19.88 4.15
CA ASP B 152 -16.76 -21.34 4.24
C ASP B 152 -16.54 -22.04 2.90
N ASP B 153 -15.89 -21.39 1.94
CA ASP B 153 -15.57 -22.04 0.69
C ASP B 153 -14.38 -22.98 0.88
N SER B 154 -14.15 -23.83 -0.11
CA SER B 154 -13.06 -24.80 -0.06
C SER B 154 -12.75 -25.27 -1.48
N ASN B 155 -11.79 -26.18 -1.58
CA ASN B 155 -11.45 -26.81 -2.85
C ASN B 155 -11.05 -28.25 -2.57
N SER B 156 -10.49 -28.92 -3.59
CA SER B 156 -10.15 -30.32 -3.45
C SER B 156 -8.93 -30.52 -2.54
N THR B 157 -7.94 -29.63 -2.64
CA THR B 157 -6.73 -29.78 -1.83
C THR B 157 -7.04 -29.63 -0.34
N ASN B 158 -7.90 -28.67 0.01
CA ASN B 158 -8.29 -28.51 1.40
C ASN B 158 -9.04 -29.73 1.93
N HIS B 159 -9.77 -30.42 1.06
CA HIS B 159 -10.50 -31.60 1.47
C HIS B 159 -9.55 -32.72 1.90
N ASN B 160 -8.45 -32.91 1.17
CA ASN B 160 -7.50 -33.95 1.52
C ASN B 160 -6.74 -33.59 2.79
N LEU B 161 -6.38 -32.31 2.97
CA LEU B 161 -5.58 -31.91 4.11
C LEU B 161 -6.31 -32.12 5.43
N GLU B 162 -7.65 -32.09 5.40
CA GLU B 162 -8.40 -32.43 6.61
C GLU B 162 -8.17 -33.87 7.01
N LYS B 163 -8.10 -34.77 6.03
CA LYS B 163 -7.82 -36.18 6.32
C LYS B 163 -6.38 -36.35 6.81
N VAL B 164 -5.44 -35.59 6.24
CA VAL B 164 -4.06 -35.66 6.69
C VAL B 164 -3.95 -35.15 8.13
N GLU B 165 -4.84 -34.25 8.53
CA GLU B 165 -4.85 -33.77 9.91
C GLU B 165 -5.16 -34.91 10.88
N TYR B 166 -6.06 -35.82 10.48
CA TYR B 166 -6.36 -36.97 11.32
C TYR B 166 -5.13 -37.86 11.48
N ALA B 167 -4.36 -38.04 10.41
CA ALA B 167 -3.15 -38.85 10.49
C ALA B 167 -2.13 -38.23 11.45
N PHE B 168 -1.96 -36.91 11.37
CA PHE B 168 -0.97 -36.25 12.21
C PHE B 168 -1.41 -36.17 13.66
N LEU B 169 -2.71 -36.06 13.91
CA LEU B 169 -3.21 -36.01 15.27
C LEU B 169 -2.91 -37.32 16.01
N ILE B 170 -3.08 -38.45 15.34
CA ILE B 170 -2.82 -39.74 15.97
C ILE B 170 -1.35 -39.89 16.32
N ILE B 171 -0.46 -39.46 15.43
CA ILE B 171 0.97 -39.60 15.66
C ILE B 171 1.39 -38.83 16.90
N PHE B 172 0.91 -37.60 17.04
CA PHE B 172 1.24 -36.79 18.22
C PHE B 172 0.41 -37.18 19.43
N THR B 173 -0.65 -37.97 19.26
CA THR B 173 -1.40 -38.50 20.39
C THR B 173 -0.79 -39.80 20.92
N VAL B 174 -0.37 -40.68 20.01
CA VAL B 174 0.27 -41.93 20.43
C VAL B 174 1.55 -41.63 21.21
N GLU B 175 2.38 -40.71 20.70
CA GLU B 175 3.62 -40.38 21.39
C GLU B 175 3.34 -39.75 22.74
N THR B 176 2.31 -38.90 22.83
CA THR B 176 1.95 -38.29 24.10
C THR B 176 1.51 -39.36 25.11
N PHE B 177 0.71 -40.33 24.66
CA PHE B 177 0.32 -41.44 25.51
C PHE B 177 1.42 -42.46 25.71
N LEU B 178 2.53 -42.34 24.96
CA LEU B 178 3.66 -43.24 25.09
C LEU B 178 4.77 -42.68 25.96
N LYS B 179 4.92 -41.36 26.02
CA LYS B 179 5.93 -40.75 26.87
C LYS B 179 5.46 -40.58 28.31
N ILE B 180 4.18 -40.86 28.60
CA ILE B 180 3.69 -40.76 29.96
C ILE B 180 4.39 -41.77 30.87
N ILE B 181 4.53 -43.01 30.39
CA ILE B 181 5.15 -44.12 31.12
C ILE B 181 4.81 -44.12 32.62
N TYR B 192 8.93 -34.07 31.84
CA TYR B 192 8.05 -34.96 31.08
C TYR B 192 6.60 -34.53 31.20
N VAL B 193 6.18 -34.14 32.40
CA VAL B 193 4.85 -33.56 32.61
C VAL B 193 5.02 -32.16 33.20
N ARG B 194 6.09 -31.97 33.97
CA ARG B 194 6.41 -30.67 34.56
C ARG B 194 7.36 -29.85 33.69
N ASN B 195 7.86 -30.42 32.60
CA ASN B 195 8.74 -29.66 31.71
C ASN B 195 7.95 -28.58 30.98
N GLY B 196 8.63 -27.46 30.72
CA GLY B 196 7.98 -26.38 30.00
C GLY B 196 7.64 -26.75 28.57
N TRP B 197 8.55 -27.42 27.88
CA TRP B 197 8.30 -27.82 26.50
C TRP B 197 7.30 -28.96 26.42
N ASN B 198 7.38 -29.91 27.36
CA ASN B 198 6.42 -31.01 27.38
C ASN B 198 5.03 -30.53 27.74
N LEU B 199 4.93 -29.49 28.57
CA LEU B 199 3.62 -28.92 28.87
C LEU B 199 2.98 -28.33 27.62
N LEU B 200 3.78 -27.66 26.78
CA LEU B 200 3.27 -27.13 25.52
C LEU B 200 2.85 -28.26 24.58
N ASP B 201 3.62 -29.34 24.53
CA ASP B 201 3.24 -30.47 23.69
C ASP B 201 1.95 -31.12 24.15
N PHE B 202 1.76 -31.22 25.46
CA PHE B 202 0.55 -31.85 25.97
C PHE B 202 -0.69 -31.01 25.72
N VAL B 203 -0.58 -29.69 25.89
CA VAL B 203 -1.77 -28.85 25.82
C VAL B 203 -2.29 -28.76 24.39
N ILE B 204 -1.40 -28.74 23.40
CA ILE B 204 -1.86 -28.64 22.02
C ILE B 204 -2.57 -29.93 21.59
N VAL B 205 -2.16 -31.08 22.13
CA VAL B 205 -2.80 -32.34 21.78
C VAL B 205 -4.22 -32.39 22.33
N ILE B 206 -4.39 -32.04 23.61
CA ILE B 206 -5.72 -32.14 24.22
C ILE B 206 -6.68 -31.13 23.61
N VAL B 207 -6.17 -29.95 23.24
CA VAL B 207 -6.98 -29.01 22.46
C VAL B 207 -7.24 -29.58 21.07
N GLY B 208 -6.27 -30.30 20.51
CA GLY B 208 -6.47 -30.91 19.20
C GLY B 208 -7.58 -31.94 19.20
N LEU B 209 -7.59 -32.82 20.22
CA LEU B 209 -8.69 -33.77 20.34
C LEU B 209 -10.00 -33.07 20.64
N PHE B 210 -9.95 -32.02 21.48
CA PHE B 210 -11.15 -31.27 21.80
C PHE B 210 -11.73 -30.59 20.56
N SER B 211 -10.87 -30.04 19.71
CA SER B 211 -11.34 -29.33 18.53
C SER B 211 -11.98 -30.28 17.52
N VAL B 212 -11.33 -31.42 17.26
CA VAL B 212 -11.87 -32.34 16.25
C VAL B 212 -13.16 -32.98 16.74
N ILE B 213 -13.24 -33.30 18.03
CA ILE B 213 -14.44 -33.94 18.57
C ILE B 213 -15.62 -32.98 18.50
N LEU B 214 -15.42 -31.73 18.95
CA LEU B 214 -16.53 -30.79 19.00
C LEU B 214 -17.00 -30.40 17.61
N GLU B 215 -16.06 -30.23 16.68
CA GLU B 215 -16.43 -29.88 15.30
C GLU B 215 -17.25 -30.99 14.65
N GLN B 216 -16.83 -32.24 14.82
CA GLN B 216 -17.54 -33.36 14.20
C GLN B 216 -18.97 -33.46 14.71
N LEU B 217 -19.16 -33.30 16.02
CA LEU B 217 -20.50 -33.35 16.62
C LEU B 217 -21.09 -31.95 16.60
N THR B 218 -21.51 -31.53 15.41
CA THR B 218 -22.16 -30.24 15.23
C THR B 218 -23.09 -30.25 14.02
N ASP B 235 -17.76 -19.80 16.12
CA ASP B 235 -16.47 -19.81 15.43
C ASP B 235 -15.65 -21.03 15.83
N VAL B 236 -16.19 -22.21 15.52
CA VAL B 236 -15.51 -23.45 15.88
C VAL B 236 -14.20 -23.60 15.10
N LYS B 237 -14.19 -23.18 13.83
CA LYS B 237 -12.97 -23.28 13.03
C LYS B 237 -11.88 -22.33 13.53
N ALA B 238 -12.24 -21.33 14.34
CA ALA B 238 -11.22 -20.46 14.92
C ALA B 238 -10.45 -21.15 16.03
N LEU B 239 -10.97 -22.27 16.56
CA LEU B 239 -10.30 -22.97 17.63
C LEU B 239 -9.08 -23.76 17.14
N ARG B 240 -9.00 -24.04 15.84
CA ARG B 240 -7.87 -24.78 15.30
C ARG B 240 -6.63 -23.92 15.11
N ALA B 241 -6.64 -22.69 15.64
CA ALA B 241 -5.44 -21.85 15.60
C ALA B 241 -4.36 -22.32 16.54
N PHE B 242 -4.66 -23.29 17.42
CA PHE B 242 -3.62 -23.81 18.33
C PHE B 242 -2.64 -24.72 17.61
N ARG B 243 -2.98 -25.18 16.40
CA ARG B 243 -2.06 -25.99 15.62
C ARG B 243 -0.86 -25.19 15.12
N VAL B 244 -0.93 -23.86 15.15
CA VAL B 244 0.19 -23.03 14.75
C VAL B 244 1.32 -23.09 15.76
N LEU B 245 1.06 -23.59 16.97
CA LEU B 245 2.11 -23.78 17.95
C LEU B 245 2.92 -25.05 17.71
N ARG B 246 2.43 -25.95 16.86
CA ARG B 246 3.21 -27.15 16.52
C ARG B 246 4.54 -26.82 15.86
N PRO B 247 4.64 -25.87 14.91
CA PRO B 247 5.97 -25.51 14.40
C PRO B 247 6.93 -25.05 15.48
N LEU B 248 6.42 -24.50 16.59
CA LEU B 248 7.29 -24.08 17.68
C LEU B 248 8.02 -25.25 18.31
N ARG B 249 7.53 -26.47 18.12
CA ARG B 249 8.19 -27.64 18.67
C ARG B 249 9.53 -27.94 18.02
N LEU B 250 9.84 -27.29 16.90
CA LEU B 250 11.13 -27.51 16.25
C LEU B 250 12.29 -26.90 17.03
N VAL B 251 12.03 -25.92 17.89
CA VAL B 251 13.11 -25.33 18.66
C VAL B 251 13.59 -26.30 19.75
N SER B 252 12.68 -27.08 20.32
CA SER B 252 13.06 -28.02 21.37
C SER B 252 13.77 -29.24 20.83
N GLY B 253 13.59 -29.56 19.55
CA GLY B 253 14.24 -30.72 18.97
C GLY B 253 15.68 -30.52 18.57
N VAL B 254 16.17 -29.29 18.59
CA VAL B 254 17.54 -28.96 18.20
C VAL B 254 18.24 -28.34 19.39
N PRO B 255 19.00 -29.14 20.15
CA PRO B 255 19.81 -28.56 21.24
C PRO B 255 20.67 -27.40 20.81
N SER B 256 21.27 -27.46 19.61
CA SER B 256 22.14 -26.39 19.13
C SER B 256 21.36 -25.13 18.76
N LEU B 257 20.04 -25.22 18.65
CA LEU B 257 19.22 -24.08 18.29
C LEU B 257 18.33 -23.60 19.43
N GLN B 258 18.13 -24.41 20.46
CA GLN B 258 17.40 -23.97 21.64
C GLN B 258 18.22 -23.05 22.52
N VAL B 259 19.55 -23.11 22.43
CA VAL B 259 20.39 -22.28 23.28
C VAL B 259 20.30 -20.81 22.88
N VAL B 260 20.23 -20.52 21.58
CA VAL B 260 20.13 -19.12 21.16
C VAL B 260 18.80 -18.52 21.58
N LEU B 261 17.73 -19.32 21.58
CA LEU B 261 16.45 -18.82 22.05
C LEU B 261 16.50 -18.49 23.54
N ASN B 262 17.16 -19.33 24.33
CA ASN B 262 17.21 -19.10 25.77
C ASN B 262 17.96 -17.81 26.11
N SER B 263 19.02 -17.53 25.37
CA SER B 263 19.78 -16.30 25.63
C SER B 263 18.93 -15.06 25.40
N ILE B 264 18.12 -15.06 24.35
CA ILE B 264 17.26 -13.92 24.06
C ILE B 264 16.23 -13.72 25.17
N ILE B 265 15.63 -14.82 25.64
CA ILE B 265 14.57 -14.71 26.64
C ILE B 265 15.10 -14.14 27.94
N LYS B 266 16.28 -14.58 28.37
CA LYS B 266 16.86 -14.08 29.61
C LYS B 266 17.51 -12.71 29.45
N ALA B 267 17.60 -12.20 28.23
CA ALA B 267 18.11 -10.85 27.99
C ALA B 267 17.02 -9.79 28.08
N MET B 268 15.76 -10.19 28.28
CA MET B 268 14.67 -9.24 28.40
C MET B 268 14.59 -8.59 29.78
N VAL B 269 15.25 -9.17 30.78
CA VAL B 269 15.16 -8.62 32.14
C VAL B 269 15.69 -7.19 32.22
N PRO B 270 16.86 -6.86 31.67
CA PRO B 270 17.29 -5.45 31.71
C PRO B 270 16.38 -4.50 30.95
N LEU B 271 15.62 -5.00 29.99
CA LEU B 271 14.70 -4.17 29.20
C LEU B 271 13.32 -4.05 29.84
N LEU B 272 13.07 -4.74 30.95
CA LEU B 272 11.76 -4.66 31.59
C LEU B 272 11.56 -3.31 32.28
N HIS B 273 12.64 -2.71 32.78
CA HIS B 273 12.52 -1.37 33.36
C HIS B 273 12.14 -0.35 32.29
N ILE B 274 12.69 -0.48 31.09
CA ILE B 274 12.33 0.41 30.00
C ILE B 274 10.89 0.16 29.57
N ALA B 275 10.49 -1.11 29.48
CA ALA B 275 9.12 -1.43 29.08
C ALA B 275 8.12 -0.87 30.08
N LEU B 276 8.45 -0.89 31.37
CA LEU B 276 7.58 -0.30 32.37
C LEU B 276 7.47 1.21 32.19
N LEU B 277 8.58 1.87 31.83
CA LEU B 277 8.54 3.31 31.61
C LEU B 277 7.69 3.67 30.39
N VAL B 278 7.79 2.89 29.33
CA VAL B 278 6.99 3.15 28.13
C VAL B 278 5.51 3.02 28.45
N LEU B 279 5.14 2.05 29.28
CA LEU B 279 3.74 1.86 29.65
C LEU B 279 3.21 3.08 30.40
N PHE B 280 4.01 3.66 31.29
CA PHE B 280 3.55 4.83 32.04
C PHE B 280 3.43 6.04 31.12
N VAL B 281 4.35 6.20 30.17
CA VAL B 281 4.29 7.33 29.25
C VAL B 281 3.06 7.25 28.37
N ILE B 282 2.73 6.04 27.89
CA ILE B 282 1.54 5.88 27.06
C ILE B 282 0.27 6.12 27.89
N ILE B 283 0.28 5.67 29.14
CA ILE B 283 -0.88 5.91 30.01
C ILE B 283 -1.06 7.40 30.27
N ILE B 284 0.03 8.11 30.53
CA ILE B 284 -0.04 9.53 30.82
C ILE B 284 -0.54 10.31 29.60
N TYR B 285 0.01 9.99 28.42
CA TYR B 285 -0.40 10.71 27.21
C TYR B 285 -1.80 10.33 26.77
N ALA B 286 -2.23 9.10 27.04
CA ALA B 286 -3.61 8.72 26.71
C ALA B 286 -4.61 9.49 27.54
N ILE B 287 -4.33 9.68 28.84
CA ILE B 287 -5.23 10.42 29.70
C ILE B 287 -5.21 11.90 29.36
N ILE B 288 -4.03 12.44 29.03
CA ILE B 288 -3.95 13.83 28.59
C ILE B 288 -4.73 14.02 27.29
N GLY B 289 -4.61 13.06 26.37
CA GLY B 289 -5.35 13.14 25.12
C GLY B 289 -6.85 13.15 25.34
N LEU B 290 -7.32 12.39 26.34
CA LEU B 290 -8.75 12.40 26.66
C LEU B 290 -9.20 13.76 27.16
N GLU B 291 -8.39 14.41 28.01
CA GLU B 291 -8.81 15.66 28.63
C GLU B 291 -8.75 16.83 27.64
N LEU B 292 -7.68 16.91 26.86
CA LEU B 292 -7.50 18.05 25.96
C LEU B 292 -8.54 18.05 24.86
N PHE B 293 -9.06 16.89 24.51
CA PHE B 293 -9.91 16.68 23.35
C PHE B 293 -10.56 15.30 23.32
N ILE B 294 -11.88 15.27 23.17
CA ILE B 294 -12.63 14.03 23.15
C ILE B 294 -13.90 14.21 22.31
N GLY B 295 -14.03 13.40 21.27
CA GLY B 295 -15.16 13.55 20.37
C GLY B 295 -15.08 14.72 19.42
N LYS B 296 -13.88 15.30 19.24
CA LYS B 296 -13.74 16.44 18.35
C LYS B 296 -13.76 16.06 16.87
N MET B 297 -13.24 14.88 16.53
CA MET B 297 -13.17 14.46 15.13
C MET B 297 -14.48 13.75 14.74
N HIS B 298 -15.56 14.53 14.72
CA HIS B 298 -16.85 13.98 14.36
C HIS B 298 -17.66 14.91 13.45
N LYS B 299 -17.07 15.98 12.94
CA LYS B 299 -17.76 16.95 12.10
C LYS B 299 -17.06 17.04 10.76
N THR B 300 -17.53 16.27 9.79
CA THR B 300 -17.10 16.39 8.41
C THR B 300 -18.21 17.04 7.59
N CYS B 301 -17.84 17.59 6.44
CA CYS B 301 -18.78 18.36 5.63
C CYS B 301 -19.51 17.47 4.66
N PHE B 302 -20.83 17.34 4.88
CA PHE B 302 -21.74 16.66 3.98
C PHE B 302 -22.31 17.68 2.98
N PHE B 303 -23.10 17.18 2.04
CA PHE B 303 -23.81 18.07 1.13
C PHE B 303 -25.01 18.70 1.84
N ALA B 304 -25.49 19.81 1.29
CA ALA B 304 -26.58 20.54 1.92
C ALA B 304 -27.86 19.73 1.86
N ASP B 305 -28.49 19.55 3.02
CA ASP B 305 -29.74 18.79 3.17
C ASP B 305 -29.60 17.38 2.59
N SER B 306 -28.60 16.66 3.10
CA SER B 306 -28.35 15.29 2.69
C SER B 306 -27.46 14.63 3.73
N ASP B 307 -27.21 13.34 3.55
CA ASP B 307 -26.35 12.56 4.44
C ASP B 307 -25.17 11.97 3.69
N ILE B 308 -24.73 12.65 2.62
CA ILE B 308 -23.65 12.16 1.77
C ILE B 308 -22.41 13.01 2.03
N VAL B 309 -21.29 12.36 2.34
CA VAL B 309 -20.04 13.07 2.58
C VAL B 309 -19.56 13.71 1.28
N ALA B 310 -19.17 14.99 1.36
CA ALA B 310 -18.87 15.75 0.15
C ALA B 310 -17.62 15.22 -0.56
N GLU B 311 -16.54 15.04 0.17
CA GLU B 311 -15.25 14.69 -0.42
C GLU B 311 -14.94 13.21 -0.25
N GLU B 312 -14.07 12.70 -1.13
CA GLU B 312 -13.76 11.28 -1.16
C GLU B 312 -12.93 10.85 0.05
N ASP B 313 -12.13 11.76 0.61
CA ASP B 313 -11.26 11.48 1.75
C ASP B 313 -11.57 12.51 2.82
N PRO B 314 -12.65 12.31 3.59
CA PRO B 314 -13.11 13.36 4.50
C PRO B 314 -12.14 13.61 5.65
N ALA B 315 -12.14 14.85 6.11
CA ALA B 315 -11.41 15.33 7.27
C ALA B 315 -12.33 16.17 8.14
N PRO B 316 -12.07 16.24 9.44
CA PRO B 316 -12.99 16.96 10.33
C PRO B 316 -13.03 18.46 10.05
N CYS B 317 -14.17 19.07 10.38
CA CYS B 317 -14.26 20.51 10.46
C CYS B 317 -13.77 21.00 11.82
N ALA B 318 -13.88 22.31 12.02
CA ALA B 318 -13.64 22.88 13.34
C ALA B 318 -14.69 22.38 14.32
N PHE B 319 -14.26 22.12 15.56
CA PHE B 319 -15.21 21.80 16.60
C PHE B 319 -16.17 22.95 16.83
N SER B 320 -15.64 24.10 17.28
CA SER B 320 -16.42 25.33 17.39
C SER B 320 -15.61 26.48 16.76
N GLY B 321 -15.71 26.60 15.45
CA GLY B 321 -15.20 27.78 14.76
C GLY B 321 -13.75 28.11 15.02
N ASN B 322 -12.89 27.11 15.05
CA ASN B 322 -11.47 27.37 15.32
C ASN B 322 -10.53 26.77 14.29
N GLY B 323 -10.84 25.59 13.77
CA GLY B 323 -9.96 24.91 12.84
C GLY B 323 -10.29 25.12 11.38
N ARG B 324 -10.81 24.08 10.73
CA ARG B 324 -11.05 24.09 9.29
C ARG B 324 -12.54 24.13 8.99
N GLN B 325 -12.92 24.90 7.97
CA GLN B 325 -14.28 24.95 7.47
C GLN B 325 -14.27 24.62 5.98
N CYS B 326 -15.14 23.68 5.58
CA CYS B 326 -15.31 23.39 4.16
C CYS B 326 -15.99 24.58 3.49
N THR B 327 -15.31 25.19 2.52
CA THR B 327 -15.78 26.38 1.84
C THR B 327 -16.50 26.05 0.53
N ALA B 328 -16.72 24.77 0.24
CA ALA B 328 -17.49 24.39 -0.93
C ALA B 328 -18.92 24.90 -0.80
N ASN B 329 -19.48 25.35 -1.92
CA ASN B 329 -20.74 26.08 -1.87
C ASN B 329 -21.91 25.17 -1.50
N GLY B 330 -21.98 23.98 -2.06
CA GLY B 330 -23.09 23.10 -1.78
C GLY B 330 -22.94 22.25 -0.54
N THR B 331 -21.94 22.54 0.29
CA THR B 331 -21.71 21.74 1.48
C THR B 331 -21.68 22.50 2.80
N GLU B 332 -22.10 21.81 3.85
CA GLU B 332 -22.12 22.35 5.21
C GLU B 332 -21.74 21.20 6.12
N CYS B 333 -21.15 21.49 7.27
CA CYS B 333 -20.76 20.40 8.15
C CYS B 333 -21.31 20.45 9.57
N ARG B 334 -21.67 19.28 10.07
CA ARG B 334 -22.22 19.13 11.41
C ARG B 334 -21.76 17.79 11.98
N SER B 335 -22.30 17.41 13.14
CA SER B 335 -21.95 16.15 13.76
C SER B 335 -22.64 15.00 13.04
N GLY B 336 -22.14 13.79 13.29
CA GLY B 336 -22.72 12.61 12.67
C GLY B 336 -21.76 11.88 11.75
N TRP B 337 -20.48 11.93 12.06
CA TRP B 337 -19.44 11.26 11.29
C TRP B 337 -18.83 10.14 12.12
N VAL B 338 -18.58 9.00 11.47
CA VAL B 338 -18.06 7.83 12.18
C VAL B 338 -16.66 8.11 12.72
N GLY B 339 -15.81 8.74 11.92
CA GLY B 339 -14.46 9.04 12.33
C GLY B 339 -13.48 9.06 11.18
N PRO B 340 -12.22 9.41 11.47
CA PRO B 340 -11.22 9.52 10.40
C PRO B 340 -10.86 8.20 9.73
N ASN B 341 -10.57 7.18 10.52
CA ASN B 341 -10.20 5.86 10.00
C ASN B 341 -11.32 4.86 10.15
N GLY B 342 -12.56 5.29 9.97
CA GLY B 342 -13.69 4.44 10.25
C GLY B 342 -14.04 4.30 11.71
N GLY B 343 -13.47 5.15 12.57
CA GLY B 343 -13.70 5.07 13.99
C GLY B 343 -12.56 4.48 14.79
N ILE B 344 -11.53 3.95 14.12
CA ILE B 344 -10.41 3.37 14.85
C ILE B 344 -9.59 4.45 15.54
N THR B 345 -9.30 5.54 14.83
CA THR B 345 -8.40 6.58 15.31
C THR B 345 -9.22 7.72 15.90
N ASN B 346 -9.30 7.76 17.23
CA ASN B 346 -9.94 8.86 17.94
C ASN B 346 -9.52 8.75 19.40
N PHE B 347 -9.84 9.79 20.17
CA PHE B 347 -9.48 9.88 21.58
C PHE B 347 -10.72 9.98 22.47
N ASP B 348 -11.79 9.30 22.07
CA ASP B 348 -13.06 9.38 22.78
C ASP B 348 -13.30 8.18 23.71
N ASN B 349 -12.24 7.44 24.02
CA ASN B 349 -12.30 6.30 24.93
C ASN B 349 -10.89 5.95 25.33
N PHE B 350 -10.72 5.39 26.53
CA PHE B 350 -9.39 5.05 27.00
C PHE B 350 -8.76 3.98 26.12
N ALA B 351 -9.54 2.98 25.71
CA ALA B 351 -9.02 1.95 24.80
C ALA B 351 -8.60 2.56 23.47
N PHE B 352 -9.40 3.48 22.94
CA PHE B 352 -9.04 4.14 21.69
C PHE B 352 -7.86 5.08 21.88
N ALA B 353 -7.83 5.80 23.01
CA ALA B 353 -6.70 6.67 23.30
C ALA B 353 -5.43 5.86 23.50
N MET B 354 -5.55 4.70 24.14
CA MET B 354 -4.40 3.80 24.29
C MET B 354 -3.86 3.37 22.93
N LEU B 355 -4.75 3.04 22.00
CA LEU B 355 -4.32 2.53 20.71
C LEU B 355 -3.75 3.63 19.82
N THR B 356 -4.35 4.82 19.86
CA THR B 356 -3.85 5.92 19.04
C THR B 356 -2.48 6.38 19.49
N VAL B 357 -2.25 6.47 20.79
CA VAL B 357 -0.96 6.94 21.30
C VAL B 357 0.13 5.93 20.97
N PHE B 358 -0.13 4.64 21.17
CA PHE B 358 0.85 3.62 20.83
C PHE B 358 1.17 3.61 19.34
N GLN B 359 0.20 3.97 18.50
CA GLN B 359 0.48 4.12 17.08
C GLN B 359 1.46 5.26 16.82
N CYS B 360 1.30 6.36 17.55
CA CYS B 360 2.15 7.53 17.35
C CYS B 360 3.52 7.39 18.00
N ILE B 361 3.69 6.46 18.94
CA ILE B 361 4.99 6.27 19.57
C ILE B 361 5.91 5.42 18.70
N THR B 362 5.36 4.68 17.74
CA THR B 362 6.15 3.95 16.77
C THR B 362 6.46 4.77 15.52
N MET B 363 6.02 6.03 15.49
CA MET B 363 6.32 6.95 14.40
C MET B 363 5.77 6.46 13.07
N GLU B 364 4.68 5.70 13.10
CA GLU B 364 4.02 5.22 11.89
C GLU B 364 2.60 5.78 11.89
N GLY B 365 2.33 6.68 10.95
CA GLY B 365 1.03 7.33 10.89
C GLY B 365 0.75 8.25 12.05
N TRP B 366 1.75 9.01 12.50
CA TRP B 366 1.55 9.96 13.57
C TRP B 366 1.27 11.37 13.08
N THR B 367 1.67 11.71 11.87
CA THR B 367 1.32 13.00 11.30
C THR B 367 -0.14 13.04 10.85
N ASP B 368 -0.69 11.89 10.46
CA ASP B 368 -2.10 11.84 10.10
C ASP B 368 -2.98 12.19 11.29
N VAL B 369 -2.65 11.68 12.47
CA VAL B 369 -3.39 12.07 13.68
C VAL B 369 -3.17 13.54 13.99
N LEU B 370 -1.95 14.03 13.80
CA LEU B 370 -1.66 15.44 14.02
C LEU B 370 -2.45 16.31 13.04
N TYR B 371 -2.47 15.91 11.77
CA TYR B 371 -3.11 16.74 10.75
C TYR B 371 -4.61 16.74 10.88
N TRP B 372 -5.19 15.65 11.38
CA TRP B 372 -6.63 15.61 11.64
C TRP B 372 -7.03 16.52 12.78
N MET B 373 -6.07 16.96 13.61
CA MET B 373 -6.35 17.85 14.72
C MET B 373 -6.24 19.31 14.33
N ASN B 374 -5.34 19.63 13.40
CA ASN B 374 -5.27 20.97 12.84
C ASN B 374 -6.55 21.34 12.12
N ASP B 375 -7.36 20.34 11.75
CA ASP B 375 -8.69 20.56 11.19
C ASP B 375 -9.75 20.60 12.29
N ALA B 376 -9.70 19.65 13.23
CA ALA B 376 -10.68 19.63 14.32
C ALA B 376 -10.56 20.87 15.21
N MET B 377 -9.34 21.26 15.54
CA MET B 377 -9.11 22.47 16.31
C MET B 377 -8.03 23.32 15.66
N GLY B 378 -7.55 24.33 16.37
CA GLY B 378 -6.56 25.23 15.81
C GLY B 378 -5.20 24.57 15.65
N PHE B 379 -4.25 25.36 15.18
CA PHE B 379 -2.88 24.92 14.97
C PHE B 379 -2.02 25.06 16.21
N GLU B 380 -2.55 25.62 17.31
CA GLU B 380 -1.73 25.97 18.46
C GLU B 380 -1.57 24.81 19.44
N LEU B 381 -2.66 24.13 19.77
CA LEU B 381 -2.61 23.10 20.80
C LEU B 381 -2.02 21.77 20.29
N PRO B 382 -2.52 21.18 19.21
CA PRO B 382 -2.12 19.80 18.89
C PRO B 382 -0.64 19.60 18.61
N TRP B 383 0.05 20.60 18.05
CA TRP B 383 1.45 20.38 17.71
C TRP B 383 2.31 20.17 18.94
N VAL B 384 1.94 20.77 20.07
CA VAL B 384 2.70 20.54 21.30
C VAL B 384 2.51 19.11 21.79
N TYR B 385 1.30 18.57 21.64
CA TYR B 385 1.00 17.24 22.16
C TYR B 385 1.75 16.16 21.39
N PHE B 386 1.72 16.22 20.06
CA PHE B 386 2.22 15.11 19.26
C PHE B 386 3.73 15.16 19.08
N VAL B 387 4.30 16.35 18.87
CA VAL B 387 5.74 16.45 18.68
C VAL B 387 6.48 16.03 19.94
N SER B 388 6.00 16.47 21.11
CA SER B 388 6.60 16.03 22.36
C SER B 388 6.40 14.53 22.58
N LEU B 389 5.27 13.99 22.16
CA LEU B 389 5.04 12.55 22.29
C LEU B 389 6.02 11.76 21.42
N VAL B 390 6.32 12.27 20.22
CA VAL B 390 7.26 11.58 19.34
C VAL B 390 8.68 11.67 19.89
N ILE B 391 9.08 12.87 20.34
CA ILE B 391 10.45 13.04 20.85
C ILE B 391 10.66 12.21 22.11
N PHE B 392 9.76 12.35 23.08
CA PHE B 392 9.92 11.61 24.33
C PHE B 392 9.57 10.14 24.17
N GLY B 393 8.49 9.84 23.46
CA GLY B 393 8.03 8.47 23.36
C GLY B 393 8.92 7.59 22.50
N SER B 394 9.33 8.10 21.34
CA SER B 394 10.06 7.28 20.38
C SER B 394 11.57 7.55 20.41
N PHE B 395 11.98 8.79 20.19
CA PHE B 395 13.41 9.08 20.07
C PHE B 395 14.13 8.83 21.39
N PHE B 396 13.52 9.22 22.52
CA PHE B 396 14.19 9.04 23.81
C PHE B 396 14.20 7.57 24.23
N VAL B 397 13.06 6.88 24.06
CA VAL B 397 12.99 5.48 24.47
C VAL B 397 13.89 4.62 23.60
N LEU B 398 13.92 4.89 22.29
CA LEU B 398 14.83 4.16 21.41
C LEU B 398 16.28 4.34 21.83
N ASN B 399 16.63 5.51 22.37
CA ASN B 399 17.96 5.71 22.92
C ASN B 399 18.19 4.82 24.14
N LEU B 400 17.20 4.71 25.01
CA LEU B 400 17.34 3.86 26.19
C LEU B 400 17.46 2.39 25.80
N VAL B 401 16.62 1.92 24.87
CA VAL B 401 16.65 0.52 24.46
C VAL B 401 17.98 0.18 23.83
N LEU B 402 18.46 1.04 22.92
CA LEU B 402 19.73 0.79 22.27
C LEU B 402 20.89 0.83 23.25
N GLY B 403 20.87 1.79 24.18
CA GLY B 403 21.94 1.88 25.16
C GLY B 403 21.98 0.71 26.11
N VAL B 404 20.82 0.31 26.63
CA VAL B 404 20.76 -0.82 27.55
C VAL B 404 21.12 -2.11 26.83
N LEU B 405 20.59 -2.32 25.63
CA LEU B 405 20.89 -3.52 24.87
C LEU B 405 22.37 -3.60 24.52
N SER B 406 22.96 -2.46 24.13
CA SER B 406 24.40 -2.43 23.90
C SER B 406 25.18 -2.63 25.19
N GLY B 407 24.59 -2.29 26.34
CA GLY B 407 25.23 -2.53 27.61
C GLY B 407 25.28 -4.00 27.98
N GLU B 408 24.37 -4.82 27.45
CA GLU B 408 24.42 -6.26 27.66
C GLU B 408 25.27 -6.98 26.64
N PHE B 409 25.41 -6.43 25.44
CA PHE B 409 26.33 -6.98 24.46
C PHE B 409 27.78 -6.69 24.81
N SER B 410 28.03 -5.56 25.47
CA SER B 410 29.36 -5.26 25.98
C SER B 410 29.70 -6.05 27.22
N LYS B 411 28.71 -6.32 28.08
CA LYS B 411 28.98 -7.05 29.32
C LYS B 411 29.55 -8.43 29.03
N GLU B 412 29.03 -9.11 28.02
CA GLU B 412 29.56 -10.42 27.63
C GLU B 412 30.88 -10.32 26.89
N ARG B 413 31.24 -9.13 26.38
CA ARG B 413 32.48 -9.00 25.63
C ARG B 413 33.70 -9.20 26.52
N GLU B 414 33.76 -8.49 27.65
CA GLU B 414 34.87 -8.71 28.58
C GLU B 414 34.72 -10.02 29.33
N LYS B 415 33.49 -10.48 29.53
CA LYS B 415 33.29 -11.78 30.16
C LYS B 415 33.83 -12.90 29.28
N ALA B 416 33.62 -12.80 27.97
CA ALA B 416 34.12 -13.82 27.04
C ALA B 416 35.63 -13.78 26.88
N LYS B 417 36.30 -12.71 27.36
CA LYS B 417 37.75 -12.68 27.29
C LYS B 417 38.37 -13.81 28.09
N ALA B 418 37.81 -14.12 29.26
CA ALA B 418 38.24 -15.26 30.05
C ALA B 418 37.49 -16.53 29.67
N ARG B 419 37.41 -16.78 28.36
CA ARG B 419 36.94 -18.05 27.84
C ARG B 419 37.77 -18.56 26.66
N GLY B 420 38.66 -17.76 26.10
CA GLY B 420 39.56 -18.21 25.06
C GLY B 420 39.03 -18.13 23.65
N ASP B 421 37.78 -17.70 23.46
CA ASP B 421 37.21 -17.62 22.11
C ASP B 421 37.98 -16.63 21.24
N PHE B 422 38.32 -15.48 21.80
CA PHE B 422 39.07 -14.49 21.03
C PHE B 422 40.47 -14.98 20.70
N GLN B 423 41.13 -15.62 21.66
CA GLN B 423 42.48 -16.13 21.41
C GLN B 423 42.49 -17.22 20.35
N LYS B 424 41.50 -18.13 20.40
CA LYS B 424 41.40 -19.17 19.38
C LYS B 424 41.17 -18.58 18.00
N LEU B 425 40.31 -17.57 17.91
CA LEU B 425 40.09 -16.89 16.64
C LEU B 425 41.34 -16.15 16.18
N ARG B 426 42.08 -15.55 17.12
CA ARG B 426 43.33 -14.90 16.75
C ARG B 426 44.38 -15.93 16.34
N GLU B 427 44.41 -17.08 17.02
CA GLU B 427 45.40 -18.10 16.70
C GLU B 427 45.23 -18.61 15.27
N LYS B 428 43.99 -18.88 14.86
CA LYS B 428 43.76 -19.34 13.50
C LYS B 428 43.97 -18.22 12.48
N GLN B 429 43.69 -16.97 12.86
CA GLN B 429 43.89 -15.85 11.96
C GLN B 429 45.37 -15.50 11.82
N GLN B 430 46.13 -15.56 12.93
CA GLN B 430 47.54 -15.22 12.88
C GLN B 430 48.31 -16.17 11.98
N LEU B 431 48.00 -17.46 12.04
CA LEU B 431 48.70 -18.47 11.27
C LEU B 431 48.04 -18.75 9.92
N GLU B 432 46.93 -18.08 9.60
CA GLU B 432 46.35 -18.24 8.27
C GLU B 432 47.24 -17.62 7.21
N GLU B 433 47.83 -16.46 7.50
CA GLU B 433 48.79 -15.84 6.60
C GLU B 433 50.11 -16.58 6.54
N ASP B 434 50.34 -17.51 7.47
CA ASP B 434 51.60 -18.27 7.48
C ASP B 434 51.75 -19.10 6.21
N LEU B 435 50.67 -19.74 5.76
CA LEU B 435 50.75 -20.58 4.57
C LEU B 435 51.06 -19.77 3.31
N LYS B 436 50.59 -18.52 3.25
CA LYS B 436 50.79 -17.70 2.06
C LYS B 436 52.27 -17.47 1.79
N GLY B 437 53.05 -17.20 2.83
CA GLY B 437 54.49 -17.03 2.68
C GLY B 437 55.28 -18.31 2.58
N TYR B 438 54.67 -19.46 2.86
CA TYR B 438 55.33 -20.75 2.78
C TYR B 438 54.93 -21.57 1.57
N LEU B 439 53.70 -21.40 1.05
CA LEU B 439 53.31 -22.13 -0.16
C LEU B 439 54.18 -21.73 -1.34
N ASP B 440 54.45 -20.43 -1.49
CA ASP B 440 55.37 -19.98 -2.53
C ASP B 440 56.82 -20.32 -2.20
N TRP B 441 57.13 -20.49 -0.91
CA TRP B 441 58.49 -20.84 -0.52
C TRP B 441 58.91 -22.19 -1.10
N ILE B 442 58.00 -23.16 -1.08
CA ILE B 442 58.29 -24.51 -1.57
C ILE B 442 57.89 -24.68 -3.03
N THR B 443 57.48 -23.62 -3.70
CA THR B 443 57.01 -23.69 -5.09
C THR B 443 58.00 -23.08 -6.08
N GLN B 444 58.43 -21.84 -5.85
CA GLN B 444 59.33 -21.16 -6.77
C GLN B 444 60.80 -21.35 -6.41
N ALA B 445 61.10 -22.08 -5.34
CA ALA B 445 62.49 -22.32 -4.96
C ALA B 445 63.15 -23.31 -5.90
N GLU B 446 62.64 -24.53 -5.94
CA GLU B 446 63.13 -25.57 -6.84
C GLU B 446 62.05 -26.16 -7.73
N ASP B 447 60.80 -26.17 -7.29
CA ASP B 447 59.71 -26.72 -8.07
C ASP B 447 59.29 -25.79 -9.20
N CYS B 516 58.25 -15.83 -16.83
CA CYS B 516 57.23 -16.84 -16.55
C CYS B 516 56.07 -16.23 -15.77
N ARG B 517 56.21 -16.17 -14.45
CA ARG B 517 55.20 -15.60 -13.57
C ARG B 517 55.49 -14.16 -13.19
N ALA B 518 56.55 -13.56 -13.75
CA ALA B 518 56.88 -12.18 -13.42
C ALA B 518 55.80 -11.22 -13.91
N ALA B 519 55.27 -11.45 -15.11
CA ALA B 519 54.26 -10.56 -15.66
C ALA B 519 52.97 -10.58 -14.85
N VAL B 520 52.54 -11.77 -14.40
CA VAL B 520 51.26 -11.90 -13.71
C VAL B 520 51.29 -11.14 -12.39
N LYS B 521 52.36 -11.29 -11.62
CA LYS B 521 52.46 -10.63 -10.33
C LYS B 521 53.02 -9.22 -10.43
N SER B 522 53.32 -8.74 -11.64
CA SER B 522 53.85 -7.40 -11.81
C SER B 522 52.81 -6.35 -11.44
N VAL B 523 53.29 -5.20 -10.98
CA VAL B 523 52.38 -4.12 -10.62
C VAL B 523 51.68 -3.56 -11.85
N THR B 524 52.31 -3.64 -13.02
CA THR B 524 51.66 -3.17 -14.24
C THR B 524 50.51 -4.08 -14.65
N PHE B 525 50.53 -5.35 -14.24
CA PHE B 525 49.41 -6.23 -14.49
C PHE B 525 48.24 -5.92 -13.56
N TYR B 526 48.54 -5.45 -12.34
CA TYR B 526 47.48 -5.12 -11.40
C TYR B 526 46.61 -3.98 -11.91
N TRP B 527 47.24 -2.95 -12.49
CA TRP B 527 46.46 -1.82 -13.00
C TRP B 527 45.64 -2.20 -14.21
N LEU B 528 46.18 -3.08 -15.07
CA LEU B 528 45.47 -3.43 -16.30
C LEU B 528 44.16 -4.15 -16.01
N VAL B 529 44.17 -5.10 -15.06
CA VAL B 529 42.95 -5.82 -14.75
C VAL B 529 41.95 -4.91 -14.05
N ILE B 530 42.44 -3.89 -13.32
CA ILE B 530 41.53 -2.91 -12.72
C ILE B 530 40.79 -2.14 -13.80
N VAL B 531 41.50 -1.76 -14.86
CA VAL B 531 40.84 -1.08 -15.98
C VAL B 531 39.82 -2.01 -16.63
N LEU B 532 40.18 -3.27 -16.83
CA LEU B 532 39.29 -4.21 -17.51
C LEU B 532 37.98 -4.38 -16.75
N VAL B 533 38.05 -4.41 -15.42
CA VAL B 533 36.83 -4.50 -14.61
C VAL B 533 35.99 -3.24 -14.78
N PHE B 534 36.64 -2.09 -14.95
CA PHE B 534 35.91 -0.82 -15.03
C PHE B 534 34.95 -0.80 -16.22
N LEU B 535 35.48 -0.90 -17.44
CA LEU B 535 34.62 -0.79 -18.61
C LEU B 535 33.69 -1.99 -18.76
N ASN B 536 34.02 -3.13 -18.13
CA ASN B 536 33.06 -4.22 -18.08
C ASN B 536 31.84 -3.84 -17.28
N THR B 537 32.03 -3.17 -16.14
CA THR B 537 30.90 -2.66 -15.37
C THR B 537 30.15 -1.60 -16.16
N LEU B 538 30.88 -0.75 -16.88
CA LEU B 538 30.24 0.30 -17.67
C LEU B 538 29.35 -0.29 -18.77
N THR B 539 29.70 -1.46 -19.30
CA THR B 539 28.85 -2.11 -20.29
C THR B 539 27.54 -2.59 -19.70
N ILE B 540 27.47 -2.77 -18.38
CA ILE B 540 26.24 -3.20 -17.73
C ILE B 540 25.44 -2.00 -17.21
N SER B 541 26.12 -1.01 -16.64
CA SER B 541 25.44 0.14 -16.07
C SER B 541 24.97 1.15 -17.11
N SER B 542 25.33 0.96 -18.38
CA SER B 542 24.88 1.85 -19.44
C SER B 542 23.56 1.42 -20.05
N GLU B 543 23.05 0.25 -19.69
CA GLU B 543 21.80 -0.25 -20.26
C GLU B 543 20.62 0.46 -19.62
N HIS B 544 19.70 0.94 -20.47
CA HIS B 544 18.52 1.66 -19.99
C HIS B 544 17.37 1.42 -20.95
N TYR B 545 16.19 1.84 -20.52
CA TYR B 545 14.99 1.70 -21.33
C TYR B 545 15.08 2.58 -22.58
N ASN B 546 14.62 2.04 -23.71
CA ASN B 546 14.63 2.74 -24.99
C ASN B 546 16.05 3.19 -25.38
N GLN B 547 17.03 2.37 -25.06
CA GLN B 547 18.41 2.69 -25.43
C GLN B 547 18.57 2.59 -26.95
N PRO B 548 19.42 3.43 -27.53
CA PRO B 548 19.60 3.40 -28.98
C PRO B 548 20.22 2.10 -29.46
N ASP B 549 19.96 1.79 -30.73
CA ASP B 549 20.44 0.53 -31.30
C ASP B 549 21.96 0.48 -31.33
N TRP B 550 22.61 1.62 -31.59
CA TRP B 550 24.07 1.62 -31.64
C TRP B 550 24.68 1.29 -30.29
N LEU B 551 24.09 1.80 -29.21
CA LEU B 551 24.58 1.48 -27.88
C LEU B 551 24.32 0.02 -27.54
N THR B 552 23.23 -0.55 -28.04
CA THR B 552 23.00 -1.98 -27.91
C THR B 552 24.08 -2.78 -28.64
N GLN B 553 24.47 -2.32 -29.83
CA GLN B 553 25.51 -3.00 -30.59
C GLN B 553 26.86 -2.95 -29.90
N ILE B 554 27.13 -1.88 -29.15
CA ILE B 554 28.40 -1.78 -28.43
C ILE B 554 28.42 -2.77 -27.26
N GLN B 555 27.30 -2.92 -26.57
CA GLN B 555 27.28 -3.72 -25.34
C GLN B 555 27.56 -5.19 -25.62
N ASP B 556 26.84 -5.78 -26.57
CA ASP B 556 27.05 -7.21 -26.84
C ASP B 556 28.37 -7.47 -27.54
N ILE B 557 28.83 -6.53 -28.38
CA ILE B 557 30.14 -6.68 -29.00
C ILE B 557 31.24 -6.63 -27.94
N ALA B 558 31.16 -5.65 -27.03
CA ALA B 558 32.13 -5.56 -25.95
C ALA B 558 31.92 -6.64 -24.90
N ASN B 559 30.74 -7.26 -24.85
CA ASN B 559 30.53 -8.39 -23.96
C ASN B 559 31.44 -9.56 -24.32
N LYS B 560 31.56 -9.84 -25.62
CA LYS B 560 32.46 -10.90 -26.07
C LYS B 560 33.92 -10.46 -26.04
N VAL B 561 34.19 -9.18 -26.34
CA VAL B 561 35.58 -8.70 -26.34
C VAL B 561 36.16 -8.77 -24.94
N LEU B 562 35.46 -8.25 -23.94
CA LEU B 562 35.93 -8.34 -22.57
C LEU B 562 35.93 -9.78 -22.08
N LEU B 563 35.07 -10.63 -22.64
CA LEU B 563 35.11 -12.04 -22.33
C LEU B 563 36.43 -12.66 -22.80
N ALA B 564 36.89 -12.29 -23.99
CA ALA B 564 38.15 -12.81 -24.50
C ALA B 564 39.33 -12.34 -23.65
N LEU B 565 39.35 -11.06 -23.29
CA LEU B 565 40.44 -10.54 -22.47
C LEU B 565 40.48 -11.21 -21.11
N PHE B 566 39.31 -11.40 -20.49
CA PHE B 566 39.25 -12.15 -19.25
C PHE B 566 39.65 -13.60 -19.47
N THR B 567 39.20 -14.19 -20.58
CA THR B 567 39.64 -15.54 -20.93
C THR B 567 41.14 -15.59 -21.17
N CYS B 568 41.66 -14.59 -21.90
CA CYS B 568 43.11 -14.50 -22.09
C CYS B 568 43.82 -14.34 -20.76
N GLU B 569 43.27 -13.49 -19.88
CA GLU B 569 43.79 -13.39 -18.52
C GLU B 569 43.58 -14.69 -17.77
N MET B 570 42.47 -15.39 -18.03
CA MET B 570 42.23 -16.68 -17.39
C MET B 570 43.24 -17.73 -17.87
N LEU B 571 43.40 -17.85 -19.19
CA LEU B 571 44.29 -18.87 -19.73
C LEU B 571 45.74 -18.61 -19.38
N VAL B 572 46.18 -17.34 -19.44
CA VAL B 572 47.55 -17.00 -19.12
C VAL B 572 47.85 -17.28 -17.66
N LYS B 573 46.93 -16.92 -16.77
CA LYS B 573 47.16 -17.11 -15.34
C LYS B 573 47.26 -18.60 -14.99
N MET B 574 46.43 -19.44 -15.62
CA MET B 574 46.47 -20.86 -15.33
C MET B 574 47.80 -21.48 -15.69
N TYR B 575 48.35 -21.13 -16.85
CA TYR B 575 49.64 -21.70 -17.27
C TYR B 575 50.80 -20.83 -16.82
N SER B 576 50.80 -20.44 -15.55
CA SER B 576 51.93 -19.73 -14.97
C SER B 576 52.29 -20.13 -13.55
N LEU B 577 51.41 -20.77 -12.80
CA LEU B 577 51.74 -21.10 -11.41
C LEU B 577 51.48 -22.56 -11.06
N GLY B 578 50.41 -23.15 -11.56
CA GLY B 578 50.05 -24.51 -11.19
C GLY B 578 48.65 -24.63 -10.66
N LEU B 579 47.94 -25.69 -11.06
CA LEU B 579 46.52 -25.82 -10.75
C LEU B 579 46.28 -25.91 -9.25
N GLN B 580 47.17 -26.59 -8.52
CA GLN B 580 46.95 -26.78 -7.09
C GLN B 580 46.94 -25.45 -6.34
N ALA B 581 47.83 -24.53 -6.72
CA ALA B 581 47.92 -23.25 -6.02
C ALA B 581 46.71 -22.38 -6.27
N TYR B 582 46.08 -22.49 -7.45
CA TYR B 582 44.91 -21.67 -7.75
C TYR B 582 43.74 -22.02 -6.84
N PHE B 583 43.52 -23.31 -6.62
CA PHE B 583 42.41 -23.74 -5.77
C PHE B 583 42.64 -23.38 -4.30
N VAL B 584 43.85 -22.99 -3.92
CA VAL B 584 44.10 -22.54 -2.56
C VAL B 584 43.32 -21.26 -2.27
N SER B 585 43.36 -20.32 -3.20
CA SER B 585 42.63 -19.07 -3.02
C SER B 585 41.13 -19.30 -3.17
N LEU B 586 40.36 -18.75 -2.24
CA LEU B 586 38.90 -18.89 -2.32
C LEU B 586 38.35 -18.16 -3.54
N PHE B 587 38.86 -16.96 -3.81
CA PHE B 587 38.33 -16.16 -4.91
C PHE B 587 38.64 -16.77 -6.27
N ASN B 588 39.82 -17.41 -6.39
CA ASN B 588 40.21 -17.97 -7.68
C ASN B 588 39.24 -19.05 -8.14
N ARG B 589 38.75 -19.87 -7.20
CA ARG B 589 37.68 -20.81 -7.54
C ARG B 589 36.41 -20.08 -7.93
N PHE B 590 36.09 -18.99 -7.23
CA PHE B 590 34.94 -18.18 -7.60
C PHE B 590 35.18 -17.45 -8.92
N ASP B 591 36.40 -16.98 -9.14
CA ASP B 591 36.70 -16.23 -10.36
C ASP B 591 36.54 -17.10 -11.60
N CYS B 592 36.99 -18.36 -11.54
CA CYS B 592 36.79 -19.25 -12.67
C CYS B 592 35.32 -19.64 -12.83
N PHE B 593 34.54 -19.58 -11.76
CA PHE B 593 33.10 -19.85 -11.87
C PHE B 593 32.42 -18.81 -12.74
N VAL B 594 32.79 -17.54 -12.58
CA VAL B 594 32.15 -16.47 -13.34
C VAL B 594 32.49 -16.56 -14.82
N VAL B 595 33.78 -16.79 -15.13
CA VAL B 595 34.19 -16.86 -16.53
C VAL B 595 33.59 -18.10 -17.21
N CYS B 596 33.33 -19.15 -16.44
CA CYS B 596 32.68 -20.33 -17.01
C CYS B 596 31.27 -19.99 -17.51
N GLY B 597 30.54 -19.19 -16.74
CA GLY B 597 29.24 -18.71 -17.20
C GLY B 597 29.30 -17.61 -18.22
N GLY B 598 30.41 -16.86 -18.26
CA GLY B 598 30.54 -15.80 -19.25
C GLY B 598 30.62 -16.32 -20.66
N ILE B 599 31.42 -17.37 -20.87
CA ILE B 599 31.50 -17.99 -22.20
C ILE B 599 30.20 -18.70 -22.54
N THR B 600 29.56 -19.33 -21.54
CA THR B 600 28.29 -20.00 -21.79
C THR B 600 27.21 -19.03 -22.24
N GLU B 601 27.29 -17.77 -21.77
CA GLU B 601 26.29 -16.78 -22.12
C GLU B 601 26.28 -16.48 -23.62
N THR B 602 27.46 -16.19 -24.19
CA THR B 602 27.52 -15.82 -25.60
C THR B 602 27.16 -16.99 -26.51
N ILE B 603 27.66 -18.19 -26.20
CA ILE B 603 27.40 -19.34 -27.07
C ILE B 603 25.92 -19.71 -27.03
N LEU B 604 25.28 -19.57 -25.87
CA LEU B 604 23.86 -19.89 -25.77
C LEU B 604 23.00 -18.83 -26.45
N VAL B 605 23.37 -17.55 -26.31
CA VAL B 605 22.60 -16.47 -26.91
C VAL B 605 22.62 -16.59 -28.44
N GLU B 606 23.79 -16.85 -29.00
CA GLU B 606 23.91 -17.01 -30.45
C GLU B 606 23.39 -18.35 -30.95
N LEU B 607 23.10 -19.28 -30.06
CA LEU B 607 22.60 -20.60 -30.44
C LEU B 607 21.10 -20.52 -30.67
N GLU B 608 20.44 -21.68 -30.80
CA GLU B 608 19.01 -21.74 -31.08
C GLU B 608 18.16 -21.70 -29.81
N ILE B 609 18.68 -21.16 -28.71
CA ILE B 609 17.94 -20.98 -27.48
C ILE B 609 17.66 -19.50 -27.31
N MET B 610 16.39 -19.12 -27.41
CA MET B 610 16.03 -17.71 -27.26
C MET B 610 16.20 -17.24 -25.82
N SER B 611 15.70 -18.03 -24.86
CA SER B 611 15.79 -17.75 -23.43
C SER B 611 15.46 -16.30 -23.12
N PRO B 612 14.19 -15.89 -23.27
CA PRO B 612 13.87 -14.45 -23.14
C PRO B 612 14.29 -13.85 -21.81
N LEU B 613 14.16 -14.60 -20.72
CA LEU B 613 14.62 -14.15 -19.41
C LEU B 613 16.07 -14.56 -19.15
N GLY B 614 16.61 -15.50 -19.93
CA GLY B 614 17.96 -15.97 -19.68
C GLY B 614 19.02 -14.90 -19.86
N ILE B 615 18.75 -13.89 -20.69
CA ILE B 615 19.69 -12.78 -20.83
C ILE B 615 19.80 -12.02 -19.50
N SER B 616 18.66 -11.77 -18.85
CA SER B 616 18.68 -10.96 -17.62
C SER B 616 19.49 -11.64 -16.52
N VAL B 617 19.30 -12.94 -16.32
CA VAL B 617 20.00 -13.63 -15.24
C VAL B 617 21.49 -13.70 -15.53
N PHE B 618 21.86 -13.93 -16.79
CA PHE B 618 23.28 -14.03 -17.13
C PHE B 618 23.98 -12.68 -17.03
N ARG B 619 23.31 -11.59 -17.42
CA ARG B 619 23.92 -10.27 -17.32
C ARG B 619 24.18 -9.88 -15.88
N CYS B 620 23.45 -10.46 -14.93
CA CYS B 620 23.67 -10.21 -13.51
C CYS B 620 24.76 -11.11 -12.93
N VAL B 621 25.30 -12.04 -13.72
CA VAL B 621 26.37 -12.90 -13.25
C VAL B 621 27.74 -12.29 -13.52
N ARG B 622 27.93 -11.72 -14.72
CA ARG B 622 29.19 -11.06 -15.03
C ARG B 622 29.39 -9.77 -14.25
N LEU B 623 28.36 -9.30 -13.55
CA LEU B 623 28.49 -8.18 -12.63
C LEU B 623 29.22 -8.55 -11.35
N LEU B 624 29.49 -9.84 -11.13
CA LEU B 624 30.07 -10.32 -9.89
C LEU B 624 31.58 -10.15 -9.81
N ARG B 625 32.23 -9.65 -10.87
CA ARG B 625 33.66 -9.42 -10.82
C ARG B 625 34.02 -8.03 -10.32
N ILE B 626 33.04 -7.24 -9.91
CA ILE B 626 33.33 -5.96 -9.27
C ILE B 626 34.11 -6.18 -7.98
N PHE B 627 33.93 -7.34 -7.34
CA PHE B 627 34.65 -7.67 -6.12
C PHE B 627 36.14 -7.92 -6.36
N LYS B 628 36.59 -7.95 -7.62
CA LYS B 628 38.02 -8.08 -7.88
C LYS B 628 38.83 -6.92 -7.31
N VAL B 629 38.19 -5.79 -7.06
CA VAL B 629 38.91 -4.64 -6.50
C VAL B 629 38.77 -4.54 -4.98
N THR B 630 37.78 -5.22 -4.39
CA THR B 630 37.55 -5.15 -2.96
C THR B 630 38.24 -6.26 -2.19
N ARG B 631 39.04 -7.08 -2.85
CA ARG B 631 39.74 -8.16 -2.17
C ARG B 631 41.08 -7.71 -1.59
N HIS B 632 41.47 -6.45 -1.75
CA HIS B 632 42.74 -5.95 -1.27
C HIS B 632 42.57 -4.65 -0.49
N TRP B 633 41.56 -4.58 0.39
CA TRP B 633 41.44 -3.41 1.24
C TRP B 633 42.54 -3.36 2.29
N THR B 634 42.77 -4.49 2.98
CA THR B 634 43.65 -4.64 4.13
C THR B 634 43.08 -3.90 5.35
N SER B 635 41.97 -3.18 5.19
CA SER B 635 41.37 -2.39 6.26
C SER B 635 40.12 -3.01 6.86
N LEU B 636 39.34 -3.76 6.08
CA LEU B 636 38.17 -4.44 6.61
C LEU B 636 38.11 -5.92 6.22
N SER B 637 39.15 -6.45 5.58
CA SER B 637 39.15 -7.87 5.25
C SER B 637 39.14 -8.73 6.50
N ASN B 638 39.64 -8.20 7.62
CA ASN B 638 39.56 -8.91 8.89
C ASN B 638 38.12 -9.01 9.38
N LEU B 639 37.27 -8.05 9.02
CA LEU B 639 35.85 -8.15 9.36
C LEU B 639 35.20 -9.31 8.64
N VAL B 640 35.56 -9.52 7.37
CA VAL B 640 35.01 -10.64 6.61
C VAL B 640 35.40 -11.96 7.26
N ALA B 641 36.63 -12.08 7.73
CA ALA B 641 37.06 -13.29 8.42
C ALA B 641 36.27 -13.52 9.70
N SER B 642 35.79 -12.45 10.33
CA SER B 642 34.97 -12.61 11.53
C SER B 642 33.56 -13.09 11.20
N LEU B 643 33.06 -12.75 10.01
CA LEU B 643 31.73 -13.17 9.59
C LEU B 643 31.72 -14.59 9.01
N LEU B 644 32.88 -15.21 8.83
CA LEU B 644 32.97 -16.55 8.25
C LEU B 644 33.04 -17.65 9.31
N ASN B 645 33.79 -17.44 10.38
CA ASN B 645 33.87 -18.42 11.45
C ASN B 645 32.70 -18.32 12.43
N SER B 646 31.84 -17.32 12.28
CA SER B 646 30.63 -17.18 13.08
C SER B 646 29.38 -17.57 12.30
N MET B 647 29.55 -18.39 11.26
CA MET B 647 28.39 -18.79 10.44
C MET B 647 27.42 -19.62 11.25
N LYS B 648 27.91 -20.50 12.13
CA LYS B 648 27.03 -21.30 12.96
C LYS B 648 26.21 -20.42 13.91
N SER B 649 26.72 -19.24 14.26
CA SER B 649 25.98 -18.30 15.10
C SER B 649 25.11 -17.36 14.27
N ILE B 650 25.59 -16.97 13.09
CA ILE B 650 24.80 -16.10 12.23
C ILE B 650 23.61 -16.85 11.65
N ALA B 651 23.82 -18.07 11.18
CA ALA B 651 22.73 -18.83 10.56
C ALA B 651 21.66 -19.22 11.57
N SER B 652 22.08 -19.59 12.78
CA SER B 652 21.12 -20.01 13.80
C SER B 652 20.18 -18.86 14.19
N LEU B 653 20.74 -17.65 14.34
CA LEU B 653 19.91 -16.49 14.66
C LEU B 653 18.97 -16.14 13.51
N LEU B 654 19.46 -16.24 12.27
CA LEU B 654 18.62 -15.97 11.11
C LEU B 654 17.47 -16.97 11.01
N LEU B 655 17.75 -18.24 11.30
CA LEU B 655 16.72 -19.27 11.22
C LEU B 655 15.69 -19.11 12.33
N LEU B 656 16.10 -18.68 13.52
CA LEU B 656 15.16 -18.43 14.60
C LEU B 656 14.21 -17.29 14.23
N LEU B 657 14.73 -16.26 13.55
CA LEU B 657 13.87 -15.19 13.06
C LEU B 657 12.92 -15.73 11.99
N PHE B 658 13.40 -16.62 11.13
CA PHE B 658 12.54 -17.21 10.11
C PHE B 658 11.42 -18.03 10.72
N LEU B 659 11.72 -18.81 11.76
CA LEU B 659 10.70 -19.59 12.44
C LEU B 659 9.67 -18.69 13.12
N PHE B 660 10.11 -17.55 13.65
CA PHE B 660 9.16 -16.60 14.23
C PHE B 660 8.22 -16.04 13.17
N ILE B 661 8.74 -15.72 11.99
CA ILE B 661 7.90 -15.21 10.91
C ILE B 661 6.96 -16.29 10.40
N ILE B 662 7.45 -17.53 10.33
CA ILE B 662 6.63 -18.63 9.82
C ILE B 662 5.43 -18.87 10.73
N ILE B 663 5.66 -18.86 12.06
CA ILE B 663 4.56 -19.09 12.99
C ILE B 663 3.52 -17.98 12.90
N PHE B 664 3.98 -16.73 12.86
CA PHE B 664 3.05 -15.61 12.81
C PHE B 664 2.36 -15.49 11.45
N SER B 665 2.94 -16.06 10.40
CA SER B 665 2.28 -16.08 9.11
C SER B 665 1.14 -17.10 9.09
N LEU B 666 1.39 -18.29 9.68
CA LEU B 666 0.33 -19.29 9.77
C LEU B 666 -0.76 -18.90 10.72
N LEU B 667 -0.41 -18.23 11.83
CA LEU B 667 -1.43 -17.73 12.75
C LEU B 667 -2.28 -16.65 12.10
N GLY B 668 -1.66 -15.77 11.30
CA GLY B 668 -2.40 -14.74 10.61
C GLY B 668 -3.25 -15.25 9.48
N MET B 669 -2.93 -16.43 8.94
CA MET B 669 -3.81 -17.05 7.94
C MET B 669 -5.12 -17.52 8.58
N GLN B 670 -5.06 -17.98 9.82
CA GLN B 670 -6.28 -18.43 10.49
C GLN B 670 -7.19 -17.27 10.83
N LEU B 671 -6.64 -16.19 11.40
CA LEU B 671 -7.47 -15.11 11.88
C LEU B 671 -8.01 -14.25 10.75
N PHE B 672 -7.17 -13.92 9.77
CA PHE B 672 -7.53 -12.96 8.73
C PHE B 672 -7.50 -13.57 7.34
N GLY B 673 -7.53 -14.88 7.22
CA GLY B 673 -7.52 -15.52 5.92
C GLY B 673 -8.84 -15.42 5.19
N GLY B 674 -8.86 -14.64 4.12
CA GLY B 674 -10.07 -14.45 3.34
C GLY B 674 -11.09 -13.52 3.95
N LYS B 675 -10.77 -12.87 5.07
CA LYS B 675 -11.70 -11.98 5.74
C LYS B 675 -11.49 -10.52 5.36
N PHE B 676 -10.58 -10.21 4.44
CA PHE B 676 -10.31 -8.85 4.03
C PHE B 676 -11.16 -8.42 2.84
N ASN B 677 -12.29 -9.10 2.59
CA ASN B 677 -13.17 -8.81 1.47
C ASN B 677 -14.41 -8.03 1.89
N PHE B 678 -14.28 -7.15 2.87
CA PHE B 678 -15.42 -6.41 3.39
C PHE B 678 -15.63 -5.06 2.69
N ASP B 679 -14.63 -4.59 1.93
CA ASP B 679 -14.74 -3.25 1.36
C ASP B 679 -15.72 -3.21 0.19
N GLU B 680 -15.70 -4.22 -0.67
CA GLU B 680 -16.56 -4.35 -1.84
C GLU B 680 -16.31 -3.26 -2.88
N THR B 681 -15.29 -2.42 -2.69
CA THR B 681 -14.95 -1.38 -3.65
C THR B 681 -13.50 -1.38 -4.06
N GLN B 682 -12.64 -2.15 -3.41
CA GLN B 682 -11.23 -2.20 -3.77
C GLN B 682 -10.65 -3.53 -3.32
N THR B 683 -9.50 -3.87 -3.89
CA THR B 683 -8.80 -5.12 -3.60
C THR B 683 -7.60 -4.83 -2.71
N LYS B 684 -7.63 -5.34 -1.48
CA LYS B 684 -6.49 -5.23 -0.58
C LYS B 684 -5.34 -6.09 -1.08
N ARG B 685 -4.13 -5.55 -1.05
CA ARG B 685 -2.97 -6.29 -1.52
C ARG B 685 -2.13 -6.88 -0.41
N SER B 686 -2.16 -6.27 0.79
CA SER B 686 -1.48 -6.81 1.97
C SER B 686 -2.49 -7.63 2.77
N THR B 687 -2.66 -8.88 2.37
CA THR B 687 -3.64 -9.78 2.96
C THR B 687 -2.95 -11.03 3.48
N PHE B 688 -3.76 -11.98 3.96
CA PHE B 688 -3.30 -13.28 4.44
C PHE B 688 -4.00 -14.39 3.66
N ASP B 689 -4.22 -14.17 2.36
CA ASP B 689 -5.01 -15.11 1.56
C ASP B 689 -4.31 -16.46 1.44
N ASN B 690 -3.00 -16.47 1.28
CA ASN B 690 -2.24 -17.70 1.18
C ASN B 690 -0.87 -17.50 1.82
N PHE B 691 -0.11 -18.58 1.93
CA PHE B 691 1.16 -18.52 2.65
C PHE B 691 2.15 -17.55 2.04
N PRO B 692 2.40 -17.54 0.72
CA PRO B 692 3.34 -16.54 0.18
C PRO B 692 2.92 -15.10 0.45
N GLN B 693 1.61 -14.81 0.38
CA GLN B 693 1.15 -13.45 0.65
C GLN B 693 1.16 -13.14 2.14
N ALA B 694 0.74 -14.08 2.97
CA ALA B 694 0.78 -13.86 4.42
C ALA B 694 2.21 -13.73 4.91
N LEU B 695 3.16 -14.35 4.21
CA LEU B 695 4.56 -14.24 4.57
C LEU B 695 5.11 -12.86 4.22
N LEU B 696 4.58 -12.22 3.17
CA LEU B 696 5.00 -10.88 2.82
C LEU B 696 4.38 -9.83 3.74
N THR B 697 3.12 -10.04 4.14
CA THR B 697 2.47 -9.10 5.04
C THR B 697 3.15 -9.05 6.40
N VAL B 698 3.51 -10.22 6.96
CA VAL B 698 4.20 -10.25 8.24
C VAL B 698 5.55 -9.58 8.12
N PHE B 699 6.24 -9.78 6.99
CA PHE B 699 7.50 -9.09 6.75
C PHE B 699 7.30 -7.58 6.69
N GLN B 700 6.22 -7.14 6.04
CA GLN B 700 5.95 -5.70 5.95
C GLN B 700 5.65 -5.09 7.31
N ILE B 701 4.87 -5.79 8.14
CA ILE B 701 4.62 -5.31 9.50
C ILE B 701 5.91 -5.35 10.31
N LEU B 702 6.77 -6.33 10.05
CA LEU B 702 8.01 -6.44 10.80
C LEU B 702 8.91 -5.23 10.56
N THR B 703 8.98 -4.76 9.32
CA THR B 703 9.71 -3.53 9.04
C THR B 703 9.01 -2.29 9.58
N GLY B 704 7.76 -2.41 9.98
CA GLY B 704 7.02 -1.31 10.58
C GLY B 704 6.38 -0.35 9.61
N GLU B 705 6.46 -0.61 8.31
CA GLU B 705 5.93 0.31 7.31
C GLU B 705 4.46 -0.01 7.04
N ASP B 706 3.59 0.96 7.32
CA ASP B 706 2.15 0.82 7.14
C ASP B 706 1.59 -0.32 7.97
N TRP B 707 2.21 -0.59 9.13
CA TRP B 707 1.72 -1.66 9.99
C TRP B 707 0.35 -1.34 10.55
N ASN B 708 0.02 -0.05 10.70
CA ASN B 708 -1.30 0.32 11.20
C ASN B 708 -2.37 0.10 10.14
N ALA B 709 -2.04 0.28 8.87
CA ALA B 709 -3.04 0.09 7.82
C ALA B 709 -3.52 -1.35 7.76
N VAL B 710 -2.60 -2.31 7.95
CA VAL B 710 -3.00 -3.71 8.04
C VAL B 710 -3.80 -3.96 9.30
N MET B 711 -3.47 -3.26 10.39
CA MET B 711 -4.19 -3.44 11.64
C MET B 711 -5.62 -2.97 11.53
N TYR B 712 -5.86 -1.87 10.80
CA TYR B 712 -7.22 -1.40 10.61
C TYR B 712 -8.06 -2.43 9.85
N ASP B 713 -7.47 -3.05 8.83
CA ASP B 713 -8.19 -4.08 8.08
C ASP B 713 -8.52 -5.27 8.96
N GLY B 714 -7.60 -5.66 9.84
CA GLY B 714 -7.89 -6.75 10.77
C GLY B 714 -9.00 -6.41 11.74
N ILE B 715 -9.05 -5.16 12.19
CA ILE B 715 -10.11 -4.74 13.09
C ILE B 715 -11.45 -4.68 12.37
N MET B 716 -11.46 -4.10 11.16
CA MET B 716 -12.71 -4.00 10.40
C MET B 716 -13.20 -5.36 9.91
N ALA B 717 -12.32 -6.35 9.85
CA ALA B 717 -12.74 -7.69 9.44
C ALA B 717 -13.54 -8.40 10.52
N TYR B 718 -13.44 -7.95 11.77
CA TYR B 718 -14.10 -8.60 12.90
C TYR B 718 -15.22 -7.75 13.48
N GLY B 719 -15.75 -6.80 12.71
CA GLY B 719 -16.88 -6.01 13.17
C GLY B 719 -16.66 -4.51 13.13
N GLY B 720 -15.46 -4.07 13.51
CA GLY B 720 -15.14 -2.67 13.48
C GLY B 720 -14.78 -2.13 14.85
N PRO B 721 -14.84 -0.80 15.00
CA PRO B 721 -14.49 -0.20 16.30
C PRO B 721 -15.35 -0.70 17.45
N SER B 722 -16.63 -0.93 17.21
CA SER B 722 -17.52 -1.47 18.24
C SER B 722 -17.30 -2.98 18.35
N SER B 723 -18.17 -3.64 19.10
CA SER B 723 -18.13 -5.09 19.26
C SER B 723 -16.79 -5.56 19.82
N SER B 724 -16.51 -6.85 19.68
CA SER B 724 -15.26 -7.43 20.14
C SER B 724 -14.22 -7.52 19.04
N GLY B 725 -14.43 -6.83 17.91
CA GLY B 725 -13.45 -6.84 16.85
C GLY B 725 -12.22 -6.00 17.12
N MET B 726 -12.27 -5.13 18.13
CA MET B 726 -11.12 -4.31 18.47
C MET B 726 -10.06 -5.06 19.26
N ILE B 727 -10.42 -6.18 19.90
CA ILE B 727 -9.44 -6.90 20.71
C ILE B 727 -8.43 -7.64 19.84
N VAL B 728 -8.74 -7.88 18.57
CA VAL B 728 -7.81 -8.59 17.69
C VAL B 728 -6.59 -7.76 17.37
N CYS B 729 -6.60 -6.48 17.72
CA CYS B 729 -5.46 -5.60 17.46
C CYS B 729 -4.22 -6.00 18.23
N ILE B 730 -4.35 -6.86 19.26
CA ILE B 730 -3.19 -7.31 20.01
C ILE B 730 -2.28 -8.19 19.16
N TYR B 731 -2.80 -8.79 18.10
CA TYR B 731 -1.95 -9.57 17.21
C TYR B 731 -0.88 -8.70 16.57
N PHE B 732 -1.27 -7.51 16.09
CA PHE B 732 -0.32 -6.62 15.45
C PHE B 732 0.59 -5.93 16.46
N ILE B 733 0.08 -5.66 17.66
CA ILE B 733 0.92 -5.08 18.70
C ILE B 733 1.98 -6.07 19.15
N ILE B 734 1.58 -7.33 19.36
CA ILE B 734 2.54 -8.36 19.77
C ILE B 734 3.54 -8.63 18.65
N LEU B 735 3.06 -8.71 17.41
CA LEU B 735 3.95 -8.96 16.29
C LEU B 735 4.96 -7.84 16.12
N PHE B 736 4.54 -6.60 16.29
CA PHE B 736 5.45 -5.47 16.17
C PHE B 736 6.46 -5.45 17.32
N ILE B 737 5.97 -5.56 18.56
CA ILE B 737 6.85 -5.41 19.71
C ILE B 737 7.79 -6.61 19.83
N CYS B 738 7.26 -7.82 19.75
CA CYS B 738 8.08 -9.01 19.86
C CYS B 738 8.83 -9.34 18.58
N GLY B 739 8.53 -8.66 17.49
CA GLY B 739 9.25 -8.86 16.25
C GLY B 739 10.43 -7.94 16.11
N ASN B 740 10.22 -6.65 16.39
CA ASN B 740 11.32 -5.70 16.32
C ASN B 740 12.33 -5.93 17.45
N TYR B 741 11.89 -6.52 18.56
CA TYR B 741 12.83 -6.86 19.62
C TYR B 741 13.80 -7.94 19.16
N ILE B 742 13.31 -8.95 18.43
CA ILE B 742 14.19 -9.99 17.93
C ILE B 742 15.15 -9.43 16.89
N LEU B 743 14.69 -8.49 16.07
CA LEU B 743 15.58 -7.87 15.09
C LEU B 743 16.74 -7.17 15.75
N LEU B 744 16.52 -6.58 16.92
CA LEU B 744 17.60 -5.92 17.65
C LEU B 744 18.52 -6.92 18.35
N ASN B 745 18.09 -8.16 18.52
CA ASN B 745 18.93 -9.20 19.09
C ASN B 745 19.52 -10.12 18.03
N VAL B 746 19.28 -9.86 16.75
CA VAL B 746 19.84 -10.63 15.65
C VAL B 746 20.83 -9.81 14.84
N PHE B 747 20.36 -8.71 14.24
CA PHE B 747 21.24 -7.89 13.42
C PHE B 747 22.18 -7.02 14.24
N LEU B 748 21.73 -6.53 15.39
CA LEU B 748 22.60 -5.76 16.28
C LEU B 748 23.47 -6.65 17.17
N ALA B 749 23.16 -7.93 17.28
CA ALA B 749 24.02 -8.86 17.99
C ALA B 749 25.22 -9.30 17.17
N ILE B 750 25.23 -9.00 15.87
CA ILE B 750 26.35 -9.31 15.00
C ILE B 750 27.20 -8.05 14.84
N ALA B 751 26.55 -6.88 14.87
CA ALA B 751 27.29 -5.64 14.74
C ALA B 751 28.18 -5.35 15.94
N VAL B 752 27.92 -6.00 17.08
CA VAL B 752 28.68 -5.73 18.30
C VAL B 752 29.51 -6.93 18.74
N ASP B 753 29.09 -8.16 18.44
CA ASP B 753 29.86 -9.33 18.79
C ASP B 753 30.77 -9.81 17.66
N ASN B 754 30.73 -9.17 16.49
CA ASN B 754 31.60 -9.52 15.38
C ASN B 754 32.46 -8.36 14.90
N LEU B 755 31.92 -7.15 14.86
CA LEU B 755 32.72 -6.01 14.44
C LEU B 755 33.73 -5.61 15.51
N ALA B 756 33.32 -5.71 16.78
CA ALA B 756 34.26 -5.44 17.87
C ALA B 756 35.44 -6.40 17.82
N ASP B 757 35.19 -7.65 17.44
CA ASP B 757 36.29 -8.61 17.28
C ASP B 757 37.24 -8.17 16.18
N ALA B 758 36.70 -7.67 15.06
CA ALA B 758 37.57 -7.19 13.98
C ALA B 758 38.41 -6.02 14.43
N GLU B 759 37.83 -5.08 15.17
CA GLU B 759 38.61 -3.97 15.72
C GLU B 759 39.62 -4.48 16.74
N SER B 760 39.22 -5.43 17.58
CA SER B 760 40.16 -6.05 18.51
C SER B 760 41.25 -6.81 17.75
N LEU B 761 40.87 -7.52 16.69
CA LEU B 761 41.86 -8.21 15.87
C LEU B 761 42.83 -7.22 15.23
N ASN B 762 42.31 -6.10 14.73
CA ASN B 762 43.18 -5.07 14.16
C ASN B 762 44.07 -4.46 15.23
N THR B 763 43.53 -4.25 16.45
CA THR B 763 44.34 -3.73 17.53
C THR B 763 45.47 -4.69 17.89
N ALA B 764 45.18 -5.98 17.94
CA ALA B 764 46.20 -6.97 18.25
C ALA B 764 47.15 -7.20 17.08
N GLN B 765 46.65 -7.05 15.85
CA GLN B 765 47.50 -7.23 14.68
C GLN B 765 48.62 -6.19 14.64
N LYS B 766 48.29 -4.95 14.99
CA LYS B 766 49.30 -3.88 14.95
C LYS B 766 50.42 -4.15 15.94
N GLU B 767 50.07 -4.63 17.14
CA GLU B 767 51.09 -4.89 18.16
C GLU B 767 52.03 -6.01 17.72
N GLU B 768 51.49 -7.07 17.13
CA GLU B 768 52.34 -8.17 16.67
C GLU B 768 53.18 -7.75 15.45
N ALA B 769 52.60 -6.93 14.57
CA ALA B 769 53.35 -6.47 13.41
C ALA B 769 54.38 -5.40 13.78
N GLU B 770 54.13 -4.67 14.86
CA GLU B 770 55.08 -3.64 15.29
C GLU B 770 56.41 -4.26 15.71
N GLU B 771 56.36 -5.42 16.38
CA GLU B 771 57.59 -6.09 16.78
C GLU B 771 58.40 -6.53 15.56
N LYS B 772 57.73 -7.01 14.52
CA LYS B 772 58.40 -7.45 13.31
C LYS B 772 59.06 -6.28 12.58
N ILE B 875 49.02 53.16 16.66
CA ILE B 875 49.48 51.93 17.29
C ILE B 875 48.44 50.83 17.11
N ARG B 876 48.90 49.60 16.90
CA ARG B 876 48.02 48.45 16.75
C ARG B 876 47.64 47.81 18.07
N VAL B 877 48.28 48.21 19.17
CA VAL B 877 47.98 47.62 20.48
C VAL B 877 46.59 48.02 20.94
N GLY B 878 46.19 49.27 20.69
CA GLY B 878 44.89 49.74 21.15
C GLY B 878 43.73 48.98 20.54
N CYS B 879 43.78 48.73 19.23
CA CYS B 879 42.72 47.98 18.58
C CYS B 879 42.78 46.50 18.93
N HIS B 880 43.98 45.97 19.17
CA HIS B 880 44.12 44.56 19.52
C HIS B 880 43.45 44.24 20.85
N LYS B 881 43.54 45.16 21.82
CA LYS B 881 42.94 44.93 23.12
C LYS B 881 41.43 44.82 23.02
N LEU B 882 40.80 45.67 22.21
CA LEU B 882 39.36 45.63 22.06
C LEU B 882 38.89 44.32 21.42
N ILE B 883 39.63 43.83 20.43
CA ILE B 883 39.27 42.58 19.76
C ILE B 883 39.33 41.42 20.75
N ASN B 884 40.41 41.34 21.53
CA ASN B 884 40.57 40.28 22.52
C ASN B 884 40.04 40.73 23.88
N HIS B 885 38.76 41.09 23.90
CA HIS B 885 38.09 41.56 25.09
C HIS B 885 37.11 40.51 25.58
N HIS B 886 36.45 40.82 26.69
CA HIS B 886 35.47 39.90 27.27
C HIS B 886 34.04 40.28 26.94
N ILE B 887 33.74 41.56 26.76
CA ILE B 887 32.37 42.01 26.52
C ILE B 887 32.17 42.27 25.03
N PHE B 888 33.26 42.57 24.31
CA PHE B 888 33.14 42.82 22.88
C PHE B 888 32.81 41.53 22.13
N THR B 889 33.50 40.43 22.47
CA THR B 889 33.25 39.17 21.79
C THR B 889 31.88 38.59 22.12
N ASN B 890 31.31 38.94 23.26
CA ASN B 890 29.96 38.47 23.58
C ASN B 890 28.92 39.22 22.77
N LEU B 891 29.08 40.54 22.61
CA LEU B 891 28.13 41.32 21.85
C LEU B 891 28.12 40.92 20.38
N ILE B 892 29.30 40.67 19.81
CA ILE B 892 29.35 40.27 18.40
C ILE B 892 28.78 38.87 18.23
N LEU B 893 28.90 38.02 19.25
CA LEU B 893 28.35 36.67 19.18
C LEU B 893 26.84 36.67 19.30
N VAL B 894 26.29 37.49 20.20
CA VAL B 894 24.83 37.55 20.34
C VAL B 894 24.19 38.24 19.15
N PHE B 895 24.94 39.08 18.43
CA PHE B 895 24.40 39.66 17.20
C PHE B 895 24.34 38.64 16.07
N ILE B 896 25.27 37.68 16.04
CA ILE B 896 25.26 36.66 15.00
C ILE B 896 24.04 35.76 15.15
N MET B 897 23.80 35.26 16.37
CA MET B 897 22.66 34.38 16.60
C MET B 897 21.34 35.13 16.57
N LEU B 898 21.35 36.45 16.62
CA LEU B 898 20.14 37.25 16.49
C LEU B 898 19.92 37.73 15.06
N SER B 899 20.99 37.91 14.30
CA SER B 899 20.83 38.21 12.87
C SER B 899 20.27 37.01 12.11
N SER B 900 20.53 35.79 12.61
CA SER B 900 19.95 34.61 12.00
C SER B 900 18.43 34.60 12.14
N ALA B 901 17.92 35.04 13.29
CA ALA B 901 16.47 35.09 13.49
C ALA B 901 15.81 36.08 12.52
N ALA B 902 16.54 37.11 12.09
CA ALA B 902 16.02 38.00 11.06
C ALA B 902 15.86 37.30 9.73
N LEU B 903 16.65 36.26 9.47
CA LEU B 903 16.52 35.50 8.23
C LEU B 903 15.32 34.55 8.27
N ALA B 904 15.02 33.99 9.44
CA ALA B 904 13.92 33.02 9.55
C ALA B 904 12.55 33.67 9.51
N ALA B 905 12.46 34.97 9.79
CA ALA B 905 11.17 35.64 9.87
C ALA B 905 10.69 36.18 8.53
N GLU B 906 11.47 36.04 7.48
CA GLU B 906 11.12 36.60 6.18
C GLU B 906 9.94 35.86 5.57
N ASP B 907 9.18 36.57 4.74
CA ASP B 907 8.05 35.99 4.03
C ASP B 907 8.51 35.49 2.67
N PRO B 908 8.41 34.19 2.36
CA PRO B 908 8.87 33.71 1.05
C PRO B 908 7.86 33.92 -0.07
N ILE B 909 6.59 34.13 0.24
CA ILE B 909 5.57 34.24 -0.79
C ILE B 909 5.46 35.69 -1.27
N ARG B 910 5.09 36.59 -0.36
CA ARG B 910 4.91 38.00 -0.69
C ARG B 910 6.27 38.67 -0.73
N SER B 911 6.76 38.94 -1.94
CA SER B 911 8.04 39.63 -2.09
C SER B 911 7.94 41.09 -1.66
N HIS B 912 6.83 41.75 -2.00
CA HIS B 912 6.60 43.14 -1.63
C HIS B 912 5.71 43.15 -0.40
N SER B 913 6.33 43.07 0.78
CA SER B 913 5.61 43.05 2.04
C SER B 913 6.29 44.00 3.03
N PHE B 914 5.50 44.48 3.98
CA PHE B 914 6.03 45.41 4.98
C PHE B 914 7.06 44.72 5.87
N ARG B 915 6.81 43.47 6.26
CA ARG B 915 7.72 42.77 7.16
C ARG B 915 9.09 42.58 6.51
N ASN B 916 9.12 42.26 5.22
CA ASN B 916 10.40 42.07 4.54
C ASN B 916 11.20 43.36 4.50
N THR B 917 10.53 44.49 4.28
CA THR B 917 11.21 45.77 4.25
C THR B 917 11.81 46.11 5.61
N ILE B 918 11.05 45.90 6.69
CA ILE B 918 11.58 46.15 8.03
C ILE B 918 12.73 45.20 8.34
N LEU B 919 12.58 43.92 7.97
CA LEU B 919 13.68 42.97 8.14
C LEU B 919 14.87 43.36 7.28
N GLY B 920 14.61 43.85 6.06
CA GLY B 920 15.67 44.37 5.23
C GLY B 920 16.38 45.56 5.86
N TYR B 921 15.61 46.41 6.55
CA TYR B 921 16.21 47.52 7.29
C TYR B 921 17.13 47.00 8.40
N PHE B 922 16.71 45.94 9.09
CA PHE B 922 17.57 45.34 10.12
C PHE B 922 18.84 44.78 9.50
N ASP B 923 18.74 44.13 8.34
CA ASP B 923 19.94 43.61 7.68
C ASP B 923 20.87 44.73 7.24
N TYR B 924 20.33 45.92 6.99
CA TYR B 924 21.17 47.07 6.66
C TYR B 924 22.10 47.42 7.80
N ALA B 925 21.55 47.51 9.01
CA ALA B 925 22.36 47.84 10.18
C ALA B 925 23.23 46.67 10.62
N PHE B 926 22.78 45.43 10.36
CA PHE B 926 23.56 44.26 10.75
C PHE B 926 24.87 44.19 9.98
N THR B 927 24.80 44.31 8.65
CA THR B 927 26.00 44.24 7.85
C THR B 927 26.95 45.41 8.10
N ALA B 928 26.44 46.52 8.65
CA ALA B 928 27.33 47.61 9.03
C ALA B 928 28.19 47.24 10.23
N ILE B 929 27.60 46.58 11.22
CA ILE B 929 28.36 46.15 12.39
C ILE B 929 29.44 45.15 12.00
N PHE B 930 29.08 44.18 11.17
CA PHE B 930 30.02 43.12 10.83
C PHE B 930 31.13 43.63 9.91
N THR B 931 30.81 44.56 9.00
CA THR B 931 31.84 45.08 8.11
C THR B 931 32.78 46.04 8.84
N VAL B 932 32.27 46.76 9.85
CA VAL B 932 33.15 47.57 10.68
C VAL B 932 34.00 46.68 11.57
N GLU B 933 33.40 45.62 12.12
CA GLU B 933 34.14 44.72 13.00
C GLU B 933 35.24 43.98 12.24
N ILE B 934 34.96 43.59 10.99
CA ILE B 934 35.93 42.80 10.24
C ILE B 934 37.16 43.63 9.90
N LEU B 935 37.04 44.95 9.86
CA LEU B 935 38.20 45.79 9.58
C LEU B 935 39.19 45.81 10.72
N LEU B 936 38.70 45.81 11.97
CA LEU B 936 39.59 45.73 13.11
C LEU B 936 40.37 44.43 13.12
N LYS B 937 39.75 43.34 12.67
CA LYS B 937 40.46 42.07 12.55
C LYS B 937 41.60 42.18 11.54
N MET B 938 41.34 42.81 10.39
CA MET B 938 42.36 42.89 9.36
C MET B 938 43.44 43.91 9.70
N THR B 939 43.07 45.00 10.39
CA THR B 939 44.06 46.02 10.75
C THR B 939 45.08 45.47 11.73
N THR B 940 44.64 44.58 12.63
CA THR B 940 45.48 44.08 13.72
C THR B 940 46.21 42.79 13.32
N PHE B 941 45.92 42.24 12.15
CA PHE B 941 46.46 40.93 11.75
C PHE B 941 47.04 41.09 10.35
N GLY B 942 48.35 41.25 10.27
CA GLY B 942 49.03 41.37 8.99
C GLY B 942 50.53 41.16 9.08
N ASN B 953 42.22 32.34 9.82
CA ASN B 953 42.56 31.46 8.71
C ASN B 953 41.34 31.16 7.85
N TYR B 954 41.07 29.87 7.62
CA TYR B 954 39.93 29.48 6.80
C TYR B 954 38.62 29.89 7.45
N PHE B 955 38.51 29.73 8.77
CA PHE B 955 37.29 30.17 9.47
C PHE B 955 37.11 31.67 9.34
N ASN B 956 38.20 32.44 9.47
CA ASN B 956 38.10 33.89 9.28
C ASN B 956 37.77 34.24 7.84
N LEU B 957 38.27 33.46 6.88
CA LEU B 957 37.92 33.70 5.48
C LEU B 957 36.42 33.52 5.25
N LEU B 958 35.79 32.63 6.01
CA LEU B 958 34.33 32.48 5.92
C LEU B 958 33.60 33.76 6.32
N ASP B 959 34.16 34.50 7.29
CA ASP B 959 33.52 35.74 7.72
C ASP B 959 33.45 36.75 6.57
N MET B 960 34.54 36.87 5.80
CA MET B 960 34.51 37.76 4.64
C MET B 960 33.53 37.28 3.59
N LEU B 961 33.43 35.96 3.40
CA LEU B 961 32.52 35.42 2.39
C LEU B 961 31.06 35.74 2.73
N VAL B 962 30.68 35.58 4.00
CA VAL B 962 29.29 35.77 4.37
C VAL B 962 28.90 37.24 4.25
N VAL B 963 29.74 38.14 4.77
CA VAL B 963 29.47 39.56 4.64
C VAL B 963 29.65 40.02 3.19
N GLY B 964 30.51 39.35 2.42
CA GLY B 964 30.68 39.72 1.04
C GLY B 964 29.43 39.52 0.21
N VAL B 965 28.66 38.48 0.52
CA VAL B 965 27.41 38.23 -0.19
C VAL B 965 26.43 39.38 0.06
N SER B 966 26.42 39.92 1.29
CA SER B 966 25.48 40.97 1.63
C SER B 966 25.71 42.23 0.81
N LEU B 967 26.97 42.72 0.78
CA LEU B 967 27.25 43.95 0.05
C LEU B 967 27.05 43.77 -1.46
N VAL B 968 27.46 42.63 -1.99
CA VAL B 968 27.27 42.38 -3.43
C VAL B 968 25.79 42.33 -3.77
N SER B 969 24.99 41.66 -2.93
CA SER B 969 23.54 41.65 -3.14
C SER B 969 22.95 43.04 -3.03
N PHE B 970 23.44 43.84 -2.08
CA PHE B 970 22.96 45.20 -1.88
C PHE B 970 23.31 46.09 -3.06
N VAL B 979 22.54 35.27 -10.77
CA VAL B 979 21.18 35.51 -10.33
C VAL B 979 21.18 35.84 -8.84
N VAL B 980 20.35 36.80 -8.44
CA VAL B 980 20.24 37.19 -7.03
C VAL B 980 19.72 36.04 -6.18
N LYS B 981 18.96 35.12 -6.78
CA LYS B 981 18.43 33.99 -6.03
C LYS B 981 19.57 33.13 -5.46
N ILE B 982 20.61 32.91 -6.26
CA ILE B 982 21.73 32.09 -5.80
C ILE B 982 22.40 32.73 -4.59
N LEU B 983 22.61 34.06 -4.64
CA LEU B 983 23.20 34.75 -3.51
C LEU B 983 22.22 34.89 -2.35
N ARG B 984 20.93 35.00 -2.63
CA ARG B 984 19.95 35.11 -1.55
C ARG B 984 19.86 33.81 -0.76
N VAL B 985 19.96 32.67 -1.44
CA VAL B 985 20.06 31.39 -0.73
C VAL B 985 21.40 31.28 -0.02
N LEU B 986 22.47 31.79 -0.65
CA LEU B 986 23.81 31.64 -0.12
C LEU B 986 24.01 32.36 1.21
N ARG B 987 23.16 33.33 1.54
CA ARG B 987 23.31 34.06 2.79
C ARG B 987 22.80 33.29 3.99
N VAL B 988 22.49 31.99 3.84
CA VAL B 988 22.13 31.15 4.96
C VAL B 988 23.33 30.75 5.79
N LEU B 989 24.53 31.18 5.40
CA LEU B 989 25.75 30.86 6.13
C LEU B 989 25.95 31.73 7.37
N ARG B 990 24.97 32.55 7.73
CA ARG B 990 25.11 33.39 8.93
C ARG B 990 25.29 32.56 10.20
N PRO B 991 24.46 31.57 10.52
CA PRO B 991 24.69 30.80 11.75
C PRO B 991 25.92 29.94 11.70
N LEU B 992 26.45 29.64 10.50
CA LEU B 992 27.58 28.73 10.40
C LEU B 992 28.88 29.35 10.86
N ARG B 993 28.99 30.68 10.80
CA ARG B 993 30.22 31.35 11.21
C ARG B 993 30.37 31.44 12.72
N ALA B 994 29.35 31.06 13.49
CA ALA B 994 29.42 31.13 14.94
C ALA B 994 30.26 30.00 15.53
N ILE B 995 30.83 29.12 14.71
CA ILE B 995 31.62 28.02 15.23
C ILE B 995 32.88 28.54 15.93
N ASN B 996 33.61 29.45 15.29
CA ASN B 996 34.86 29.95 15.83
C ASN B 996 34.66 30.96 16.97
N ARG B 997 33.47 31.02 17.53
CA ARG B 997 33.21 31.89 18.68
C ARG B 997 32.60 31.13 19.84
N ALA B 998 32.82 29.81 19.90
CA ALA B 998 32.35 28.99 21.00
C ALA B 998 33.29 27.82 21.16
N LYS B 999 33.83 27.66 22.38
CA LYS B 999 34.81 26.59 22.62
C LYS B 999 34.19 25.21 22.41
N GLY B 1000 32.97 25.01 22.88
CA GLY B 1000 32.34 23.71 22.75
C GLY B 1000 31.85 23.40 21.35
N LEU B 1001 31.51 24.43 20.57
CA LEU B 1001 30.98 24.19 19.23
C LEU B 1001 32.08 23.76 18.27
N LYS B 1002 33.29 24.30 18.42
CA LYS B 1002 34.40 23.89 17.58
C LYS B 1002 34.73 22.41 17.78
N HIS B 1003 34.78 21.97 19.04
CA HIS B 1003 35.14 20.58 19.33
C HIS B 1003 34.09 19.62 18.80
N VAL B 1004 32.81 19.95 18.96
CA VAL B 1004 31.76 19.05 18.52
C VAL B 1004 31.75 18.93 17.00
N VAL B 1005 31.93 20.04 16.29
CA VAL B 1005 32.03 19.99 14.83
C VAL B 1005 33.27 19.21 14.41
N GLN B 1006 34.39 19.42 15.11
CA GLN B 1006 35.62 18.69 14.79
C GLN B 1006 35.44 17.20 14.97
N CYS B 1007 34.74 16.79 16.04
CA CYS B 1007 34.52 15.37 16.28
C CYS B 1007 33.66 14.73 15.19
N VAL B 1008 32.79 15.52 14.55
CA VAL B 1008 31.92 14.98 13.52
C VAL B 1008 32.72 14.57 12.29
N PHE B 1009 33.63 15.45 11.84
CA PHE B 1009 34.42 15.14 10.66
C PHE B 1009 35.36 13.96 10.90
N VAL B 1010 35.89 13.84 12.11
CA VAL B 1010 36.69 12.67 12.45
C VAL B 1010 35.82 11.41 12.44
N ALA B 1011 34.59 11.53 12.95
CA ALA B 1011 33.68 10.39 12.98
C ALA B 1011 33.31 9.94 11.56
N ILE B 1012 33.16 10.88 10.64
CA ILE B 1012 32.87 10.53 9.25
C ILE B 1012 34.02 9.73 8.65
N ARG B 1013 35.26 10.12 8.95
CA ARG B 1013 36.41 9.42 8.40
C ARG B 1013 36.45 7.97 8.83
N THR B 1014 36.12 7.70 10.09
CA THR B 1014 36.11 6.31 10.57
C THR B 1014 35.03 5.50 9.87
N ILE B 1015 33.84 6.09 9.69
CA ILE B 1015 32.70 5.40 9.08
C ILE B 1015 32.80 5.49 7.55
N GLY B 1016 33.88 6.08 7.05
CA GLY B 1016 34.04 6.22 5.62
C GLY B 1016 34.25 4.91 4.88
N ASN B 1017 34.71 3.88 5.60
CA ASN B 1017 34.91 2.59 4.96
C ASN B 1017 33.60 1.85 4.73
N ILE B 1018 32.66 1.98 5.67
CA ILE B 1018 31.36 1.32 5.53
C ILE B 1018 30.56 1.93 4.39
N MET B 1019 30.65 3.25 4.22
CA MET B 1019 29.89 3.93 3.18
C MET B 1019 30.37 3.61 1.79
N ILE B 1020 31.53 2.97 1.65
CA ILE B 1020 32.00 2.51 0.34
C ILE B 1020 31.42 1.15 0.00
N VAL B 1021 31.37 0.24 0.97
CA VAL B 1021 30.82 -1.09 0.72
C VAL B 1021 29.31 -1.01 0.49
N THR B 1022 28.60 -0.22 1.28
CA THR B 1022 27.16 -0.11 1.11
C THR B 1022 26.77 0.63 -0.16
N THR B 1023 27.64 1.50 -0.66
CA THR B 1023 27.37 2.14 -1.95
C THR B 1023 27.65 1.19 -3.11
N LEU B 1024 28.65 0.33 -2.97
CA LEU B 1024 28.90 -0.69 -3.98
C LEU B 1024 27.77 -1.72 -4.01
N LEU B 1025 27.29 -2.12 -2.84
CA LEU B 1025 26.20 -3.10 -2.78
C LEU B 1025 24.92 -2.54 -3.39
N GLN B 1026 24.61 -1.27 -3.11
CA GLN B 1026 23.42 -0.68 -3.69
C GLN B 1026 23.54 -0.53 -5.21
N PHE B 1027 24.74 -0.21 -5.70
CA PHE B 1027 24.93 -0.07 -7.13
C PHE B 1027 24.71 -1.39 -7.85
N MET B 1028 25.21 -2.49 -7.29
CA MET B 1028 25.03 -3.79 -7.91
C MET B 1028 23.56 -4.20 -7.90
N PHE B 1029 22.86 -3.94 -6.79
CA PHE B 1029 21.44 -4.24 -6.72
C PHE B 1029 20.64 -3.39 -7.71
N ALA B 1030 21.05 -2.13 -7.89
CA ALA B 1030 20.38 -1.28 -8.87
C ALA B 1030 20.56 -1.81 -10.29
N CYS B 1031 21.77 -2.28 -10.61
CA CYS B 1031 22.00 -2.84 -11.93
C CYS B 1031 21.20 -4.12 -12.15
N ILE B 1032 21.09 -4.95 -11.11
CA ILE B 1032 20.24 -6.14 -11.20
C ILE B 1032 18.78 -5.73 -11.35
N GLY B 1033 18.35 -4.72 -10.59
CA GLY B 1033 16.98 -4.27 -10.68
C GLY B 1033 16.62 -3.71 -12.04
N VAL B 1034 17.57 -3.06 -12.71
CA VAL B 1034 17.34 -2.55 -14.05
C VAL B 1034 17.08 -3.70 -15.02
N GLN B 1035 17.84 -4.78 -14.88
CA GLN B 1035 17.64 -5.94 -15.76
C GLN B 1035 16.26 -6.56 -15.57
N LEU B 1036 15.65 -6.40 -14.41
CA LEU B 1036 14.38 -7.05 -14.09
C LEU B 1036 13.18 -6.19 -14.47
N PHE B 1037 13.16 -4.92 -14.07
CA PHE B 1037 11.99 -4.07 -14.19
C PHE B 1037 12.23 -2.87 -15.10
N LYS B 1038 12.99 -3.07 -16.18
CA LYS B 1038 13.27 -1.99 -17.11
C LYS B 1038 12.05 -1.71 -17.97
N GLY B 1039 11.39 -0.58 -17.72
CA GLY B 1039 10.25 -0.19 -18.52
C GLY B 1039 8.97 -0.96 -18.27
N LYS B 1040 8.94 -1.81 -17.25
CA LYS B 1040 7.78 -2.65 -16.98
C LYS B 1040 6.80 -2.03 -15.98
N PHE B 1041 7.05 -0.82 -15.52
CA PHE B 1041 6.20 -0.18 -14.52
C PHE B 1041 5.16 0.75 -15.14
N TYR B 1042 5.07 0.81 -16.46
CA TYR B 1042 4.07 1.64 -17.12
C TYR B 1042 2.68 1.06 -16.93
N ARG B 1043 1.68 1.94 -16.89
CA ARG B 1043 0.29 1.53 -16.81
C ARG B 1043 -0.59 2.65 -17.32
N CYS B 1044 -1.82 2.29 -17.69
CA CYS B 1044 -2.77 3.25 -18.23
C CYS B 1044 -3.65 3.82 -17.11
N THR B 1045 -4.28 4.96 -17.41
CA THR B 1045 -5.11 5.62 -16.41
C THR B 1045 -6.36 4.81 -16.08
N ASP B 1046 -6.89 4.08 -17.04
CA ASP B 1046 -7.97 3.13 -16.80
C ASP B 1046 -7.43 1.71 -16.87
N GLU B 1047 -7.81 0.88 -15.89
CA GLU B 1047 -7.25 -0.45 -15.79
C GLU B 1047 -7.94 -1.43 -16.73
N ALA B 1048 -8.05 -1.05 -18.00
CA ALA B 1048 -8.61 -1.91 -19.02
C ALA B 1048 -7.76 -1.97 -20.29
N LYS B 1049 -6.79 -1.08 -20.45
CA LYS B 1049 -5.89 -1.07 -21.59
C LYS B 1049 -4.48 -1.42 -21.11
N SER B 1050 -3.81 -2.30 -21.84
CA SER B 1050 -2.53 -2.85 -21.39
C SER B 1050 -1.40 -2.59 -22.37
N ASN B 1051 -1.52 -1.59 -23.23
CA ASN B 1051 -0.42 -1.16 -24.09
C ASN B 1051 -0.69 0.25 -24.55
N PRO B 1052 0.36 1.01 -24.93
CA PRO B 1052 0.14 2.42 -25.29
C PRO B 1052 -0.74 2.63 -26.51
N GLU B 1053 -0.89 1.64 -27.38
CA GLU B 1053 -1.67 1.84 -28.60
C GLU B 1053 -3.12 2.15 -28.29
N GLU B 1054 -3.73 1.37 -27.39
CA GLU B 1054 -5.13 1.57 -27.06
C GLU B 1054 -5.34 2.45 -25.83
N CYS B 1055 -4.27 2.86 -25.16
CA CYS B 1055 -4.37 3.80 -24.04
C CYS B 1055 -4.35 5.24 -24.57
N ARG B 1056 -5.39 5.56 -25.33
CA ARG B 1056 -5.52 6.86 -25.97
C ARG B 1056 -6.98 7.31 -25.91
N GLY B 1057 -7.18 8.63 -25.99
CA GLY B 1057 -8.52 9.15 -26.03
C GLY B 1057 -9.16 9.30 -24.66
N LEU B 1058 -10.48 9.26 -24.64
CA LEU B 1058 -11.26 9.44 -23.43
C LEU B 1058 -11.85 8.11 -22.98
N PHE B 1059 -12.08 7.98 -21.67
CA PHE B 1059 -12.73 6.81 -21.11
C PHE B 1059 -13.69 7.25 -20.03
N ILE B 1060 -14.57 6.34 -19.64
CA ILE B 1060 -15.60 6.61 -18.65
C ILE B 1060 -15.15 6.03 -17.32
N LEU B 1061 -15.02 6.89 -16.31
CA LEU B 1061 -14.60 6.49 -14.98
C LEU B 1061 -15.81 6.49 -14.05
N TYR B 1062 -15.95 5.44 -13.26
CA TYR B 1062 -17.04 5.32 -12.31
C TYR B 1062 -16.52 5.66 -10.92
N LYS B 1063 -17.07 6.70 -10.32
CA LYS B 1063 -16.56 7.23 -9.07
C LYS B 1063 -16.86 6.26 -7.93
N ASP B 1064 -15.81 5.86 -7.22
CA ASP B 1064 -15.90 4.96 -6.06
C ASP B 1064 -16.53 3.63 -6.41
N GLY B 1065 -16.47 3.22 -7.67
CA GLY B 1065 -17.03 1.96 -8.10
C GLY B 1065 -18.53 1.96 -8.35
N ASP B 1066 -19.20 3.08 -8.13
CA ASP B 1066 -20.64 3.15 -8.35
C ASP B 1066 -20.94 3.23 -9.84
N VAL B 1067 -21.82 2.36 -10.31
CA VAL B 1067 -22.16 2.34 -11.73
C VAL B 1067 -23.08 3.49 -12.09
N ASP B 1068 -23.68 4.15 -11.11
CA ASP B 1068 -24.63 5.22 -11.36
C ASP B 1068 -24.00 6.60 -11.36
N SER B 1069 -22.68 6.69 -11.22
CA SER B 1069 -21.98 7.98 -11.22
C SER B 1069 -20.80 7.92 -12.18
N PRO B 1070 -21.04 7.94 -13.48
CA PRO B 1070 -19.95 7.96 -14.44
C PRO B 1070 -19.41 9.37 -14.66
N VAL B 1071 -18.13 9.43 -15.04
CA VAL B 1071 -17.47 10.70 -15.35
C VAL B 1071 -16.42 10.44 -16.42
N VAL B 1072 -16.24 11.41 -17.30
CA VAL B 1072 -15.35 11.27 -18.45
C VAL B 1072 -13.95 11.73 -18.06
N ARG B 1073 -12.96 10.90 -18.34
CA ARG B 1073 -11.57 11.20 -18.03
C ARG B 1073 -10.68 10.81 -19.21
N GLU B 1074 -9.55 11.49 -19.33
CA GLU B 1074 -8.55 11.13 -20.32
C GLU B 1074 -7.72 9.95 -19.80
N ARG B 1075 -7.33 9.07 -20.71
CA ARG B 1075 -6.45 7.96 -20.36
C ARG B 1075 -5.04 8.25 -20.88
N ILE B 1076 -4.06 8.17 -19.99
CA ILE B 1076 -2.68 8.53 -20.27
C ILE B 1076 -1.80 7.33 -19.93
N TRP B 1077 -0.90 6.98 -20.84
CA TRP B 1077 0.07 5.92 -20.60
C TRP B 1077 1.17 6.48 -19.71
N GLN B 1078 0.99 6.35 -18.41
CA GLN B 1078 1.88 6.95 -17.42
C GLN B 1078 2.94 5.96 -16.96
N ASN B 1079 3.94 6.50 -16.27
CA ASN B 1079 5.04 5.73 -15.71
C ASN B 1079 5.08 5.94 -14.20
N SER B 1080 5.60 4.95 -13.49
CA SER B 1080 5.74 5.05 -12.05
C SER B 1080 6.71 6.17 -11.69
N ASP B 1081 6.42 6.85 -10.57
CA ASP B 1081 7.32 7.90 -10.10
C ASP B 1081 8.69 7.33 -9.74
N PHE B 1082 8.71 6.18 -9.08
CA PHE B 1082 9.94 5.46 -8.78
C PHE B 1082 9.98 4.19 -9.61
N ASN B 1083 10.94 4.11 -10.52
CA ASN B 1083 11.02 3.00 -11.46
C ASN B 1083 12.48 2.57 -11.59
N PHE B 1084 12.72 1.63 -12.48
CA PHE B 1084 14.05 1.08 -12.73
C PHE B 1084 14.44 1.25 -14.20
N ASP B 1085 14.12 2.40 -14.78
CA ASP B 1085 14.40 2.62 -16.19
C ASP B 1085 15.90 2.63 -16.46
N ASN B 1086 16.67 3.29 -15.59
CA ASN B 1086 18.13 3.31 -15.70
C ASN B 1086 18.71 3.16 -14.30
N VAL B 1087 20.04 3.19 -14.22
CA VAL B 1087 20.73 2.98 -12.95
C VAL B 1087 20.47 4.13 -11.99
N LEU B 1088 20.39 5.36 -12.52
CA LEU B 1088 20.12 6.51 -11.66
C LEU B 1088 18.73 6.42 -11.04
N SER B 1089 17.73 6.02 -11.83
CA SER B 1089 16.39 5.86 -11.29
C SER B 1089 16.31 4.65 -10.37
N ALA B 1090 17.05 3.59 -10.67
CA ALA B 1090 17.04 2.41 -9.82
C ALA B 1090 17.64 2.71 -8.45
N MET B 1091 18.74 3.47 -8.42
CA MET B 1091 19.37 3.80 -7.14
C MET B 1091 18.48 4.69 -6.30
N MET B 1092 17.79 5.65 -6.92
CA MET B 1092 16.86 6.48 -6.17
C MET B 1092 15.67 5.67 -5.69
N ALA B 1093 15.17 4.75 -6.52
CA ALA B 1093 14.08 3.88 -6.10
C ALA B 1093 14.52 2.92 -5.00
N LEU B 1094 15.76 2.44 -5.05
CA LEU B 1094 16.26 1.54 -4.01
C LEU B 1094 16.59 2.27 -2.73
N PHE B 1095 16.97 3.56 -2.81
CA PHE B 1095 17.24 4.32 -1.60
C PHE B 1095 15.98 4.49 -0.76
N THR B 1096 14.85 4.75 -1.41
CA THR B 1096 13.60 4.88 -0.68
C THR B 1096 13.16 3.56 -0.05
N VAL B 1097 13.56 2.44 -0.65
CA VAL B 1097 13.25 1.14 -0.06
C VAL B 1097 14.01 0.96 1.26
N SER B 1098 15.28 1.36 1.28
CA SER B 1098 16.11 1.21 2.47
C SER B 1098 15.58 2.05 3.64
N THR B 1099 14.86 3.13 3.36
CA THR B 1099 14.23 3.91 4.41
C THR B 1099 12.90 3.34 4.86
N PHE B 1100 12.46 2.23 4.25
CA PHE B 1100 11.19 1.57 4.57
C PHE B 1100 10.00 2.48 4.37
N GLU B 1101 10.06 3.36 3.36
CA GLU B 1101 8.95 4.25 3.04
C GLU B 1101 8.44 3.92 1.65
N GLY B 1102 7.17 3.56 1.56
CA GLY B 1102 6.56 3.24 0.29
C GLY B 1102 7.10 2.00 -0.38
N TRP B 1103 7.86 1.17 0.33
CA TRP B 1103 8.40 -0.03 -0.29
C TRP B 1103 7.34 -1.09 -0.57
N PRO B 1104 6.25 -1.20 0.21
CA PRO B 1104 5.16 -2.10 -0.23
C PRO B 1104 4.55 -1.69 -1.55
N ALA B 1105 4.44 -0.39 -1.81
CA ALA B 1105 3.89 0.05 -3.09
C ALA B 1105 4.79 -0.34 -4.24
N LEU B 1106 6.10 -0.22 -4.07
CA LEU B 1106 7.03 -0.64 -5.11
C LEU B 1106 7.09 -2.16 -5.22
N LEU B 1107 6.84 -2.87 -4.12
CA LEU B 1107 6.87 -4.33 -4.15
C LEU B 1107 5.72 -4.89 -4.98
N TYR B 1108 4.50 -4.39 -4.76
CA TYR B 1108 3.36 -4.87 -5.52
C TYR B 1108 3.30 -4.27 -6.92
N LYS B 1109 4.02 -3.17 -7.16
CA LYS B 1109 4.17 -2.68 -8.52
C LYS B 1109 5.08 -3.59 -9.33
N ALA B 1110 6.11 -4.15 -8.68
CA ALA B 1110 7.04 -5.04 -9.35
C ALA B 1110 6.46 -6.43 -9.58
N ILE B 1111 5.57 -6.88 -8.68
CA ILE B 1111 4.96 -8.19 -8.85
C ILE B 1111 4.09 -8.22 -10.09
N ASP B 1112 3.35 -7.15 -10.34
CA ASP B 1112 2.46 -7.08 -11.50
C ASP B 1112 3.19 -6.80 -12.80
N SER B 1113 4.50 -6.57 -12.76
CA SER B 1113 5.24 -6.20 -13.97
C SER B 1113 5.25 -7.37 -14.95
N ASN B 1114 4.49 -7.22 -16.04
CA ASN B 1114 4.41 -8.28 -17.04
C ASN B 1114 5.57 -8.23 -18.02
N GLY B 1115 5.67 -7.16 -18.79
CA GLY B 1115 6.58 -7.14 -19.91
C GLY B 1115 7.18 -5.79 -20.23
N GLU B 1116 7.83 -5.70 -21.39
CA GLU B 1116 8.68 -4.54 -21.68
C GLU B 1116 7.86 -3.27 -21.80
N ASN B 1117 6.74 -3.33 -22.52
CA ASN B 1117 5.92 -2.13 -22.75
C ASN B 1117 4.45 -2.46 -22.63
N ILE B 1118 4.06 -3.24 -21.63
CA ILE B 1118 2.67 -3.63 -21.43
C ILE B 1118 2.30 -3.43 -19.97
N GLY B 1119 0.99 -3.40 -19.72
CA GLY B 1119 0.47 -3.04 -18.43
C GLY B 1119 0.58 -4.17 -17.42
N PRO B 1120 0.16 -3.87 -16.20
CA PRO B 1120 0.30 -4.85 -15.11
C PRO B 1120 -0.75 -5.95 -15.16
N ILE B 1121 -0.41 -7.06 -14.51
CA ILE B 1121 -1.33 -8.18 -14.30
C ILE B 1121 -1.32 -8.52 -12.82
N TYR B 1122 -2.51 -8.64 -12.24
CA TYR B 1122 -2.65 -8.89 -10.81
C TYR B 1122 -1.91 -10.16 -10.40
N ASN B 1123 -0.91 -9.98 -9.52
CA ASN B 1123 -0.15 -11.09 -8.93
C ASN B 1123 0.49 -11.96 -10.01
N HIS B 1124 1.13 -11.31 -10.99
CA HIS B 1124 1.77 -12.04 -12.07
C HIS B 1124 2.89 -12.92 -11.56
N ARG B 1125 3.93 -12.31 -10.98
CA ARG B 1125 5.08 -13.03 -10.45
C ARG B 1125 5.29 -12.66 -8.99
N VAL B 1126 4.70 -13.45 -8.10
CA VAL B 1126 4.91 -13.24 -6.66
C VAL B 1126 6.36 -13.52 -6.30
N GLU B 1127 6.99 -14.50 -6.96
CA GLU B 1127 8.36 -14.87 -6.62
C GLU B 1127 9.37 -13.76 -6.86
N ILE B 1128 8.99 -12.73 -7.61
CA ILE B 1128 9.89 -11.58 -7.82
C ILE B 1128 10.11 -10.80 -6.54
N SER B 1129 9.31 -11.05 -5.50
CA SER B 1129 9.51 -10.42 -4.21
C SER B 1129 10.81 -10.83 -3.53
N ILE B 1130 11.45 -11.90 -4.01
CA ILE B 1130 12.71 -12.35 -3.43
C ILE B 1130 13.78 -11.28 -3.59
N PHE B 1131 13.75 -10.54 -4.71
CA PHE B 1131 14.71 -9.47 -4.92
C PHE B 1131 14.61 -8.42 -3.83
N PHE B 1132 13.38 -8.04 -3.45
CA PHE B 1132 13.18 -7.03 -2.42
C PHE B 1132 13.48 -7.57 -1.03
N ILE B 1133 13.14 -8.84 -0.77
CA ILE B 1133 13.40 -9.41 0.55
C ILE B 1133 14.90 -9.52 0.80
N ILE B 1134 15.66 -9.99 -0.19
CA ILE B 1134 17.10 -10.13 -0.03
C ILE B 1134 17.76 -8.77 0.16
N TYR B 1135 17.35 -7.78 -0.64
CA TYR B 1135 17.96 -6.46 -0.54
C TYR B 1135 17.72 -5.83 0.82
N ILE B 1136 16.51 -5.96 1.36
CA ILE B 1136 16.19 -5.37 2.65
C ILE B 1136 17.01 -6.02 3.76
N ILE B 1137 17.13 -7.35 3.73
CA ILE B 1137 17.90 -8.05 4.74
C ILE B 1137 19.38 -7.68 4.65
N ILE B 1138 19.93 -7.68 3.45
CA ILE B 1138 21.36 -7.46 3.28
C ILE B 1138 21.71 -6.00 3.56
N VAL B 1139 20.93 -5.07 3.02
CA VAL B 1139 21.30 -3.66 3.07
C VAL B 1139 20.58 -2.95 4.22
N ALA B 1140 19.26 -2.96 4.18
CA ALA B 1140 18.49 -2.18 5.15
C ALA B 1140 18.66 -2.70 6.58
N PHE B 1141 18.81 -4.01 6.75
CA PHE B 1141 19.00 -4.60 8.06
C PHE B 1141 20.48 -4.78 8.42
N PHE B 1142 21.20 -5.57 7.62
CA PHE B 1142 22.56 -5.96 8.02
C PHE B 1142 23.53 -4.78 7.96
N MET B 1143 23.52 -4.03 6.86
CA MET B 1143 24.50 -2.95 6.72
C MET B 1143 24.14 -1.73 7.55
N MET B 1144 22.85 -1.41 7.67
CA MET B 1144 22.46 -0.27 8.48
C MET B 1144 22.65 -0.51 9.97
N ASN B 1145 22.74 -1.78 10.39
CA ASN B 1145 23.00 -2.08 11.79
C ASN B 1145 24.47 -2.31 12.07
N ILE B 1146 25.20 -2.90 11.13
CA ILE B 1146 26.66 -2.99 11.27
C ILE B 1146 27.27 -1.60 11.20
N PHE B 1147 26.57 -0.65 10.60
CA PHE B 1147 26.97 0.76 10.62
C PHE B 1147 26.84 1.36 12.00
N VAL B 1148 25.69 1.17 12.65
CA VAL B 1148 25.48 1.72 13.99
C VAL B 1148 26.37 1.01 15.01
N GLY B 1149 26.51 -0.31 14.88
CA GLY B 1149 27.42 -1.03 15.76
C GLY B 1149 28.86 -0.60 15.58
N PHE B 1150 29.23 -0.19 14.37
CA PHE B 1150 30.58 0.31 14.14
C PHE B 1150 30.84 1.59 14.94
N VAL B 1151 29.87 2.49 14.98
CA VAL B 1151 30.04 3.73 15.71
C VAL B 1151 30.14 3.47 17.21
N ILE B 1152 29.38 2.50 17.71
CA ILE B 1152 29.37 2.22 19.14
C ILE B 1152 30.75 1.73 19.61
N VAL B 1153 31.31 0.76 18.91
CA VAL B 1153 32.58 0.19 19.34
C VAL B 1153 33.73 1.17 19.14
N THR B 1154 33.74 1.88 18.00
CA THR B 1154 34.81 2.84 17.76
C THR B 1154 34.78 3.97 18.78
N PHE B 1155 33.58 4.42 19.15
CA PHE B 1155 33.47 5.38 20.24
C PHE B 1155 33.98 4.78 21.55
N GLN B 1156 33.59 3.53 21.83
CA GLN B 1156 33.97 2.91 23.09
C GLN B 1156 35.47 2.70 23.19
N GLU B 1157 36.12 2.34 22.07
CA GLU B 1157 37.57 2.20 22.07
C GLU B 1157 38.26 3.52 22.37
N GLN B 1158 37.62 4.64 22.02
CA GLN B 1158 38.19 5.96 22.34
C GLN B 1158 38.22 6.20 23.85
N GLY B 1159 37.22 5.70 24.57
CA GLY B 1159 37.17 5.85 26.01
C GLY B 1159 38.03 4.89 26.79
N GLU B 1160 38.72 3.97 26.11
CA GLU B 1160 39.61 3.03 26.76
C GLU B 1160 40.97 3.62 27.11
N LYS B 1161 41.29 4.81 26.59
CA LYS B 1161 42.60 5.42 26.79
C LYS B 1161 42.81 5.94 28.21
N GLU B 1162 41.86 5.74 29.12
CA GLU B 1162 42.02 6.16 30.52
C GLU B 1162 42.95 5.15 31.20
N TYR B 1163 44.24 5.32 30.95
CA TYR B 1163 45.25 4.38 31.43
C TYR B 1163 45.80 4.79 32.79
N LYS B 1164 44.89 4.86 33.76
CA LYS B 1164 45.22 5.10 35.15
C LYS B 1164 45.23 3.81 35.96
N ASN B 1165 45.23 2.67 35.30
CA ASN B 1165 45.13 1.36 35.94
C ASN B 1165 46.50 0.79 36.29
N CYS B 1166 47.32 1.57 36.99
CA CYS B 1166 48.59 1.04 37.46
C CYS B 1166 48.39 0.03 38.59
N GLU B 1167 47.43 0.31 39.47
CA GLU B 1167 47.12 -0.59 40.59
C GLU B 1167 45.63 -0.84 40.78
N LEU B 1168 44.75 0.04 40.29
CA LEU B 1168 43.32 -0.09 40.48
C LEU B 1168 42.64 -0.53 39.18
N ASP B 1169 41.51 -1.22 39.33
CA ASP B 1169 40.74 -1.70 38.19
C ASP B 1169 39.59 -0.73 37.88
N LYS B 1170 38.75 -1.13 36.93
CA LYS B 1170 37.63 -0.27 36.53
C LYS B 1170 36.61 -0.13 37.65
N ASN B 1171 36.43 -1.18 38.46
CA ASN B 1171 35.49 -1.10 39.58
C ASN B 1171 35.95 -0.07 40.62
N GLN B 1172 37.25 0.01 40.88
CA GLN B 1172 37.78 0.97 41.84
C GLN B 1172 37.77 2.40 41.28
N ARG B 1173 37.70 2.56 39.96
CA ARG B 1173 37.76 3.88 39.37
C ARG B 1173 36.55 4.75 39.73
N GLN B 1174 35.36 4.17 39.74
CA GLN B 1174 34.15 4.96 39.96
C GLN B 1174 33.76 5.06 41.43
N CYS B 1175 34.11 4.07 42.26
CA CYS B 1175 33.72 4.11 43.66
C CYS B 1175 34.58 5.10 44.45
N VAL B 1176 35.86 5.20 44.12
CA VAL B 1176 36.77 6.05 44.87
C VAL B 1176 36.39 7.52 44.73
N GLU B 1177 36.06 7.95 43.51
CA GLU B 1177 35.77 9.36 43.28
C GLU B 1177 34.53 9.81 44.03
N TYR B 1178 33.51 8.96 44.10
CA TYR B 1178 32.31 9.32 44.84
C TYR B 1178 32.59 9.46 46.33
N ALA B 1179 33.42 8.58 46.88
CA ALA B 1179 33.76 8.65 48.30
C ALA B 1179 34.50 9.94 48.63
N LEU B 1180 35.42 10.35 47.75
CA LEU B 1180 36.23 11.53 48.04
C LEU B 1180 35.41 12.82 48.02
N LYS B 1181 34.31 12.83 47.28
CA LYS B 1181 33.46 14.01 47.14
C LYS B 1181 32.04 13.65 47.61
N ALA B 1182 31.78 13.90 48.89
CA ALA B 1182 30.46 13.64 49.45
C ALA B 1182 30.29 14.47 50.72
N ARG B 1183 29.03 14.65 51.12
CA ARG B 1183 28.68 15.33 52.36
C ARG B 1183 27.32 14.85 52.84
N PRO B 1184 27.20 14.39 54.08
CA PRO B 1184 25.91 13.89 54.56
C PRO B 1184 24.86 14.99 54.59
N LEU B 1185 23.62 14.60 54.29
CA LEU B 1185 22.50 15.53 54.32
C LEU B 1185 21.84 15.48 55.69
N ARG B 1186 20.72 16.17 55.86
CA ARG B 1186 20.02 16.27 57.13
C ARG B 1186 18.68 15.56 57.04
N ARG B 1187 18.39 14.71 58.03
CA ARG B 1187 17.14 13.97 58.07
C ARG B 1187 15.96 14.83 58.49
N TYR B 1188 16.21 15.97 59.13
CA TYR B 1188 15.17 16.91 59.55
C TYR B 1188 14.19 16.26 60.53
N ILE B 1189 14.73 15.55 61.50
CA ILE B 1189 13.89 14.98 62.57
C ILE B 1189 13.38 16.13 63.45
N PRO B 1190 12.08 16.24 63.67
CA PRO B 1190 11.54 17.39 64.39
C PRO B 1190 11.61 17.19 65.91
N LYS B 1191 11.11 18.19 66.62
CA LYS B 1191 11.09 18.18 68.08
C LYS B 1191 9.75 18.79 68.51
N ASN B 1192 9.66 19.20 69.79
CA ASN B 1192 8.44 19.81 70.32
C ASN B 1192 7.28 18.83 70.21
N PRO B 1193 7.24 17.80 71.09
CA PRO B 1193 6.33 16.65 70.92
C PRO B 1193 4.97 16.93 70.31
N TYR B 1194 4.31 18.02 70.72
CA TYR B 1194 3.00 18.35 70.14
C TYR B 1194 3.10 18.51 68.63
N GLN B 1195 4.21 19.07 68.15
CA GLN B 1195 4.48 19.07 66.72
C GLN B 1195 4.99 17.72 66.25
N TYR B 1196 5.75 17.02 67.08
CA TYR B 1196 6.28 15.70 66.74
C TYR B 1196 5.18 14.65 66.66
N LYS B 1197 4.02 14.90 67.26
CA LYS B 1197 2.94 13.92 67.23
C LYS B 1197 2.49 13.63 65.80
N PHE B 1198 2.34 14.68 64.99
CA PHE B 1198 1.88 14.52 63.62
C PHE B 1198 2.96 13.98 62.70
N TRP B 1199 4.24 14.10 63.08
CA TRP B 1199 5.31 13.63 62.21
C TRP B 1199 5.26 12.12 62.03
N TYR B 1200 4.81 11.39 63.06
CA TYR B 1200 4.66 9.94 62.93
C TYR B 1200 3.62 9.60 61.86
N VAL B 1201 2.53 10.34 61.81
CA VAL B 1201 1.49 10.09 60.82
C VAL B 1201 1.98 10.44 59.43
N VAL B 1202 2.66 11.57 59.29
CA VAL B 1202 3.15 11.99 57.97
C VAL B 1202 4.20 11.04 57.46
N ASN B 1203 5.18 10.70 58.29
CA ASN B 1203 6.32 9.87 57.89
C ASN B 1203 6.10 8.47 58.44
N SER B 1204 5.39 7.64 57.68
CA SER B 1204 5.14 6.26 58.07
C SER B 1204 4.85 5.44 56.83
N SER B 1205 5.19 4.16 56.89
CA SER B 1205 4.90 3.26 55.78
C SER B 1205 3.41 3.12 55.49
N PRO B 1206 2.53 2.91 56.48
CA PRO B 1206 1.10 2.79 56.15
C PRO B 1206 0.52 4.04 55.51
N PHE B 1207 1.02 5.23 55.86
CA PHE B 1207 0.48 6.46 55.30
C PHE B 1207 0.80 6.57 53.81
N GLU B 1208 2.07 6.35 53.45
CA GLU B 1208 2.45 6.45 52.04
C GLU B 1208 1.88 5.29 51.23
N TYR B 1209 1.73 4.12 51.84
CA TYR B 1209 1.07 3.01 51.15
C TYR B 1209 -0.39 3.32 50.88
N MET B 1210 -1.08 3.94 51.84
CA MET B 1210 -2.47 4.30 51.64
C MET B 1210 -2.62 5.35 50.55
N MET B 1211 -1.70 6.32 50.51
CA MET B 1211 -1.76 7.34 49.47
C MET B 1211 -1.28 6.80 48.12
N PHE B 1212 -0.48 5.74 48.14
CA PHE B 1212 -0.04 5.12 46.89
C PHE B 1212 -1.23 4.59 46.10
N VAL B 1213 -2.14 3.87 46.78
CA VAL B 1213 -3.35 3.41 46.12
C VAL B 1213 -4.39 4.51 45.99
N LEU B 1214 -4.30 5.56 46.81
CA LEU B 1214 -5.19 6.70 46.65
C LEU B 1214 -4.90 7.44 45.35
N ILE B 1215 -3.63 7.58 44.99
CA ILE B 1215 -3.28 8.19 43.70
C ILE B 1215 -3.68 7.27 42.56
N MET B 1216 -3.54 5.97 42.74
CA MET B 1216 -3.89 5.01 41.68
C MET B 1216 -5.37 5.10 41.34
N LEU B 1217 -6.24 5.16 42.36
CA LEU B 1217 -7.67 5.26 42.09
C LEU B 1217 -8.03 6.55 41.39
N ASN B 1218 -7.27 7.63 41.64
CA ASN B 1218 -7.49 8.86 40.90
C ASN B 1218 -7.22 8.67 39.41
N THR B 1219 -6.17 7.91 39.07
CA THR B 1219 -5.87 7.63 37.68
C THR B 1219 -6.97 6.79 37.04
N LEU B 1220 -7.51 5.81 37.75
CA LEU B 1220 -8.63 5.03 37.23
C LEU B 1220 -9.84 5.92 36.98
N CYS B 1221 -10.13 6.84 37.90
CA CYS B 1221 -11.23 7.77 37.68
C CYS B 1221 -10.95 8.69 36.49
N LEU B 1222 -9.72 9.18 36.37
CA LEU B 1222 -9.36 10.09 35.29
C LEU B 1222 -9.40 9.42 33.92
N ALA B 1223 -9.50 8.10 33.86
CA ALA B 1223 -9.52 7.38 32.60
C ALA B 1223 -10.89 6.89 32.19
N MET B 1224 -11.90 7.01 33.06
CA MET B 1224 -13.22 6.44 32.76
C MET B 1224 -14.09 7.34 31.90
N GLN B 1225 -13.73 8.60 31.71
CA GLN B 1225 -14.56 9.48 30.89
C GLN B 1225 -14.54 9.02 29.45
N HIS B 1226 -15.72 9.00 28.83
CA HIS B 1226 -15.83 8.52 27.46
C HIS B 1226 -16.70 9.47 26.64
N TYR B 1227 -17.00 9.09 25.40
CA TYR B 1227 -17.79 9.93 24.52
C TYR B 1227 -19.27 9.78 24.85
N GLU B 1228 -19.97 10.92 24.96
CA GLU B 1228 -21.42 10.94 25.20
C GLU B 1228 -21.78 10.16 26.47
N GLN B 1229 -21.05 10.44 27.54
CA GLN B 1229 -21.31 9.78 28.81
C GLN B 1229 -22.64 10.24 29.39
N SER B 1230 -23.25 9.36 30.18
CA SER B 1230 -24.55 9.64 30.76
C SER B 1230 -24.46 10.79 31.77
N LYS B 1231 -25.60 11.46 31.97
CA LYS B 1231 -25.64 12.59 32.88
C LYS B 1231 -25.32 12.16 34.32
N MET B 1232 -25.78 10.96 34.70
CA MET B 1232 -25.45 10.45 36.03
C MET B 1232 -23.96 10.17 36.15
N PHE B 1233 -23.33 9.69 35.08
CA PHE B 1233 -21.89 9.46 35.11
C PHE B 1233 -21.13 10.77 35.31
N ASN B 1234 -21.55 11.82 34.59
CA ASN B 1234 -20.91 13.12 34.76
C ASN B 1234 -21.08 13.65 36.18
N ASP B 1235 -22.27 13.47 36.75
CA ASP B 1235 -22.49 13.88 38.14
C ASP B 1235 -21.64 13.06 39.10
N ALA B 1236 -21.52 11.75 38.84
CA ALA B 1236 -20.69 10.91 39.70
C ALA B 1236 -19.22 11.29 39.62
N MET B 1237 -18.79 11.86 38.49
CA MET B 1237 -17.39 12.24 38.34
C MET B 1237 -17.08 13.52 39.11
N ASP B 1238 -18.03 14.46 39.16
CA ASP B 1238 -17.78 15.72 39.86
C ASP B 1238 -17.58 15.51 41.35
N ILE B 1239 -18.39 14.64 41.97
CA ILE B 1239 -18.22 14.36 43.39
C ILE B 1239 -16.94 13.59 43.64
N LEU B 1240 -16.60 12.66 42.73
CA LEU B 1240 -15.36 11.91 42.88
C LEU B 1240 -14.15 12.82 42.74
N ASN B 1241 -14.23 13.82 41.86
CA ASN B 1241 -13.17 14.81 41.77
C ASN B 1241 -13.02 15.59 43.07
N MET B 1242 -14.14 15.98 43.68
CA MET B 1242 -14.09 16.71 44.93
C MET B 1242 -13.51 15.86 46.05
N VAL B 1243 -13.85 14.57 46.08
CA VAL B 1243 -13.36 13.68 47.13
C VAL B 1243 -11.84 13.56 47.06
N PHE B 1244 -11.31 13.36 45.86
CA PHE B 1244 -9.87 13.17 45.71
C PHE B 1244 -9.11 14.48 45.92
N THR B 1245 -9.59 15.58 45.35
CA THR B 1245 -8.94 16.87 45.58
C THR B 1245 -9.02 17.28 47.04
N GLY B 1246 -10.08 16.89 47.74
CA GLY B 1246 -10.20 17.22 49.15
C GLY B 1246 -9.15 16.51 49.99
N VAL B 1247 -9.01 15.20 49.81
CA VAL B 1247 -8.06 14.45 50.61
C VAL B 1247 -6.62 14.82 50.26
N PHE B 1248 -6.35 15.12 48.98
CA PHE B 1248 -5.02 15.59 48.62
C PHE B 1248 -4.75 16.96 49.22
N THR B 1249 -5.77 17.80 49.31
CA THR B 1249 -5.61 19.07 50.01
C THR B 1249 -5.38 18.86 51.51
N VAL B 1250 -5.96 17.80 52.08
CA VAL B 1250 -5.69 17.47 53.48
C VAL B 1250 -4.22 17.13 53.67
N GLU B 1251 -3.61 16.43 52.71
CA GLU B 1251 -2.21 16.07 52.83
C GLU B 1251 -1.32 17.30 52.91
N MET B 1252 -1.62 18.33 52.11
CA MET B 1252 -0.78 19.52 52.08
C MET B 1252 -0.74 20.22 53.44
N VAL B 1253 -1.91 20.37 54.07
CA VAL B 1253 -1.96 21.00 55.39
C VAL B 1253 -1.47 20.04 56.45
N LEU B 1254 -1.78 18.74 56.32
CA LEU B 1254 -1.36 17.75 57.31
C LEU B 1254 0.14 17.54 57.29
N LYS B 1255 0.82 17.88 56.19
CA LYS B 1255 2.27 17.74 56.11
C LYS B 1255 3.00 18.95 56.69
N VAL B 1256 2.49 20.16 56.44
CA VAL B 1256 3.19 21.36 56.90
C VAL B 1256 3.13 21.49 58.42
N ILE B 1257 2.06 21.02 59.04
CA ILE B 1257 1.95 21.07 60.50
C ILE B 1257 2.85 20.05 61.19
N ALA B 1258 3.56 19.23 60.43
CA ALA B 1258 4.51 18.27 60.99
C ALA B 1258 5.89 18.36 60.38
N PHE B 1259 6.07 19.05 59.25
CA PHE B 1259 7.36 19.17 58.60
C PHE B 1259 7.82 20.61 58.46
N LYS B 1260 6.96 21.59 58.77
CA LYS B 1260 7.21 23.03 58.76
C LYS B 1260 7.42 23.55 57.34
N PRO B 1261 6.81 24.69 57.01
CA PRO B 1261 7.01 25.25 55.66
C PRO B 1261 8.45 25.60 55.34
N LYS B 1262 9.25 25.96 56.36
CA LYS B 1262 10.63 26.35 56.10
C LYS B 1262 11.44 25.21 55.52
N GLY B 1263 11.27 24.00 56.06
CA GLY B 1263 11.95 22.83 55.53
C GLY B 1263 11.17 22.03 54.53
N TYR B 1264 9.90 22.38 54.30
CA TYR B 1264 9.05 21.61 53.40
C TYR B 1264 9.55 21.67 51.96
N PHE B 1265 10.22 22.76 51.59
CA PHE B 1265 10.67 22.97 50.22
C PHE B 1265 12.05 22.39 49.95
N SER B 1266 12.65 21.72 50.93
CA SER B 1266 13.91 21.03 50.67
C SER B 1266 13.71 19.89 49.68
N ASP B 1267 12.62 19.15 49.82
CA ASP B 1267 12.32 18.08 48.88
C ASP B 1267 11.88 18.64 47.53
N ALA B 1268 12.34 18.01 46.46
CA ALA B 1268 12.00 18.50 45.12
C ALA B 1268 10.58 18.14 44.73
N TRP B 1269 10.11 16.94 45.08
CA TRP B 1269 8.78 16.50 44.65
C TRP B 1269 7.68 17.34 45.27
N ASN B 1270 7.78 17.65 46.56
CA ASN B 1270 6.71 18.37 47.24
C ASN B 1270 6.65 19.84 46.82
N THR B 1271 7.72 20.39 46.26
CA THR B 1271 7.68 21.76 45.77
C THR B 1271 6.68 21.91 44.63
N PHE B 1272 6.66 20.96 43.70
CA PHE B 1272 5.72 20.97 42.60
C PHE B 1272 4.43 20.24 42.93
N ASP B 1273 4.45 19.34 43.91
CA ASP B 1273 3.23 18.62 44.31
C ASP B 1273 2.19 19.58 44.84
N SER B 1274 2.60 20.61 45.58
CA SER B 1274 1.66 21.57 46.12
C SER B 1274 0.95 22.33 45.01
N LEU B 1275 1.68 22.72 43.96
CA LEU B 1275 1.09 23.52 42.88
C LEU B 1275 -0.12 22.84 42.26
N ILE B 1276 -0.15 21.50 42.25
CA ILE B 1276 -1.33 20.80 41.75
C ILE B 1276 -2.51 21.00 42.69
N VAL B 1277 -2.26 21.02 44.00
CA VAL B 1277 -3.34 21.17 44.97
C VAL B 1277 -4.02 22.52 44.79
N ILE B 1278 -3.23 23.60 44.67
CA ILE B 1278 -3.82 24.91 44.41
C ILE B 1278 -4.48 24.92 43.04
N GLY B 1279 -3.81 24.35 42.03
CA GLY B 1279 -4.37 24.34 40.69
C GLY B 1279 -5.68 23.58 40.61
N SER B 1280 -5.75 22.42 41.26
CA SER B 1280 -6.96 21.62 41.23
C SER B 1280 -8.10 22.33 41.94
N ILE B 1281 -7.82 23.01 43.05
CA ILE B 1281 -8.88 23.66 43.81
C ILE B 1281 -9.37 24.95 43.16
N ILE B 1282 -8.59 25.55 42.27
CA ILE B 1282 -9.05 26.76 41.59
C ILE B 1282 -10.19 26.44 40.63
N ASP B 1283 -10.02 25.38 39.82
CA ASP B 1283 -11.02 25.08 38.80
C ASP B 1283 -12.30 24.51 39.41
N VAL B 1284 -12.19 23.72 40.48
CA VAL B 1284 -13.41 23.22 41.12
C VAL B 1284 -14.22 24.36 41.72
N ALA B 1285 -13.54 25.40 42.23
CA ALA B 1285 -14.23 26.61 42.63
C ALA B 1285 -14.79 27.35 41.41
N LEU B 1286 -14.03 27.37 40.32
CA LEU B 1286 -14.46 28.02 39.09
C LEU B 1286 -15.41 27.16 38.27
N SER B 1287 -15.60 25.89 38.63
CA SER B 1287 -16.52 25.04 37.88
C SER B 1287 -17.95 25.56 37.96
N GLU B 1288 -18.37 25.99 39.15
CA GLU B 1288 -19.72 26.49 39.35
C GLU B 1288 -19.68 27.85 40.05
N SER B 1314 -8.41 28.56 29.24
CA SER B 1314 -9.01 29.20 30.41
C SER B 1314 -9.22 28.21 31.55
N ILE B 1315 -9.94 27.12 31.25
CA ILE B 1315 -10.25 26.11 32.25
C ILE B 1315 -9.38 24.86 32.11
N THR B 1316 -8.73 24.65 30.97
CA THR B 1316 -7.98 23.43 30.74
C THR B 1316 -6.57 23.47 31.31
N PHE B 1317 -6.12 24.63 31.81
CA PHE B 1317 -4.75 24.74 32.30
C PHE B 1317 -4.56 23.99 33.61
N PHE B 1318 -5.58 23.95 34.46
CA PHE B 1318 -5.46 23.34 35.78
C PHE B 1318 -6.10 21.97 35.88
N ARG B 1319 -7.13 21.67 35.07
CA ARG B 1319 -7.68 20.32 35.06
C ARG B 1319 -6.71 19.33 34.44
N LEU B 1320 -5.80 19.81 33.59
CA LEU B 1320 -4.82 18.92 32.98
C LEU B 1320 -3.78 18.45 34.00
N PHE B 1321 -3.49 19.28 35.00
CA PHE B 1321 -2.47 18.94 35.99
C PHE B 1321 -2.90 17.83 36.95
N ARG B 1322 -4.17 17.44 36.92
CA ARG B 1322 -4.64 16.39 37.81
C ARG B 1322 -3.93 15.06 37.54
N VAL B 1323 -3.74 14.72 36.26
CA VAL B 1323 -3.07 13.48 35.91
C VAL B 1323 -1.60 13.49 36.31
N MET B 1324 -1.00 14.67 36.43
CA MET B 1324 0.43 14.77 36.72
C MET B 1324 0.79 14.24 38.09
N ARG B 1325 -0.19 14.01 38.97
CA ARG B 1325 0.09 13.45 40.28
C ARG B 1325 0.58 12.02 40.22
N LEU B 1326 0.42 11.34 39.08
CA LEU B 1326 0.85 9.96 38.97
C LEU B 1326 2.36 9.83 39.10
N VAL B 1327 3.11 10.72 38.44
CA VAL B 1327 4.57 10.65 38.49
C VAL B 1327 5.13 11.20 39.80
N LYS B 1328 4.32 11.93 40.57
CA LYS B 1328 4.81 12.55 41.80
C LYS B 1328 5.18 11.54 42.88
N LEU B 1329 4.51 10.39 42.92
CA LEU B 1329 4.78 9.38 43.94
C LEU B 1329 4.98 7.98 43.40
N LEU B 1330 4.49 7.65 42.21
CA LEU B 1330 4.62 6.31 41.67
C LEU B 1330 5.94 6.09 40.96
N SER B 1331 6.81 7.10 40.90
CA SER B 1331 8.16 6.96 40.38
C SER B 1331 9.18 6.70 41.48
N ARG B 1332 8.75 6.03 42.55
CA ARG B 1332 9.61 5.74 43.69
C ARG B 1332 10.37 4.42 43.55
N GLY B 1333 10.19 3.72 42.44
CA GLY B 1333 10.90 2.47 42.23
C GLY B 1333 12.36 2.73 41.92
N GLU B 1334 13.26 2.15 42.73
CA GLU B 1334 14.68 2.28 42.49
C GLU B 1334 15.11 1.31 41.40
N GLY B 1335 15.59 1.84 40.29
CA GLY B 1335 15.95 1.03 39.14
C GLY B 1335 15.43 1.64 37.86
N ILE B 1336 14.28 2.29 37.95
CA ILE B 1336 13.74 3.08 36.85
C ILE B 1336 14.03 4.56 37.05
N ARG B 1337 13.97 5.04 38.28
CA ARG B 1337 14.36 6.42 38.57
C ARG B 1337 15.85 6.64 38.29
N THR B 1338 16.68 5.66 38.67
CA THR B 1338 18.11 5.78 38.39
C THR B 1338 18.38 5.80 36.89
N LEU B 1339 17.67 4.97 36.12
CA LEU B 1339 17.84 4.98 34.68
C LEU B 1339 17.43 6.32 34.08
N LEU B 1340 16.31 6.88 34.54
CA LEU B 1340 15.86 8.17 34.04
C LEU B 1340 16.83 9.28 34.45
N TRP B 1341 17.23 9.30 35.73
CA TRP B 1341 18.12 10.35 36.21
C TRP B 1341 19.49 10.28 35.53
N THR B 1342 20.02 9.07 35.36
CA THR B 1342 21.35 8.95 34.76
C THR B 1342 21.37 9.43 33.32
N PHE B 1343 20.33 9.09 32.55
CA PHE B 1343 20.29 9.50 31.15
C PHE B 1343 20.00 11.00 31.01
N ILE B 1344 19.10 11.53 31.85
CA ILE B 1344 18.78 12.95 31.78
C ILE B 1344 20.00 13.79 32.14
N LYS B 1345 20.75 13.38 33.17
CA LYS B 1345 21.99 14.06 33.50
C LYS B 1345 23.02 13.92 32.40
N SER B 1346 23.03 12.77 31.71
CA SER B 1346 23.92 12.60 30.57
C SER B 1346 23.53 13.52 29.43
N PHE B 1347 22.24 13.71 29.19
CA PHE B 1347 21.80 14.63 28.16
C PHE B 1347 22.20 16.07 28.49
N GLN B 1348 22.06 16.46 29.76
CA GLN B 1348 22.45 17.80 30.17
C GLN B 1348 23.95 18.02 30.03
N ALA B 1349 24.75 16.97 30.18
CA ALA B 1349 26.21 17.08 30.08
C ALA B 1349 26.71 17.17 28.65
N LEU B 1350 25.86 16.92 27.66
CA LEU B 1350 26.24 16.98 26.25
C LEU B 1350 25.22 17.85 25.50
N PRO B 1351 25.21 19.16 25.77
CA PRO B 1351 24.24 20.04 25.11
C PRO B 1351 24.67 20.57 23.76
N TYR B 1352 25.97 20.51 23.43
CA TYR B 1352 26.45 21.02 22.16
C TYR B 1352 26.21 20.05 21.02
N VAL B 1353 26.09 18.76 21.30
CA VAL B 1353 25.78 17.79 20.25
C VAL B 1353 24.38 18.03 19.70
N ALA B 1354 23.43 18.36 20.59
CA ALA B 1354 22.08 18.69 20.16
C ALA B 1354 22.01 20.03 19.45
N LEU B 1355 23.04 20.87 19.60
CA LEU B 1355 23.05 22.15 18.90
C LEU B 1355 23.26 21.96 17.40
N LEU B 1356 23.99 20.91 17.01
CA LEU B 1356 24.16 20.63 15.59
C LEU B 1356 22.83 20.31 14.92
N ILE B 1357 21.99 19.52 15.60
CA ILE B 1357 20.69 19.15 15.03
C ILE B 1357 19.84 20.39 14.84
N ALA B 1358 19.81 21.28 15.84
CA ALA B 1358 19.06 22.52 15.69
C ALA B 1358 19.64 23.39 14.58
N MET B 1359 20.96 23.46 14.48
CA MET B 1359 21.58 24.23 13.41
C MET B 1359 21.35 23.58 12.05
N LEU B 1360 21.35 22.24 12.00
CA LEU B 1360 21.00 21.54 10.77
C LEU B 1360 19.56 21.82 10.37
N PHE B 1361 18.63 21.79 11.34
CA PHE B 1361 17.24 22.08 11.06
C PHE B 1361 17.06 23.53 10.61
N PHE B 1362 17.78 24.46 11.26
CA PHE B 1362 17.67 25.87 10.90
C PHE B 1362 18.14 26.12 9.48
N ILE B 1363 19.27 25.53 9.09
CA ILE B 1363 19.83 25.77 7.76
C ILE B 1363 18.91 25.22 6.68
N TYR B 1364 18.45 23.98 6.85
CA TYR B 1364 17.63 23.35 5.83
C TYR B 1364 16.24 23.95 5.74
N ALA B 1365 15.68 24.39 6.88
CA ALA B 1365 14.36 25.01 6.85
C ALA B 1365 14.40 26.35 6.12
N VAL B 1366 15.48 27.13 6.32
CA VAL B 1366 15.60 28.43 5.67
C VAL B 1366 15.77 28.24 4.15
N ILE B 1367 16.62 27.29 3.75
CA ILE B 1367 16.78 27.00 2.33
C ILE B 1367 15.47 26.52 1.73
N GLY B 1368 14.69 25.75 2.48
CA GLY B 1368 13.43 25.24 1.96
C GLY B 1368 12.42 26.32 1.63
N MET B 1369 12.42 27.42 2.39
CA MET B 1369 11.45 28.47 2.13
C MET B 1369 11.73 29.18 0.82
N GLN B 1370 13.00 29.36 0.47
CA GLN B 1370 13.34 30.03 -0.78
C GLN B 1370 12.95 29.17 -1.99
N MET B 1371 13.31 27.88 -1.96
CA MET B 1371 13.08 27.03 -3.13
C MET B 1371 11.64 26.58 -3.23
N PHE B 1372 11.10 25.98 -2.16
CA PHE B 1372 9.79 25.35 -2.20
C PHE B 1372 8.74 26.13 -1.41
N GLY B 1373 8.98 27.40 -1.12
CA GLY B 1373 8.05 28.17 -0.32
C GLY B 1373 6.93 28.81 -1.12
N LYS B 1374 7.10 28.90 -2.43
CA LYS B 1374 6.10 29.51 -3.30
C LYS B 1374 5.16 28.49 -3.93
N VAL B 1375 5.27 27.21 -3.57
CA VAL B 1375 4.39 26.20 -4.13
C VAL B 1375 3.00 26.32 -3.51
N ALA B 1376 1.98 26.29 -4.37
CA ALA B 1376 0.61 26.41 -3.89
C ALA B 1376 0.20 25.17 -3.08
N MET B 1377 -0.64 25.40 -2.09
CA MET B 1377 -1.12 24.34 -1.21
C MET B 1377 -2.44 23.80 -1.73
N ARG B 1378 -2.51 22.48 -1.90
CA ARG B 1378 -3.72 21.81 -2.34
C ARG B 1378 -4.08 20.71 -1.35
N ASP B 1379 -5.38 20.44 -1.22
CA ASP B 1379 -5.85 19.46 -0.24
C ASP B 1379 -5.38 18.06 -0.59
N ASN B 1380 -5.42 17.69 -1.87
CA ASN B 1380 -5.05 16.34 -2.29
C ASN B 1380 -3.54 16.14 -2.41
N ASN B 1381 -2.76 17.21 -2.43
CA ASN B 1381 -1.32 17.11 -2.59
C ASN B 1381 -0.65 16.87 -1.24
N GLN B 1382 0.64 16.50 -1.29
CA GLN B 1382 1.43 16.38 -0.08
C GLN B 1382 1.84 17.73 0.49
N ILE B 1383 1.86 18.76 -0.34
CA ILE B 1383 2.08 20.13 0.12
C ILE B 1383 0.69 20.73 0.33
N ASN B 1384 0.21 20.72 1.58
CA ASN B 1384 -1.13 21.16 1.88
C ASN B 1384 -1.14 22.18 3.02
N ARG B 1385 -2.34 22.49 3.54
CA ARG B 1385 -2.44 23.49 4.60
C ARG B 1385 -1.69 23.06 5.85
N ASN B 1386 -1.51 21.75 6.05
CA ASN B 1386 -0.82 21.25 7.22
C ASN B 1386 0.68 21.06 6.98
N ASN B 1387 1.07 20.77 5.75
CA ASN B 1387 2.45 20.47 5.40
C ASN B 1387 2.86 21.39 4.26
N ASN B 1388 3.75 22.34 4.55
CA ASN B 1388 4.20 23.29 3.53
C ASN B 1388 5.50 23.93 3.99
N PHE B 1389 6.04 24.80 3.13
CA PHE B 1389 7.26 25.54 3.40
C PHE B 1389 7.00 27.04 3.56
N GLN B 1390 5.75 27.44 3.78
CA GLN B 1390 5.40 28.85 3.71
C GLN B 1390 5.90 29.62 4.92
N THR B 1391 6.00 28.98 6.08
CA THR B 1391 6.37 29.66 7.31
C THR B 1391 7.45 28.83 8.01
N PHE B 1392 8.33 29.50 8.74
CA PHE B 1392 9.47 28.81 9.34
C PHE B 1392 9.06 27.71 10.31
N PRO B 1393 8.12 27.92 11.25
CA PRO B 1393 7.64 26.77 12.04
C PRO B 1393 7.02 25.68 11.19
N GLN B 1394 6.33 26.03 10.11
CA GLN B 1394 5.78 25.00 9.22
C GLN B 1394 6.90 24.26 8.49
N ALA B 1395 7.93 24.98 8.07
CA ALA B 1395 9.06 24.33 7.41
C ALA B 1395 9.82 23.43 8.38
N VAL B 1396 9.98 23.87 9.63
CA VAL B 1396 10.67 23.06 10.63
C VAL B 1396 9.88 21.80 10.93
N LEU B 1397 8.55 21.90 11.03
CA LEU B 1397 7.72 20.72 11.28
C LEU B 1397 7.80 19.74 10.12
N LEU B 1398 7.91 20.25 8.89
CA LEU B 1398 8.06 19.36 7.74
C LEU B 1398 9.36 18.57 7.82
N LEU B 1399 10.45 19.22 8.22
CA LEU B 1399 11.73 18.53 8.33
C LEU B 1399 11.70 17.52 9.47
N PHE B 1400 11.00 17.82 10.56
CA PHE B 1400 10.81 16.85 11.62
C PHE B 1400 9.97 15.67 11.14
N ARG B 1401 9.03 15.93 10.23
CA ARG B 1401 8.26 14.86 9.61
C ARG B 1401 9.17 13.94 8.81
N CYS B 1402 10.10 14.52 8.05
CA CYS B 1402 11.00 13.72 7.23
C CYS B 1402 12.07 13.03 8.09
N ALA B 1403 12.43 13.63 9.22
CA ALA B 1403 13.41 13.00 10.11
C ALA B 1403 12.90 11.65 10.61
N THR B 1404 11.63 11.60 11.00
CA THR B 1404 11.00 10.33 11.37
C THR B 1404 10.65 9.47 10.17
N GLY B 1405 10.76 10.02 8.95
CA GLY B 1405 10.49 9.24 7.75
C GLY B 1405 9.04 8.84 7.62
N GLU B 1406 8.16 9.81 7.36
CA GLU B 1406 6.74 9.49 7.25
C GLU B 1406 6.34 9.23 5.80
N ALA B 1407 6.45 10.25 4.94
CA ALA B 1407 6.27 10.10 3.51
C ALA B 1407 7.26 10.98 2.77
N TRP B 1408 8.52 10.98 3.22
CA TRP B 1408 9.49 11.94 2.71
C TRP B 1408 9.68 11.82 1.22
N GLN B 1409 9.51 10.62 0.65
CA GLN B 1409 9.63 10.47 -0.79
C GLN B 1409 8.43 11.04 -1.51
N GLU B 1410 7.27 11.09 -0.86
CA GLU B 1410 6.09 11.71 -1.45
C GLU B 1410 6.16 13.23 -1.41
N ILE B 1411 6.74 13.80 -0.36
CA ILE B 1411 6.96 15.24 -0.31
C ILE B 1411 7.95 15.65 -1.40
N MET B 1412 9.01 14.86 -1.58
CA MET B 1412 10.01 15.18 -2.59
C MET B 1412 9.40 15.22 -3.98
N LEU B 1413 8.51 14.27 -4.29
CA LEU B 1413 7.86 14.26 -5.60
C LEU B 1413 6.96 15.48 -5.79
N ALA B 1414 6.47 16.07 -4.70
CA ALA B 1414 5.60 17.22 -4.79
C ALA B 1414 6.35 18.52 -5.05
N CYS B 1415 7.69 18.50 -4.99
CA CYS B 1415 8.50 19.71 -5.16
C CYS B 1415 9.21 19.75 -6.51
N LEU B 1416 8.84 18.88 -7.45
CA LEU B 1416 9.42 18.93 -8.78
C LEU B 1416 8.91 20.14 -9.54
N PRO B 1417 9.64 20.58 -10.59
CA PRO B 1417 9.35 21.90 -11.19
C PRO B 1417 7.93 22.12 -11.68
N GLY B 1418 7.28 21.11 -12.24
CA GLY B 1418 5.96 21.33 -12.80
C GLY B 1418 4.85 21.45 -11.77
N LYS B 1419 4.87 22.50 -10.96
CA LYS B 1419 3.92 22.67 -9.88
C LYS B 1419 3.31 24.06 -9.91
N LEU B 1420 2.06 24.15 -9.49
CA LEU B 1420 1.34 25.42 -9.43
C LEU B 1420 1.89 26.30 -8.31
N CYS B 1421 1.79 27.61 -8.51
CA CYS B 1421 2.22 28.60 -7.53
C CYS B 1421 1.03 29.38 -7.02
N ASP B 1422 1.02 29.65 -5.72
CA ASP B 1422 -0.12 30.33 -5.11
C ASP B 1422 -0.23 31.76 -5.64
N PRO B 1423 -1.45 32.27 -5.81
CA PRO B 1423 -1.62 33.61 -6.38
C PRO B 1423 -1.01 34.73 -5.54
N GLU B 1424 -0.79 34.50 -4.24
CA GLU B 1424 -0.21 35.54 -3.40
C GLU B 1424 1.22 35.88 -3.82
N SER B 1425 1.93 34.92 -4.42
CA SER B 1425 3.29 35.17 -4.86
C SER B 1425 3.30 36.07 -6.08
N ASP B 1426 4.42 36.76 -6.28
CA ASP B 1426 4.61 37.67 -7.40
C ASP B 1426 5.35 36.92 -8.51
N TYR B 1427 4.62 36.57 -9.58
CA TYR B 1427 5.20 35.88 -10.71
C TYR B 1427 4.73 36.52 -12.00
N ASN B 1428 5.55 36.39 -13.04
CA ASN B 1428 5.23 36.99 -14.33
C ASN B 1428 3.98 36.34 -14.91
N PRO B 1429 3.15 37.12 -15.61
CA PRO B 1429 1.93 36.55 -16.18
C PRO B 1429 2.25 35.64 -17.37
N GLY B 1430 1.34 34.71 -17.63
CA GLY B 1430 1.50 33.75 -18.69
C GLY B 1430 2.22 32.48 -18.28
N GLU B 1431 2.76 32.42 -17.07
CA GLU B 1431 3.43 31.21 -16.57
C GLU B 1431 2.89 30.94 -15.16
N GLU B 1432 2.26 29.78 -14.99
CA GLU B 1432 1.70 29.37 -13.71
C GLU B 1432 2.45 28.21 -13.08
N TYR B 1433 2.81 27.20 -13.86
CA TYR B 1433 3.50 26.01 -13.35
C TYR B 1433 4.99 26.18 -13.60
N THR B 1434 5.62 26.97 -12.74
CA THR B 1434 7.05 27.20 -12.83
C THR B 1434 7.78 26.95 -11.51
N CYS B 1435 7.16 27.26 -10.37
CA CYS B 1435 7.80 27.06 -9.09
C CYS B 1435 7.98 25.57 -8.79
N GLY B 1436 9.08 25.24 -8.14
CA GLY B 1436 9.56 23.89 -7.94
C GLY B 1436 10.89 23.76 -8.67
N SER B 1437 11.81 23.02 -8.07
CA SER B 1437 13.16 22.90 -8.62
C SER B 1437 13.59 21.44 -8.63
N ASN B 1438 14.50 21.13 -9.55
CA ASN B 1438 15.07 19.79 -9.63
C ASN B 1438 16.04 19.51 -8.48
N PHE B 1439 16.34 20.51 -7.66
CA PHE B 1439 17.17 20.33 -6.48
C PHE B 1439 16.44 19.61 -5.35
N ALA B 1440 15.13 19.37 -5.50
CA ALA B 1440 14.38 18.67 -4.47
C ALA B 1440 14.92 17.26 -4.25
N ILE B 1441 15.48 16.64 -5.28
CA ILE B 1441 16.03 15.30 -5.14
C ILE B 1441 17.24 15.32 -4.21
N VAL B 1442 18.14 16.28 -4.42
CA VAL B 1442 19.33 16.37 -3.57
C VAL B 1442 19.02 17.07 -2.25
N TYR B 1443 17.93 17.82 -2.18
CA TYR B 1443 17.56 18.48 -0.92
C TYR B 1443 17.07 17.46 0.11
N PHE B 1444 16.18 16.56 -0.29
CA PHE B 1444 15.60 15.60 0.64
C PHE B 1444 16.49 14.39 0.88
N ILE B 1445 17.21 13.94 -0.14
CA ILE B 1445 18.07 12.78 0.02
C ILE B 1445 19.26 13.12 0.90
N SER B 1446 19.85 14.31 0.72
CA SER B 1446 20.98 14.70 1.56
C SER B 1446 20.54 15.00 2.98
N PHE B 1447 19.34 15.56 3.17
CA PHE B 1447 18.86 15.82 4.52
C PHE B 1447 18.61 14.53 5.28
N TYR B 1448 18.08 13.51 4.61
CA TYR B 1448 17.81 12.25 5.29
C TYR B 1448 19.09 11.60 5.78
N MET B 1449 20.14 11.59 4.96
CA MET B 1449 21.40 11.00 5.37
C MET B 1449 22.05 11.81 6.50
N LEU B 1450 22.02 13.14 6.38
CA LEU B 1450 22.64 13.98 7.41
C LEU B 1450 21.88 13.90 8.73
N CYS B 1451 20.55 14.00 8.68
CA CYS B 1451 19.76 13.93 9.90
C CYS B 1451 19.91 12.58 10.58
N ALA B 1452 19.94 11.50 9.81
CA ALA B 1452 20.15 10.18 10.39
C ALA B 1452 21.54 10.04 10.98
N PHE B 1453 22.54 10.69 10.38
CA PHE B 1453 23.91 10.56 10.87
C PHE B 1453 24.11 11.30 12.19
N LEU B 1454 23.60 12.54 12.29
CA LEU B 1454 23.76 13.29 13.52
C LEU B 1454 22.86 12.78 14.64
N ILE B 1455 21.75 12.11 14.31
CA ILE B 1455 20.88 11.58 15.36
C ILE B 1455 21.58 10.44 16.09
N ILE B 1456 22.19 9.50 15.35
CA ILE B 1456 22.93 8.44 16.00
C ILE B 1456 24.23 8.95 16.59
N ASN B 1457 24.77 10.04 16.06
CA ASN B 1457 25.91 10.69 16.71
C ASN B 1457 25.54 11.21 18.08
N LEU B 1458 24.34 11.78 18.22
CA LEU B 1458 23.87 12.22 19.53
C LEU B 1458 23.45 11.04 20.40
N PHE B 1459 22.85 10.02 19.79
CA PHE B 1459 22.39 8.86 20.55
C PHE B 1459 23.57 8.14 21.19
N VAL B 1460 24.62 7.88 20.42
CA VAL B 1460 25.76 7.13 20.95
C VAL B 1460 26.53 7.95 21.96
N ALA B 1461 26.69 9.26 21.70
CA ALA B 1461 27.43 10.11 22.62
C ALA B 1461 26.80 10.12 24.00
N VAL B 1462 25.47 10.17 24.07
CA VAL B 1462 24.79 10.04 25.34
C VAL B 1462 25.02 8.66 25.95
N ILE B 1463 24.98 7.62 25.11
CA ILE B 1463 25.22 6.27 25.58
C ILE B 1463 26.66 6.13 26.08
N MET B 1464 27.60 6.81 25.43
CA MET B 1464 28.99 6.77 25.89
C MET B 1464 29.13 7.26 27.33
N ASP B 1465 28.37 8.29 27.69
CA ASP B 1465 28.47 8.87 29.03
C ASP B 1465 27.76 8.04 30.09
N ASN B 1466 27.43 6.78 29.80
CA ASN B 1466 26.70 5.96 30.76
C ASN B 1466 27.20 4.52 30.84
N PHE B 1467 28.32 4.16 30.21
CA PHE B 1467 28.84 2.81 30.34
C PHE B 1467 29.13 2.43 31.78
N ASP B 1468 29.46 3.42 32.63
CA ASP B 1468 29.65 3.14 34.04
C ASP B 1468 28.35 2.65 34.67
N TYR B 1469 27.23 3.25 34.31
CA TYR B 1469 25.94 2.81 34.83
C TYR B 1469 25.36 1.65 34.03
N LEU B 1470 25.50 1.69 32.70
CA LEU B 1470 24.94 0.64 31.87
C LEU B 1470 25.61 -0.69 32.17
N THR B 1471 26.94 -0.70 32.25
CA THR B 1471 27.69 -1.88 32.71
C THR B 1471 28.02 -1.75 34.19
N ARG B 1472 26.98 -1.60 35.01
CA ARG B 1472 27.18 -1.37 36.44
C ARG B 1472 27.68 -2.62 37.14
N ASP B 1473 27.13 -3.79 36.79
CA ASP B 1473 27.45 -5.05 37.45
C ASP B 1473 27.17 -4.96 38.96
N TRP B 1474 25.89 -4.81 39.27
CA TRP B 1474 25.46 -4.58 40.64
C TRP B 1474 25.83 -5.73 41.58
N SER B 1475 26.14 -6.90 41.05
CA SER B 1475 26.44 -8.05 41.89
C SER B 1475 27.69 -7.82 42.72
N ILE B 1476 28.74 -7.25 42.13
CA ILE B 1476 30.01 -7.14 42.82
C ILE B 1476 30.02 -5.95 43.78
N LEU B 1477 29.81 -4.74 43.26
CA LEU B 1477 29.84 -3.52 44.07
C LEU B 1477 29.39 -2.37 43.18
N GLY B 1478 29.38 -1.16 43.74
CA GLY B 1478 29.05 0.03 43.01
C GLY B 1478 28.79 1.21 43.92
N PRO B 1479 28.65 2.40 43.34
CA PRO B 1479 28.33 3.58 44.15
C PRO B 1479 26.97 3.51 44.82
N HIS B 1480 26.07 2.64 44.34
CA HIS B 1480 24.77 2.49 44.98
C HIS B 1480 24.90 1.99 46.42
N HIS B 1481 25.87 1.10 46.66
CA HIS B 1481 26.11 0.63 48.03
C HIS B 1481 26.52 1.77 48.94
N LEU B 1482 27.37 2.68 48.44
CA LEU B 1482 27.77 3.84 49.23
C LEU B 1482 26.58 4.75 49.52
N ASP B 1483 25.66 4.87 48.56
CA ASP B 1483 24.47 5.68 48.77
C ASP B 1483 23.62 5.11 49.91
N GLU B 1484 23.49 3.78 49.98
CA GLU B 1484 22.79 3.16 51.09
C GLU B 1484 23.51 3.40 52.41
N PHE B 1485 24.85 3.35 52.38
CA PHE B 1485 25.62 3.64 53.58
C PHE B 1485 25.39 5.06 54.06
N LYS B 1486 25.35 6.03 53.13
CA LYS B 1486 25.08 7.41 53.50
C LYS B 1486 23.68 7.56 54.08
N ARG B 1487 22.70 6.87 53.49
CA ARG B 1487 21.33 6.95 53.99
C ARG B 1487 21.24 6.42 55.41
N ILE B 1488 21.87 5.27 55.69
CA ILE B 1488 21.87 4.73 57.04
C ILE B 1488 22.65 5.62 57.97
N TRP B 1489 23.74 6.22 57.48
CA TRP B 1489 24.53 7.14 58.30
C TRP B 1489 23.71 8.35 58.72
N SER B 1490 22.92 8.90 57.80
CA SER B 1490 22.09 10.06 58.10
C SER B 1490 20.87 9.72 58.94
N GLU B 1491 20.57 8.44 59.15
CA GLU B 1491 19.40 8.07 59.93
C GLU B 1491 19.54 8.51 61.39
N TYR B 1492 20.72 8.30 61.96
CA TYR B 1492 20.94 8.63 63.37
C TYR B 1492 21.17 10.12 63.61
N ASP B 1493 21.37 10.90 62.57
CA ASP B 1493 21.63 12.33 62.72
C ASP B 1493 20.40 13.13 62.30
N PRO B 1494 19.67 13.76 63.23
CA PRO B 1494 18.67 14.75 62.81
C PRO B 1494 19.30 15.89 62.04
N GLU B 1495 20.51 16.28 62.42
CA GLU B 1495 21.35 17.18 61.65
C GLU B 1495 22.72 16.53 61.51
N ALA B 1496 23.35 16.71 60.35
CA ALA B 1496 24.59 16.00 60.02
C ALA B 1496 25.68 16.25 61.06
N LYS B 1497 26.15 17.50 61.15
CA LYS B 1497 27.13 17.92 62.15
C LYS B 1497 28.45 17.17 62.03
N GLY B 1498 28.59 16.31 61.01
CA GLY B 1498 29.83 15.63 60.75
C GLY B 1498 30.03 14.32 61.49
N ARG B 1499 29.93 14.34 62.82
CA ARG B 1499 30.33 13.21 63.64
C ARG B 1499 29.19 12.73 64.52
N ILE B 1500 29.27 11.46 64.93
CA ILE B 1500 28.35 10.84 65.86
C ILE B 1500 29.15 10.20 66.97
N LYS B 1501 28.44 9.52 67.89
CA LYS B 1501 29.07 8.82 68.98
C LYS B 1501 29.41 7.38 68.60
N HIS B 1502 30.32 6.78 69.36
CA HIS B 1502 30.81 5.43 69.07
C HIS B 1502 29.80 4.35 69.42
N LEU B 1503 28.77 4.67 70.21
CA LEU B 1503 27.80 3.65 70.61
C LEU B 1503 26.97 3.16 69.43
N ASP B 1504 26.80 4.00 68.41
CA ASP B 1504 26.02 3.65 67.24
C ASP B 1504 26.85 3.06 66.11
N VAL B 1505 28.15 2.87 66.31
CA VAL B 1505 29.01 2.35 65.26
C VAL B 1505 28.62 0.92 64.91
N VAL B 1506 28.38 0.09 65.92
CA VAL B 1506 28.02 -1.31 65.67
C VAL B 1506 26.67 -1.40 64.97
N THR B 1507 25.69 -0.63 65.43
CA THR B 1507 24.37 -0.65 64.79
C THR B 1507 24.42 -0.09 63.38
N LEU B 1508 25.40 0.77 63.08
CA LEU B 1508 25.56 1.27 61.73
C LEU B 1508 25.89 0.16 60.74
N LEU B 1509 26.84 -0.72 61.11
CA LEU B 1509 27.29 -1.76 60.21
C LEU B 1509 26.36 -2.96 60.17
N ARG B 1510 25.45 -3.09 61.15
CA ARG B 1510 24.61 -4.27 61.22
C ARG B 1510 23.53 -4.27 60.14
N ARG B 1511 22.98 -3.09 59.81
CA ARG B 1511 21.86 -2.97 58.89
C ARG B 1511 22.28 -2.86 57.43
N ILE B 1512 23.49 -3.33 57.10
CA ILE B 1512 24.01 -3.24 55.73
C ILE B 1512 23.98 -4.63 55.11
N GLN B 1513 23.78 -4.66 53.79
CA GLN B 1513 23.65 -5.92 53.08
C GLN B 1513 24.96 -6.71 53.12
N PRO B 1514 24.87 -8.03 53.06
CA PRO B 1514 26.09 -8.88 53.08
C PRO B 1514 27.06 -8.56 51.96
N PRO B 1515 26.60 -8.19 50.75
CA PRO B 1515 27.57 -7.77 49.72
C PRO B 1515 28.42 -6.58 50.15
N LEU B 1516 27.92 -5.73 51.04
CA LEU B 1516 28.69 -4.60 51.54
C LEU B 1516 29.05 -4.70 53.01
N GLY B 1517 28.19 -5.28 53.83
CA GLY B 1517 28.42 -5.33 55.27
C GLY B 1517 29.05 -6.61 55.76
N PHE B 1518 28.27 -7.44 56.43
CA PHE B 1518 28.77 -8.69 57.02
C PHE B 1518 27.76 -9.80 56.75
N GLY B 1519 28.10 -11.01 57.19
CA GLY B 1519 27.25 -12.16 56.98
C GLY B 1519 26.05 -12.18 57.91
N LYS B 1520 25.24 -13.22 57.73
CA LYS B 1520 24.00 -13.37 58.50
C LYS B 1520 24.20 -14.05 59.84
N LEU B 1521 25.44 -14.44 60.18
CA LEU B 1521 25.72 -15.11 61.44
C LEU B 1521 25.81 -14.08 62.57
N CYS B 1522 26.30 -14.52 63.72
CA CYS B 1522 26.41 -13.63 64.88
C CYS B 1522 27.46 -12.55 64.60
N PRO B 1523 27.13 -11.27 64.84
CA PRO B 1523 28.12 -10.21 64.63
C PRO B 1523 29.30 -10.28 65.60
N HIS B 1524 29.12 -10.90 66.77
CA HIS B 1524 30.22 -10.96 67.74
C HIS B 1524 31.39 -11.77 67.20
N ARG B 1525 31.10 -12.88 66.52
CA ARG B 1525 32.17 -13.75 66.04
C ARG B 1525 32.89 -13.17 64.83
N VAL B 1526 32.20 -12.35 64.02
CA VAL B 1526 32.79 -11.84 62.79
C VAL B 1526 32.86 -10.32 62.81
N ALA B 1527 31.70 -9.67 62.90
CA ALA B 1527 31.66 -8.21 62.78
C ALA B 1527 32.41 -7.53 63.92
N CYS B 1528 32.24 -8.02 65.15
CA CYS B 1528 32.94 -7.42 66.28
C CYS B 1528 34.45 -7.61 66.17
N LYS B 1529 34.89 -8.78 65.73
CA LYS B 1529 36.32 -9.04 65.62
C LYS B 1529 36.92 -8.29 64.44
N ARG B 1530 36.19 -8.20 63.32
CA ARG B 1530 36.71 -7.52 62.14
C ARG B 1530 36.72 -6.01 62.30
N LEU B 1531 36.01 -5.47 63.29
CA LEU B 1531 35.97 -4.02 63.47
C LEU B 1531 37.35 -3.46 63.79
N VAL B 1532 38.09 -4.14 64.66
CA VAL B 1532 39.42 -3.68 65.03
C VAL B 1532 40.46 -4.03 63.97
N ALA B 1533 40.15 -4.98 63.09
CA ALA B 1533 41.14 -5.48 62.15
C ALA B 1533 41.65 -4.38 61.21
N MET B 1534 40.75 -3.54 60.72
CA MET B 1534 41.13 -2.49 59.78
C MET B 1534 41.80 -1.32 60.52
N ASN B 1535 42.20 -0.31 59.75
CA ASN B 1535 42.88 0.85 60.29
C ASN B 1535 41.88 1.98 60.50
N MET B 1536 41.94 2.59 61.68
CA MET B 1536 41.02 3.67 62.05
C MET B 1536 41.82 4.87 62.52
N PRO B 1537 41.28 6.08 62.32
CA PRO B 1537 41.91 7.27 62.92
C PRO B 1537 41.86 7.22 64.44
N LEU B 1538 42.87 7.81 65.06
CA LEU B 1538 42.97 7.83 66.52
C LEU B 1538 42.39 9.12 67.08
N ASN B 1539 41.06 9.23 66.96
CA ASN B 1539 40.32 10.39 67.44
C ASN B 1539 39.87 10.12 68.88
N SER B 1540 38.95 10.96 69.38
CA SER B 1540 38.44 10.81 70.72
C SER B 1540 37.50 9.61 70.80
N ASP B 1541 36.88 9.44 71.98
CA ASP B 1541 36.01 8.30 72.21
C ASP B 1541 34.78 8.33 71.29
N GLY B 1542 34.17 9.51 71.13
CA GLY B 1542 32.94 9.61 70.37
C GLY B 1542 32.94 10.67 69.30
N THR B 1543 34.07 10.85 68.61
CA THR B 1543 34.21 11.84 67.55
C THR B 1543 34.78 11.14 66.32
N VAL B 1544 33.90 10.60 65.48
CA VAL B 1544 34.27 9.93 64.24
C VAL B 1544 33.50 10.57 63.09
N MET B 1545 34.21 10.91 62.02
CA MET B 1545 33.62 11.57 60.87
C MET B 1545 33.14 10.54 59.85
N PHE B 1546 32.18 10.96 59.02
CA PHE B 1546 31.54 10.03 58.10
C PHE B 1546 32.52 9.48 57.07
N ASN B 1547 33.41 10.34 56.55
CA ASN B 1547 34.32 9.90 55.49
C ASN B 1547 35.41 8.97 56.00
N ALA B 1548 35.62 8.90 57.31
CA ALA B 1548 36.59 7.98 57.88
C ALA B 1548 36.01 6.60 58.16
N THR B 1549 34.71 6.40 57.94
CA THR B 1549 34.05 5.12 58.17
C THR B 1549 33.87 4.34 56.88
N LEU B 1550 33.26 4.96 55.87
CA LEU B 1550 33.02 4.27 54.61
C LEU B 1550 34.31 4.01 53.85
N PHE B 1551 35.33 4.85 54.03
CA PHE B 1551 36.58 4.68 53.31
C PHE B 1551 37.25 3.36 53.68
N ALA B 1552 37.21 2.99 54.95
CA ALA B 1552 37.74 1.69 55.36
C ALA B 1552 36.94 0.55 54.74
N LEU B 1553 35.62 0.71 54.65
CA LEU B 1553 34.79 -0.32 54.02
C LEU B 1553 35.12 -0.47 52.54
N VAL B 1554 35.33 0.65 51.85
CA VAL B 1554 35.71 0.58 50.43
C VAL B 1554 37.08 -0.07 50.28
N ARG B 1555 38.02 0.30 51.13
CA ARG B 1555 39.35 -0.32 51.09
C ARG B 1555 39.28 -1.80 51.42
N THR B 1556 38.31 -2.23 52.23
CA THR B 1556 38.16 -3.64 52.56
C THR B 1556 37.54 -4.41 51.40
N ALA B 1557 36.61 -3.79 50.66
CA ALA B 1557 35.91 -4.50 49.60
C ALA B 1557 36.86 -4.93 48.48
N LEU B 1558 37.78 -4.05 48.08
CA LEU B 1558 38.71 -4.33 47.01
C LEU B 1558 40.13 -4.03 47.46
N LYS B 1559 41.07 -4.83 46.96
CA LYS B 1559 42.51 -4.72 47.23
C LYS B 1559 42.79 -4.42 48.71
N ILE B 1560 42.34 -5.34 49.57
CA ILE B 1560 42.61 -5.24 51.00
C ILE B 1560 44.10 -5.41 51.25
N LYS B 1561 44.64 -4.57 52.12
CA LYS B 1561 46.06 -4.58 52.44
C LYS B 1561 46.26 -4.66 53.95
N THR B 1562 47.35 -5.30 54.35
CA THR B 1562 47.68 -5.47 55.76
C THR B 1562 48.40 -4.23 56.27
N GLU B 1563 48.95 -4.32 57.49
CA GLU B 1563 49.70 -3.22 58.06
C GLU B 1563 51.11 -3.17 57.49
N GLY B 1564 51.77 -2.03 57.70
CA GLY B 1564 53.11 -1.79 57.23
C GLY B 1564 53.20 -0.96 55.97
N ASN B 1565 52.10 -0.80 55.24
CA ASN B 1565 52.09 -0.01 54.01
C ASN B 1565 50.83 0.85 53.95
N LEU B 1566 50.48 1.48 55.08
CA LEU B 1566 49.31 2.36 55.09
C LEU B 1566 49.50 3.58 54.20
N GLU B 1567 50.69 4.19 54.23
CA GLU B 1567 50.95 5.36 53.42
C GLU B 1567 50.99 5.05 51.93
N GLN B 1568 51.19 3.78 51.57
CA GLN B 1568 51.13 3.39 50.16
C GLN B 1568 49.73 3.60 49.59
N ALA B 1569 48.70 3.45 50.42
CA ALA B 1569 47.33 3.66 49.96
C ALA B 1569 47.12 5.09 49.49
N ASN B 1570 47.49 6.07 50.33
CA ASN B 1570 47.36 7.46 49.93
C ASN B 1570 48.35 7.83 48.83
N GLU B 1571 49.49 7.14 48.77
CA GLU B 1571 50.43 7.34 47.68
C GLU B 1571 49.81 6.94 46.35
N GLU B 1572 49.06 5.83 46.33
CA GLU B 1572 48.37 5.42 45.12
C GLU B 1572 47.31 6.45 44.72
N LEU B 1573 46.53 6.95 45.68
CA LEU B 1573 45.52 7.95 45.38
C LEU B 1573 46.14 9.24 44.89
N ARG B 1574 47.24 9.68 45.51
CA ARG B 1574 47.87 10.93 45.13
C ARG B 1574 48.62 10.85 43.80
N ALA B 1575 48.75 9.64 43.23
CA ALA B 1575 49.41 9.47 41.95
C ALA B 1575 48.48 9.06 40.82
N VAL B 1576 47.26 8.63 41.13
CA VAL B 1576 46.31 8.22 40.11
C VAL B 1576 45.00 8.99 40.30
N ILE B 1577 44.46 8.95 41.51
CA ILE B 1577 43.20 9.63 41.79
C ILE B 1577 43.40 11.14 41.69
N LYS B 1578 42.31 11.87 41.52
CA LYS B 1578 42.35 13.31 41.34
C LYS B 1578 42.85 14.00 42.61
N LYS B 1579 42.89 15.33 42.56
CA LYS B 1579 43.44 16.12 43.66
C LYS B 1579 42.71 15.80 44.97
N ILE B 1580 43.49 15.63 46.03
CA ILE B 1580 42.92 15.29 47.32
C ILE B 1580 42.38 16.53 48.03
N TRP B 1581 42.91 17.71 47.72
CA TRP B 1581 42.46 18.98 48.30
C TRP B 1581 42.56 18.97 49.82
N LYS B 1582 43.64 18.37 50.33
CA LYS B 1582 43.98 18.34 51.75
C LYS B 1582 42.93 17.67 52.62
N LYS B 1583 41.99 16.94 52.02
CA LYS B 1583 40.91 16.31 52.76
C LYS B 1583 41.22 14.88 53.19
N THR B 1584 42.38 14.34 52.80
CA THR B 1584 42.77 12.99 53.18
C THR B 1584 43.81 12.96 54.28
N SER B 1585 44.04 14.09 54.96
CA SER B 1585 45.06 14.13 56.01
C SER B 1585 44.72 13.19 57.15
N MET B 1586 43.51 13.29 57.68
CA MET B 1586 43.11 12.41 58.79
C MET B 1586 42.90 10.98 58.30
N LYS B 1587 42.39 10.81 57.08
CA LYS B 1587 42.18 9.48 56.54
C LYS B 1587 43.49 8.80 56.15
N LEU B 1588 44.58 9.55 56.04
CA LEU B 1588 45.86 8.95 55.68
C LEU B 1588 46.33 7.99 56.76
N LEU B 1589 46.15 8.35 58.03
CA LEU B 1589 46.54 7.48 59.14
C LEU B 1589 45.38 6.57 59.54
N PHE C 27 -89.54 9.99 8.20
CA PHE C 27 -89.09 9.52 6.91
C PHE C 27 -90.26 9.40 5.94
N PRO C 28 -90.21 10.17 4.84
CA PRO C 28 -91.30 10.14 3.86
C PRO C 28 -91.44 8.77 3.22
N SER C 29 -92.67 8.44 2.86
CA SER C 29 -92.96 7.16 2.22
C SER C 29 -92.35 7.12 0.82
N ALA C 30 -92.28 5.90 0.26
CA ALA C 30 -91.72 5.73 -1.07
C ALA C 30 -92.56 6.44 -2.12
N VAL C 31 -93.88 6.40 -1.97
CA VAL C 31 -94.76 7.01 -2.96
C VAL C 31 -94.56 8.52 -3.01
N THR C 32 -94.50 9.17 -1.84
CA THR C 32 -94.40 10.62 -1.81
C THR C 32 -93.01 11.12 -2.18
N ILE C 33 -91.96 10.35 -1.88
CA ILE C 33 -90.62 10.77 -2.28
C ILE C 33 -90.40 10.51 -3.77
N LYS C 34 -91.08 9.52 -4.33
CA LYS C 34 -91.02 9.30 -5.77
C LYS C 34 -91.57 10.50 -6.53
N SER C 35 -92.67 11.09 -6.05
CA SER C 35 -93.24 12.25 -6.71
C SER C 35 -92.30 13.45 -6.61
N TRP C 36 -91.59 13.59 -5.49
CA TRP C 36 -90.69 14.73 -5.32
C TRP C 36 -89.55 14.67 -6.32
N VAL C 37 -88.89 13.52 -6.43
CA VAL C 37 -87.81 13.37 -7.41
C VAL C 37 -88.38 13.38 -8.82
N ASP C 38 -89.63 12.93 -8.99
CA ASP C 38 -90.27 13.00 -10.30
C ASP C 38 -90.43 14.45 -10.75
N LYS C 39 -90.75 15.34 -9.82
CA LYS C 39 -90.91 16.75 -10.17
C LYS C 39 -89.59 17.34 -10.68
N MET C 40 -88.47 17.00 -10.04
CA MET C 40 -87.18 17.50 -10.49
C MET C 40 -86.78 16.94 -11.85
N GLN C 41 -87.41 15.85 -12.29
CA GLN C 41 -87.02 15.25 -13.56
C GLN C 41 -87.32 16.17 -14.74
N GLU C 42 -88.56 16.67 -14.82
CA GLU C 42 -88.87 17.64 -15.87
C GLU C 42 -88.51 19.06 -15.47
N ASP C 43 -88.08 19.29 -14.23
CA ASP C 43 -87.53 20.60 -13.89
C ASP C 43 -86.14 20.77 -14.49
N LEU C 44 -85.44 19.67 -14.74
CA LEU C 44 -84.12 19.68 -15.35
C LEU C 44 -84.16 19.34 -16.84
N VAL C 45 -84.86 18.27 -17.21
CA VAL C 45 -84.88 17.81 -18.60
C VAL C 45 -85.51 18.87 -19.50
N THR C 46 -86.64 19.44 -19.07
CA THR C 46 -87.32 20.43 -19.90
C THR C 46 -86.45 21.67 -20.09
N LEU C 47 -85.74 22.08 -19.05
CA LEU C 47 -84.82 23.20 -19.20
C LEU C 47 -83.71 22.88 -20.19
N ALA C 48 -83.14 21.68 -20.10
CA ALA C 48 -82.08 21.28 -21.02
C ALA C 48 -82.64 20.98 -22.41
N LYS C 49 -83.91 20.57 -22.50
CA LYS C 49 -84.50 20.29 -23.79
C LYS C 49 -84.84 21.55 -24.56
N THR C 50 -85.13 22.65 -23.85
CA THR C 50 -85.56 23.90 -24.48
C THR C 50 -84.44 24.91 -24.60
N ALA C 51 -83.68 25.14 -23.53
CA ALA C 51 -82.63 26.16 -23.56
C ALA C 51 -81.56 25.80 -24.59
N SER C 52 -81.12 24.54 -24.59
CA SER C 52 -80.07 24.13 -25.53
C SER C 52 -80.60 24.08 -26.95
N GLY C 53 -81.83 23.60 -27.13
CA GLY C 53 -82.39 23.48 -28.46
C GLY C 53 -82.00 22.19 -29.14
N VAL C 54 -82.25 21.06 -28.48
CA VAL C 54 -81.87 19.77 -29.04
C VAL C 54 -82.66 19.49 -30.31
N ASN C 55 -83.97 19.70 -30.27
CA ASN C 55 -84.81 19.40 -31.42
C ASN C 55 -84.70 20.45 -32.51
N GLN C 56 -84.25 21.66 -32.18
CA GLN C 56 -84.13 22.71 -33.19
C GLN C 56 -82.94 22.49 -34.11
N LEU C 57 -81.81 22.03 -33.56
CA LEU C 57 -80.67 21.70 -34.41
C LEU C 57 -80.97 20.50 -35.29
N VAL C 58 -81.80 19.57 -34.81
CA VAL C 58 -82.22 18.44 -35.63
C VAL C 58 -83.05 18.93 -36.81
N ASP C 59 -83.90 19.94 -36.58
CA ASP C 59 -84.68 20.51 -37.68
C ASP C 59 -83.77 21.17 -38.72
N ILE C 60 -82.72 21.85 -38.27
CA ILE C 60 -81.79 22.49 -39.21
C ILE C 60 -81.11 21.45 -40.08
N TYR C 61 -80.63 20.37 -39.47
CA TYR C 61 -79.94 19.34 -40.24
C TYR C 61 -80.86 18.64 -41.23
N GLU C 62 -82.08 18.31 -40.80
CA GLU C 62 -82.97 17.52 -41.63
C GLU C 62 -83.60 18.34 -42.76
N LYS C 63 -83.85 19.63 -42.53
CA LYS C 63 -84.60 20.42 -43.50
C LYS C 63 -83.79 20.77 -44.74
N TYR C 64 -82.47 20.59 -44.72
CA TYR C 64 -81.67 20.93 -45.89
C TYR C 64 -81.45 19.72 -46.80
N GLN C 65 -80.75 18.71 -46.30
CA GLN C 65 -80.53 17.43 -47.01
C GLN C 65 -80.01 17.63 -48.43
N ASP C 66 -79.45 18.81 -48.73
CA ASP C 66 -78.93 19.10 -50.06
C ASP C 66 -77.54 19.71 -50.06
N LEU C 67 -77.11 20.33 -48.96
CA LEU C 67 -75.73 20.79 -48.83
C LEU C 67 -74.80 19.68 -48.37
N TYR C 68 -75.32 18.49 -48.13
CA TYR C 68 -74.50 17.35 -47.71
C TYR C 68 -75.16 16.08 -48.19
N THR C 69 -74.37 15.01 -48.23
CA THR C 69 -74.86 13.69 -48.60
C THR C 69 -74.39 12.67 -47.57
N VAL C 70 -75.22 11.65 -47.36
CA VAL C 70 -74.92 10.59 -46.41
C VAL C 70 -74.18 9.49 -47.15
N GLU C 71 -72.92 9.27 -46.79
CA GLU C 71 -72.09 8.28 -47.46
C GLU C 71 -71.86 7.07 -46.57
N PRO C 72 -71.90 5.86 -47.13
CA PRO C 72 -71.62 4.67 -46.33
C PRO C 72 -70.20 4.66 -45.83
N ASN C 73 -70.01 4.08 -44.65
CA ASN C 73 -68.72 4.02 -43.98
C ASN C 73 -68.42 2.53 -43.77
N ASN C 74 -67.87 1.90 -44.80
CA ASN C 74 -67.69 0.45 -44.80
C ASN C 74 -66.49 0.07 -43.95
N ALA C 75 -66.73 -0.76 -42.93
CA ALA C 75 -65.67 -1.17 -42.02
C ALA C 75 -64.74 -2.20 -42.62
N ARG C 76 -65.12 -2.85 -43.72
CA ARG C 76 -64.26 -3.85 -44.34
C ARG C 76 -63.32 -3.23 -45.38
N GLN C 77 -63.86 -2.37 -46.25
CA GLN C 77 -63.03 -1.76 -47.27
C GLN C 77 -62.03 -0.77 -46.67
N LEU C 78 -62.39 -0.12 -45.57
CA LEU C 78 -61.47 0.81 -44.93
C LEU C 78 -60.23 0.08 -44.41
N VAL C 79 -60.43 -1.06 -43.75
CA VAL C 79 -59.30 -1.80 -43.19
C VAL C 79 -58.46 -2.40 -44.31
N GLU C 80 -59.11 -2.84 -45.39
CA GLU C 80 -58.36 -3.33 -46.55
C GLU C 80 -57.50 -2.23 -47.15
N ILE C 81 -58.03 -1.03 -47.27
CA ILE C 81 -57.27 0.08 -47.85
C ILE C 81 -56.11 0.48 -46.93
N ALA C 82 -56.39 0.60 -45.64
CA ALA C 82 -55.37 1.05 -44.70
C ALA C 82 -54.23 0.05 -44.59
N ALA C 83 -54.56 -1.25 -44.61
CA ALA C 83 -53.51 -2.26 -44.52
C ALA C 83 -52.58 -2.23 -45.72
N ARG C 84 -53.14 -2.04 -46.92
CA ARG C 84 -52.30 -1.96 -48.11
C ARG C 84 -51.45 -0.69 -48.10
N ASP C 85 -51.97 0.42 -47.59
CA ASP C 85 -51.17 1.64 -47.48
C ASP C 85 -50.05 1.46 -46.46
N ILE C 86 -50.32 0.78 -45.34
CA ILE C 86 -49.28 0.52 -44.36
C ILE C 86 -48.24 -0.43 -44.92
N GLU C 87 -48.68 -1.47 -45.63
CA GLU C 87 -47.74 -2.42 -46.24
C GLU C 87 -46.86 -1.73 -47.26
N LYS C 88 -47.44 -0.85 -48.08
CA LYS C 88 -46.65 -0.12 -49.07
C LYS C 88 -45.64 0.81 -48.40
N LEU C 89 -46.02 1.40 -47.26
CA LEU C 89 -45.08 2.24 -46.52
C LEU C 89 -43.87 1.45 -46.08
N LEU C 90 -44.08 0.26 -45.54
CA LEU C 90 -42.97 -0.59 -45.12
C LEU C 90 -42.30 -1.29 -46.29
N SER C 91 -42.88 -1.23 -47.49
CA SER C 91 -42.18 -1.67 -48.69
C SER C 91 -41.31 -0.58 -49.29
N ASN C 92 -41.64 0.70 -49.05
CA ASN C 92 -40.71 1.77 -49.40
C ASN C 92 -39.39 1.57 -48.66
N ARG C 93 -39.48 1.28 -47.36
CA ARG C 93 -38.31 1.20 -46.50
C ARG C 93 -37.52 -0.08 -46.70
N SER C 94 -38.20 -1.19 -47.00
CA SER C 94 -37.49 -2.44 -47.24
C SER C 94 -36.60 -2.32 -48.47
N LYS C 95 -37.09 -1.63 -49.51
CA LYS C 95 -36.26 -1.38 -50.69
C LYS C 95 -35.07 -0.48 -50.34
N ALA C 96 -35.28 0.51 -49.48
CA ALA C 96 -34.17 1.37 -49.05
C ALA C 96 -33.13 0.58 -48.27
N LEU C 97 -33.58 -0.33 -47.39
CA LEU C 97 -32.63 -1.14 -46.63
C LEU C 97 -31.83 -2.06 -47.54
N VAL C 98 -32.49 -2.69 -48.51
CA VAL C 98 -31.79 -3.58 -49.43
C VAL C 98 -30.78 -2.79 -50.27
N ARG C 99 -31.19 -1.63 -50.77
CA ARG C 99 -30.30 -0.79 -51.57
C ARG C 99 -29.10 -0.30 -50.78
N LEU C 100 -29.19 -0.27 -49.45
CA LEU C 100 -28.09 0.19 -48.61
C LEU C 100 -27.19 -0.95 -48.17
N ALA C 101 -27.75 -2.09 -47.77
CA ALA C 101 -26.92 -3.22 -47.36
C ALA C 101 -26.19 -3.84 -48.54
N LEU C 102 -26.81 -3.84 -49.73
CA LEU C 102 -26.16 -4.39 -50.90
C LEU C 102 -24.93 -3.59 -51.30
N GLU C 103 -25.02 -2.27 -51.22
CA GLU C 103 -23.88 -1.43 -51.58
C GLU C 103 -22.78 -1.47 -50.53
N ALA C 104 -23.13 -1.59 -49.26
CA ALA C 104 -22.12 -1.64 -48.20
C ALA C 104 -21.24 -2.86 -48.34
N GLU C 105 -21.82 -4.02 -48.67
CA GLU C 105 -21.02 -5.23 -48.85
C GLU C 105 -20.08 -5.08 -50.04
N LYS C 106 -20.56 -4.50 -51.13
CA LYS C 106 -19.72 -4.34 -52.32
C LYS C 106 -18.59 -3.35 -52.07
N VAL C 107 -18.88 -2.22 -51.42
CA VAL C 107 -17.86 -1.21 -51.20
C VAL C 107 -16.81 -1.71 -50.23
N GLN C 108 -17.23 -2.36 -49.15
CA GLN C 108 -16.27 -2.86 -48.16
C GLN C 108 -15.38 -3.95 -48.74
N ALA C 109 -15.90 -4.76 -49.67
CA ALA C 109 -15.13 -5.85 -50.23
C ALA C 109 -13.93 -5.36 -51.03
N ALA C 110 -13.94 -4.10 -51.46
CA ALA C 110 -12.84 -3.52 -52.24
C ALA C 110 -11.98 -2.58 -51.41
N HIS C 111 -11.77 -2.90 -50.15
CA HIS C 111 -10.97 -2.09 -49.25
C HIS C 111 -9.59 -2.70 -49.07
N GLN C 112 -8.58 -1.84 -48.94
CA GLN C 112 -7.19 -2.29 -48.89
C GLN C 112 -6.62 -2.40 -47.49
N TRP C 113 -7.22 -1.75 -46.50
CA TRP C 113 -6.76 -1.80 -45.11
C TRP C 113 -5.32 -1.30 -44.98
N ARG C 114 -5.15 -0.01 -45.24
CA ARG C 114 -3.85 0.59 -44.97
C ARG C 114 -3.75 0.96 -43.50
N GLU C 115 -2.52 1.19 -43.05
CA GLU C 115 -2.23 1.46 -41.64
C GLU C 115 -1.55 2.80 -41.46
N ASP C 116 -1.75 3.74 -42.38
CA ASP C 116 -1.15 5.08 -42.27
C ASP C 116 -2.07 6.07 -42.95
N PHE C 117 -2.79 6.86 -42.14
CA PHE C 117 -3.72 7.85 -42.65
C PHE C 117 -3.24 9.28 -42.48
N ALA C 118 -2.02 9.48 -41.98
CA ALA C 118 -1.50 10.83 -41.83
C ALA C 118 -1.36 11.53 -43.18
N SER C 119 -0.91 10.79 -44.20
CA SER C 119 -0.79 11.37 -45.54
C SER C 119 -2.15 11.51 -46.21
N ASN C 120 -2.87 10.40 -46.36
CA ASN C 120 -4.19 10.40 -46.99
C ASN C 120 -5.25 10.52 -45.89
N GLU C 121 -5.40 11.73 -45.39
CA GLU C 121 -6.32 11.98 -44.28
C GLU C 121 -7.77 11.75 -44.70
N VAL C 122 -8.56 11.21 -43.79
CA VAL C 122 -9.98 11.00 -44.02
C VAL C 122 -10.73 12.24 -43.56
N VAL C 123 -11.82 12.57 -44.25
CA VAL C 123 -12.62 13.75 -43.95
C VAL C 123 -14.04 13.30 -43.68
N TYR C 124 -14.61 13.80 -42.58
CA TYR C 124 -15.96 13.43 -42.17
C TYR C 124 -16.44 14.42 -41.13
N TYR C 125 -17.74 14.42 -40.90
CA TYR C 125 -18.35 15.25 -39.86
C TYR C 125 -18.59 14.37 -38.64
N ASN C 126 -18.04 14.78 -37.50
CA ASN C 126 -18.23 14.07 -36.24
C ASN C 126 -19.28 14.78 -35.43
N ALA C 127 -20.32 14.05 -35.02
CA ALA C 127 -21.31 14.63 -34.14
C ALA C 127 -20.69 14.94 -32.78
N LYS C 128 -21.48 15.58 -31.93
CA LYS C 128 -21.05 16.07 -30.62
C LYS C 128 -19.64 16.66 -30.66
N ASP C 129 -19.48 17.64 -31.53
CA ASP C 129 -18.29 18.48 -31.55
C ASP C 129 -18.70 19.93 -31.75
N ASP C 130 -17.79 20.84 -31.43
CA ASP C 130 -18.08 22.26 -31.50
C ASP C 130 -17.95 22.79 -32.93
N GLU C 139 -5.68 15.30 -34.12
CA GLU C 139 -6.17 14.43 -35.17
C GLU C 139 -5.03 13.92 -36.04
N PRO C 140 -4.72 12.62 -35.91
CA PRO C 140 -3.62 12.03 -36.68
C PRO C 140 -3.87 12.03 -38.17
N GLY C 141 -5.00 11.46 -38.59
CA GLY C 141 -5.31 11.35 -40.00
C GLY C 141 -6.76 11.63 -40.32
N SER C 142 -7.40 12.50 -39.54
CA SER C 142 -8.80 12.83 -39.72
C SER C 142 -8.96 14.33 -39.82
N GLN C 143 -9.82 14.77 -40.74
CA GLN C 143 -10.16 16.18 -40.93
C GLN C 143 -11.65 16.35 -40.74
N ARG C 144 -12.04 17.38 -40.00
CA ARG C 144 -13.44 17.58 -39.65
C ARG C 144 -14.14 18.47 -40.67
N ILE C 145 -15.48 18.45 -40.61
CA ILE C 145 -16.33 19.18 -41.52
C ILE C 145 -17.24 20.09 -40.71
N LYS C 146 -17.35 21.35 -41.12
CA LYS C 146 -18.26 22.29 -40.48
C LYS C 146 -19.47 22.47 -41.38
N PRO C 147 -20.64 21.93 -41.02
CA PRO C 147 -21.81 22.02 -41.90
C PRO C 147 -22.65 23.26 -41.67
N VAL C 148 -23.77 23.36 -42.39
CA VAL C 148 -24.60 24.55 -42.37
C VAL C 148 -25.78 24.42 -41.41
N PHE C 149 -26.39 23.24 -41.34
CA PHE C 149 -27.43 22.92 -40.36
C PHE C 149 -28.63 23.85 -40.47
N ILE C 150 -29.33 23.73 -41.59
CA ILE C 150 -30.58 24.45 -41.79
C ILE C 150 -31.71 23.68 -41.11
N GLU C 151 -32.69 24.41 -40.59
CA GLU C 151 -33.85 23.79 -39.96
C GLU C 151 -34.76 23.17 -41.02
N ASP C 152 -35.53 22.17 -40.60
CA ASP C 152 -36.42 21.47 -41.53
C ASP C 152 -37.63 20.94 -40.77
N ALA C 153 -38.72 20.74 -41.51
CA ALA C 153 -39.92 20.14 -40.97
C ALA C 153 -39.72 18.63 -40.78
N ASN C 154 -40.67 18.01 -40.08
CA ASN C 154 -40.62 16.61 -39.66
C ASN C 154 -39.25 16.24 -39.14
N PHE C 155 -38.57 17.21 -38.52
CA PHE C 155 -37.25 17.01 -37.93
C PHE C 155 -37.10 18.10 -36.87
N GLY C 156 -37.28 17.72 -35.61
CA GLY C 156 -37.29 18.69 -34.53
C GLY C 156 -35.94 19.33 -34.25
N ARG C 157 -34.97 19.10 -35.14
CA ARG C 157 -33.62 19.61 -34.95
C ARG C 157 -33.15 20.36 -36.19
N GLN C 158 -31.87 20.71 -36.22
CA GLN C 158 -31.24 21.28 -37.41
C GLN C 158 -30.45 20.18 -38.11
N ILE C 159 -30.67 20.04 -39.42
CA ILE C 159 -30.11 18.94 -40.19
C ILE C 159 -29.41 19.51 -41.42
N SER C 160 -28.65 18.63 -42.08
CA SER C 160 -27.98 19.00 -43.32
C SER C 160 -27.97 17.78 -44.25
N TYR C 161 -28.45 17.97 -45.47
CA TYR C 161 -28.52 16.89 -46.44
C TYR C 161 -27.24 16.75 -47.26
N GLN C 162 -26.25 17.61 -47.04
CA GLN C 162 -25.03 17.58 -47.85
C GLN C 162 -24.11 16.43 -47.50
N HIS C 163 -24.22 15.85 -46.32
CA HIS C 163 -23.36 14.75 -45.93
C HIS C 163 -24.01 14.01 -44.76
N ALA C 164 -23.28 13.04 -44.21
CA ALA C 164 -23.77 12.20 -43.13
C ALA C 164 -22.94 12.44 -41.87
N ALA C 165 -23.58 12.29 -40.72
CA ALA C 165 -22.89 12.43 -39.45
C ALA C 165 -22.42 11.08 -38.95
N VAL C 166 -21.34 11.10 -38.19
CA VAL C 166 -20.75 9.88 -37.61
C VAL C 166 -20.69 10.06 -36.11
N HIS C 167 -21.26 9.11 -35.38
CA HIS C 167 -21.21 9.10 -33.92
C HIS C 167 -20.21 8.05 -33.48
N ILE C 168 -19.30 8.45 -32.58
CA ILE C 168 -18.29 7.56 -32.03
C ILE C 168 -18.42 7.60 -30.51
N PRO C 169 -18.65 6.47 -29.85
CA PRO C 169 -18.83 6.49 -28.40
C PRO C 169 -17.60 7.00 -27.66
N THR C 170 -17.83 7.53 -26.46
CA THR C 170 -16.76 8.14 -25.69
C THR C 170 -15.65 7.14 -25.39
N ASP C 171 -16.01 5.91 -25.03
CA ASP C 171 -15.04 4.89 -24.69
C ASP C 171 -14.25 4.38 -25.89
N ILE C 172 -14.52 4.89 -27.10
CA ILE C 172 -13.84 4.45 -28.31
C ILE C 172 -13.03 5.62 -28.85
N TYR C 173 -11.73 5.40 -29.04
CA TYR C 173 -10.83 6.45 -29.49
C TYR C 173 -10.87 6.53 -31.02
N GLU C 174 -11.36 7.65 -31.54
CA GLU C 174 -11.27 7.87 -32.98
C GLU C 174 -9.83 8.20 -33.36
N GLY C 175 -9.44 7.79 -34.56
CA GLY C 175 -8.07 7.93 -35.00
C GLY C 175 -7.23 6.68 -34.89
N SER C 176 -7.79 5.59 -34.35
CA SER C 176 -7.11 4.31 -34.35
C SER C 176 -7.22 3.66 -35.73
N THR C 177 -6.46 2.59 -35.92
CA THR C 177 -6.44 1.93 -37.22
C THR C 177 -7.80 1.33 -37.57
N ILE C 178 -8.47 0.74 -36.59
CA ILE C 178 -9.76 0.09 -36.85
C ILE C 178 -10.81 1.14 -37.22
N VAL C 179 -10.87 2.24 -36.46
CA VAL C 179 -11.89 3.24 -36.70
C VAL C 179 -11.61 3.99 -38.00
N LEU C 180 -10.35 4.34 -38.25
CA LEU C 180 -10.02 5.10 -39.45
C LEU C 180 -10.23 4.28 -40.71
N ASN C 181 -9.94 2.98 -40.65
CA ASN C 181 -10.23 2.11 -41.79
C ASN C 181 -11.72 1.97 -42.03
N GLU C 182 -12.53 2.11 -40.97
CA GLU C 182 -13.97 2.05 -41.12
C GLU C 182 -14.54 3.34 -41.73
N LEU C 183 -13.86 4.46 -41.56
CA LEU C 183 -14.36 5.73 -42.07
C LEU C 183 -14.15 5.88 -43.57
N ASN C 184 -13.37 5.00 -44.21
CA ASN C 184 -13.24 5.06 -45.67
C ASN C 184 -14.40 4.35 -46.34
N TRP C 185 -14.51 3.04 -46.14
CA TRP C 185 -15.51 2.28 -46.87
C TRP C 185 -16.94 2.63 -46.45
N THR C 186 -17.11 3.34 -45.35
CA THR C 186 -18.42 3.88 -44.98
C THR C 186 -18.65 5.27 -45.56
N SER C 187 -17.65 5.88 -46.19
CA SER C 187 -17.85 7.17 -46.84
C SER C 187 -18.60 7.04 -48.14
N ALA C 188 -18.63 5.85 -48.74
CA ALA C 188 -19.41 5.60 -49.93
C ALA C 188 -20.89 5.40 -49.63
N LEU C 189 -21.26 5.32 -48.35
CA LEU C 189 -22.67 5.19 -47.99
C LEU C 189 -23.43 6.50 -48.17
N ASP C 190 -22.73 7.64 -48.19
CA ASP C 190 -23.42 8.93 -48.27
C ASP C 190 -24.15 9.09 -49.59
N GLU C 191 -23.57 8.60 -50.69
CA GLU C 191 -24.23 8.70 -51.98
C GLU C 191 -25.52 7.89 -52.00
N VAL C 192 -25.50 6.69 -51.42
CA VAL C 192 -26.73 5.90 -51.33
C VAL C 192 -27.71 6.56 -50.38
N PHE C 193 -27.22 7.18 -49.31
CA PHE C 193 -28.07 7.91 -48.39
C PHE C 193 -28.83 9.02 -49.12
N LYS C 194 -28.11 9.80 -49.94
CA LYS C 194 -28.77 10.86 -50.70
C LYS C 194 -29.72 10.30 -51.75
N LYS C 195 -29.32 9.20 -52.40
CA LYS C 195 -30.15 8.62 -53.44
C LYS C 195 -31.46 8.09 -52.87
N ASN C 196 -31.41 7.49 -51.68
CA ASN C 196 -32.63 7.00 -51.04
C ASN C 196 -33.59 8.14 -50.73
N ARG C 197 -33.06 9.26 -50.24
CA ARG C 197 -33.91 10.39 -49.88
C ARG C 197 -34.53 11.04 -51.10
N GLU C 198 -33.83 11.03 -52.24
CA GLU C 198 -34.39 11.63 -53.45
C GLU C 198 -35.64 10.89 -53.91
N GLU C 199 -35.61 9.56 -53.88
CA GLU C 199 -36.78 8.79 -54.30
C GLU C 199 -37.94 8.95 -53.33
N ASP C 200 -37.65 8.95 -52.02
CA ASP C 200 -38.66 9.09 -50.98
C ASP C 200 -38.28 10.25 -50.09
N PRO C 201 -38.78 11.47 -50.37
CA PRO C 201 -38.45 12.61 -49.50
C PRO C 201 -38.90 12.43 -48.07
N SER C 202 -40.00 11.72 -47.84
CA SER C 202 -40.52 11.49 -46.49
C SER C 202 -39.80 10.31 -45.82
N LEU C 203 -38.48 10.46 -45.71
CA LEU C 203 -37.62 9.43 -45.14
C LEU C 203 -36.95 9.99 -43.90
N LEU C 204 -37.00 9.22 -42.81
CA LEU C 204 -36.42 9.63 -41.54
C LEU C 204 -34.99 9.09 -41.45
N TRP C 205 -34.42 9.07 -40.24
CA TRP C 205 -33.04 8.64 -40.06
C TRP C 205 -32.79 7.29 -40.69
N GLN C 206 -31.73 7.21 -41.48
CA GLN C 206 -31.21 5.95 -41.98
C GLN C 206 -29.76 5.83 -41.51
N VAL C 207 -29.46 4.78 -40.74
CA VAL C 207 -28.24 4.69 -39.97
C VAL C 207 -27.57 3.35 -40.23
N PHE C 208 -26.24 3.36 -40.23
CA PHE C 208 -25.43 2.15 -40.29
C PHE C 208 -24.71 1.98 -38.96
N GLY C 209 -25.03 0.91 -38.24
CA GLY C 209 -24.34 0.62 -37.00
C GLY C 209 -23.20 -0.35 -37.21
N SER C 210 -21.98 0.11 -37.02
CA SER C 210 -20.80 -0.71 -37.26
C SER C 210 -20.52 -1.63 -36.08
N ALA C 211 -19.89 -2.77 -36.36
CA ALA C 211 -19.41 -3.63 -35.30
C ALA C 211 -18.19 -3.03 -34.61
N THR C 212 -17.53 -2.05 -35.24
CA THR C 212 -16.42 -1.37 -34.59
C THR C 212 -16.90 -0.42 -33.50
N GLY C 213 -18.14 0.05 -33.60
CA GLY C 213 -18.72 0.91 -32.58
C GLY C 213 -19.38 2.15 -33.13
N LEU C 214 -18.83 2.71 -34.21
CA LEU C 214 -19.32 3.97 -34.74
C LEU C 214 -20.61 3.76 -35.52
N ALA C 215 -21.48 4.77 -35.46
CA ALA C 215 -22.74 4.78 -36.18
C ALA C 215 -22.78 5.99 -37.12
N ARG C 216 -23.05 5.74 -38.39
CA ARG C 216 -23.12 6.79 -39.40
C ARG C 216 -24.57 6.90 -39.87
N TYR C 217 -25.17 8.08 -39.69
CA TYR C 217 -26.57 8.29 -40.00
C TYR C 217 -26.74 9.49 -40.91
N TYR C 218 -27.87 9.51 -41.62
CA TYR C 218 -28.23 10.56 -42.56
C TYR C 218 -29.66 11.00 -42.30
N PRO C 219 -29.94 12.32 -42.35
CA PRO C 219 -29.02 13.42 -42.62
C PRO C 219 -28.18 13.80 -41.41
N ALA C 220 -27.12 14.56 -41.64
CA ALA C 220 -26.25 14.99 -40.57
C ALA C 220 -27.02 15.87 -39.59
N SER C 221 -26.77 15.66 -38.29
CA SER C 221 -27.42 16.44 -37.24
C SER C 221 -26.60 16.30 -35.98
N PRO C 222 -26.40 17.37 -35.21
CA PRO C 222 -25.57 17.27 -34.01
C PRO C 222 -26.17 16.31 -33.01
N TRP C 223 -25.29 15.60 -32.29
CA TRP C 223 -25.73 14.63 -31.30
C TRP C 223 -26.37 15.35 -30.12
N VAL C 224 -27.36 14.70 -29.52
CA VAL C 224 -28.05 15.24 -28.35
C VAL C 224 -27.10 15.27 -27.16
N LYS C 232 -25.36 16.45 -19.54
CA LYS C 232 -24.73 15.26 -19.01
C LYS C 232 -23.74 14.67 -20.02
N ILE C 233 -23.24 13.47 -19.74
CA ILE C 233 -22.29 12.81 -20.60
C ILE C 233 -23.04 11.85 -21.51
N ASP C 234 -22.38 11.44 -22.59
CA ASP C 234 -22.97 10.57 -23.59
C ASP C 234 -22.57 9.12 -23.31
N LEU C 235 -23.57 8.24 -23.27
CA LEU C 235 -23.36 6.82 -23.02
C LEU C 235 -23.93 5.95 -24.14
N TYR C 236 -24.25 6.55 -25.28
CA TYR C 236 -24.86 5.83 -26.38
C TYR C 236 -23.85 4.90 -27.04
N ASP C 237 -24.25 3.65 -27.26
CA ASP C 237 -23.48 2.70 -28.05
C ASP C 237 -24.45 2.05 -29.03
N VAL C 238 -24.12 2.10 -30.31
CA VAL C 238 -25.03 1.59 -31.33
C VAL C 238 -25.18 0.08 -31.20
N ARG C 239 -24.15 -0.61 -30.69
CA ARG C 239 -24.19 -2.06 -30.61
C ARG C 239 -25.08 -2.58 -29.50
N ARG C 240 -25.51 -1.74 -28.57
CA ARG C 240 -26.41 -2.15 -27.50
C ARG C 240 -27.86 -1.73 -27.77
N ARG C 241 -28.13 -1.08 -28.90
CA ARG C 241 -29.48 -0.66 -29.21
C ARG C 241 -30.34 -1.85 -29.58
N PRO C 242 -31.63 -1.81 -29.26
CA PRO C 242 -32.51 -2.93 -29.59
C PRO C 242 -32.61 -3.23 -31.09
N TRP C 243 -32.52 -2.21 -31.94
CA TRP C 243 -32.61 -2.47 -33.37
C TRP C 243 -31.34 -3.11 -33.92
N TYR C 244 -30.21 -2.83 -33.29
CA TYR C 244 -28.97 -3.49 -33.70
C TYR C 244 -28.93 -4.93 -33.23
N ILE C 245 -29.46 -5.20 -32.04
CA ILE C 245 -29.35 -6.53 -31.45
C ILE C 245 -30.21 -7.54 -32.21
N GLN C 246 -31.39 -7.12 -32.68
CA GLN C 246 -32.26 -8.09 -33.35
C GLN C 246 -31.67 -8.54 -34.68
N GLY C 247 -30.95 -7.65 -35.37
CA GLY C 247 -30.33 -8.01 -36.63
C GLY C 247 -28.99 -8.66 -36.52
N ALA C 248 -28.40 -8.67 -35.32
CA ALA C 248 -27.10 -9.30 -35.12
C ALA C 248 -27.20 -10.79 -34.88
N ALA C 249 -28.38 -11.30 -34.55
CA ALA C 249 -28.55 -12.71 -34.23
C ALA C 249 -30.04 -13.02 -34.24
N SER C 250 -30.36 -14.26 -33.87
CA SER C 250 -31.72 -14.74 -33.73
C SER C 250 -32.10 -14.81 -32.25
N PRO C 251 -33.39 -14.94 -31.93
CA PRO C 251 -33.80 -15.05 -30.52
C PRO C 251 -33.08 -16.18 -29.79
N LYS C 252 -33.06 -16.12 -28.46
CA LYS C 252 -32.27 -17.07 -27.70
C LYS C 252 -32.98 -17.44 -26.41
N ASP C 253 -32.66 -18.63 -25.90
CA ASP C 253 -33.15 -19.13 -24.62
C ASP C 253 -31.97 -19.13 -23.66
N MET C 254 -31.74 -18.00 -23.01
CA MET C 254 -30.61 -17.89 -22.10
C MET C 254 -30.93 -18.51 -20.74
N LEU C 255 -29.87 -18.93 -20.05
CA LEU C 255 -29.97 -19.36 -18.67
C LEU C 255 -28.66 -18.95 -17.99
N ILE C 256 -28.73 -17.95 -17.13
CA ILE C 256 -27.54 -17.39 -16.50
C ILE C 256 -27.25 -18.15 -15.21
N LEU C 257 -26.07 -18.76 -15.14
CA LEU C 257 -25.57 -19.38 -13.92
C LEU C 257 -24.65 -18.40 -13.22
N VAL C 258 -24.97 -18.06 -11.98
CA VAL C 258 -24.18 -17.16 -11.16
C VAL C 258 -23.51 -17.98 -10.08
N ASP C 259 -22.19 -17.91 -10.00
CA ASP C 259 -21.46 -18.58 -8.95
C ASP C 259 -21.55 -17.76 -7.66
N VAL C 260 -22.21 -18.30 -6.65
CA VAL C 260 -22.43 -17.58 -5.41
C VAL C 260 -21.74 -18.34 -4.27
N SER C 261 -20.65 -19.03 -4.59
CA SER C 261 -19.88 -19.69 -3.56
C SER C 261 -19.15 -18.65 -2.71
N GLY C 262 -18.42 -19.12 -1.70
CA GLY C 262 -17.77 -18.21 -0.78
C GLY C 262 -16.71 -17.36 -1.42
N SER C 263 -15.96 -17.92 -2.38
CA SER C 263 -14.81 -17.22 -2.93
C SER C 263 -15.18 -16.01 -3.77
N VAL C 264 -16.44 -15.87 -4.17
CA VAL C 264 -16.86 -14.71 -4.95
C VAL C 264 -17.29 -13.54 -4.08
N SER C 265 -17.22 -13.68 -2.76
CA SER C 265 -17.64 -12.59 -1.89
C SER C 265 -16.68 -11.41 -1.99
N GLY C 266 -17.22 -10.21 -1.93
CA GLY C 266 -16.41 -9.00 -1.99
C GLY C 266 -16.61 -8.21 -3.25
N LEU C 267 -15.51 -7.72 -3.82
CA LEU C 267 -15.58 -6.91 -5.05
C LEU C 267 -16.08 -7.75 -6.22
N THR C 268 -15.61 -8.99 -6.33
CA THR C 268 -15.98 -9.84 -7.46
C THR C 268 -17.43 -10.30 -7.43
N LEU C 269 -18.16 -10.09 -6.33
CA LEU C 269 -19.60 -10.30 -6.34
C LEU C 269 -20.34 -9.06 -6.82
N LYS C 270 -19.86 -7.87 -6.45
CA LYS C 270 -20.43 -6.64 -6.96
C LYS C 270 -20.27 -6.54 -8.48
N LEU C 271 -19.12 -6.99 -8.99
CA LEU C 271 -18.92 -7.02 -10.43
C LEU C 271 -19.85 -8.01 -11.11
N ILE C 272 -20.08 -9.17 -10.50
CA ILE C 272 -20.95 -10.17 -11.09
C ILE C 272 -22.39 -9.66 -11.15
N ARG C 273 -22.87 -9.04 -10.07
CA ARG C 273 -24.24 -8.53 -10.05
C ARG C 273 -24.44 -7.43 -11.09
N THR C 274 -23.44 -6.56 -11.26
CA THR C 274 -23.52 -5.54 -12.29
C THR C 274 -23.40 -6.14 -13.68
N SER C 275 -22.63 -7.22 -13.83
CA SER C 275 -22.49 -7.87 -15.13
C SER C 275 -23.76 -8.58 -15.54
N VAL C 276 -24.45 -9.23 -14.59
CA VAL C 276 -25.69 -9.93 -14.93
C VAL C 276 -26.79 -8.92 -15.28
N SER C 277 -26.86 -7.81 -14.55
CA SER C 277 -27.86 -6.79 -14.86
C SER C 277 -27.61 -6.15 -16.21
N GLU C 278 -26.34 -6.04 -16.62
CA GLU C 278 -26.02 -5.45 -17.91
C GLU C 278 -26.30 -6.40 -19.06
N MET C 279 -26.21 -7.71 -18.84
CA MET C 279 -26.51 -8.66 -19.90
C MET C 279 -28.01 -8.80 -20.10
N LEU C 280 -28.80 -8.59 -19.05
CA LEU C 280 -30.24 -8.59 -19.20
C LEU C 280 -30.73 -7.43 -20.05
N GLU C 281 -29.93 -6.37 -20.20
CA GLU C 281 -30.33 -5.25 -21.03
C GLU C 281 -30.21 -5.56 -22.52
N THR C 282 -29.47 -6.61 -22.88
CA THR C 282 -29.33 -7.01 -24.27
C THR C 282 -30.40 -8.01 -24.70
N LEU C 283 -31.52 -8.05 -24.00
CA LEU C 283 -32.59 -8.99 -24.28
C LEU C 283 -33.87 -8.23 -24.62
N SER C 284 -34.70 -8.85 -25.44
CA SER C 284 -35.96 -8.26 -25.89
C SER C 284 -37.11 -9.22 -25.58
N ASP C 285 -38.29 -8.89 -26.08
CA ASP C 285 -39.48 -9.68 -25.82
C ASP C 285 -39.47 -11.02 -26.56
N ASP C 286 -38.56 -11.20 -27.52
CA ASP C 286 -38.48 -12.44 -28.27
C ASP C 286 -37.50 -13.45 -27.66
N ASP C 287 -36.80 -13.07 -26.60
CA ASP C 287 -35.83 -13.94 -25.94
C ASP C 287 -36.36 -14.36 -24.58
N PHE C 288 -36.04 -15.58 -24.17
CA PHE C 288 -36.50 -16.12 -22.90
C PHE C 288 -35.30 -16.39 -22.00
N VAL C 289 -35.37 -15.89 -20.77
CA VAL C 289 -34.22 -15.92 -19.86
C VAL C 289 -34.68 -16.37 -18.48
N ASN C 290 -33.74 -16.94 -17.74
CA ASN C 290 -33.91 -17.23 -16.32
C ASN C 290 -32.53 -17.23 -15.67
N VAL C 291 -32.47 -16.78 -14.43
CA VAL C 291 -31.21 -16.66 -13.70
C VAL C 291 -31.23 -17.65 -12.55
N ALA C 292 -30.16 -18.42 -12.43
CA ALA C 292 -30.01 -19.41 -11.36
C ALA C 292 -28.62 -19.28 -10.75
N SER C 293 -28.51 -19.71 -9.49
CA SER C 293 -27.25 -19.63 -8.76
C SER C 293 -26.97 -20.98 -8.11
N PHE C 294 -25.69 -21.25 -7.85
CA PHE C 294 -25.29 -22.53 -7.28
C PHE C 294 -24.14 -22.33 -6.28
N ASN C 295 -24.30 -22.92 -5.09
CA ASN C 295 -23.22 -23.07 -4.13
C ASN C 295 -23.49 -24.36 -3.35
N SER C 296 -22.94 -25.47 -3.85
CA SER C 296 -23.17 -26.80 -3.31
C SER C 296 -24.61 -27.24 -3.50
N ASN C 297 -25.46 -26.33 -3.99
CA ASN C 297 -26.85 -26.57 -4.32
C ASN C 297 -27.25 -25.54 -5.36
N ALA C 298 -27.87 -25.99 -6.44
CA ALA C 298 -28.30 -25.09 -7.50
C ALA C 298 -29.78 -24.77 -7.32
N GLN C 299 -30.11 -23.49 -7.38
CA GLN C 299 -31.48 -23.05 -7.18
C GLN C 299 -31.71 -21.76 -7.97
N ASP C 300 -32.98 -21.42 -8.16
CA ASP C 300 -33.33 -20.19 -8.83
C ASP C 300 -33.17 -19.01 -7.88
N VAL C 301 -32.78 -17.86 -8.43
CA VAL C 301 -32.64 -16.66 -7.61
C VAL C 301 -33.94 -15.89 -7.45
N SER C 302 -35.00 -16.32 -8.12
CA SER C 302 -36.24 -15.56 -8.17
C SER C 302 -37.41 -16.52 -8.03
N CYS C 303 -38.61 -16.02 -8.35
CA CYS C 303 -39.85 -16.77 -8.21
C CYS C 303 -40.29 -17.46 -9.50
N PHE C 304 -39.48 -17.41 -10.55
CA PHE C 304 -39.98 -17.76 -11.87
C PHE C 304 -39.97 -19.28 -12.10
N GLN C 305 -38.87 -19.95 -11.77
CA GLN C 305 -38.70 -21.40 -11.85
C GLN C 305 -38.61 -21.94 -13.26
N HIS C 306 -38.73 -21.10 -14.29
CA HIS C 306 -38.53 -21.53 -15.67
C HIS C 306 -38.25 -20.29 -16.51
N LEU C 307 -38.02 -20.51 -17.81
CA LEU C 307 -37.74 -19.42 -18.71
C LEU C 307 -38.97 -18.54 -18.89
N VAL C 308 -38.76 -17.22 -18.88
CA VAL C 308 -39.83 -16.25 -18.99
C VAL C 308 -39.52 -15.30 -20.14
N GLN C 309 -40.54 -14.56 -20.57
CA GLN C 309 -40.49 -13.82 -21.83
C GLN C 309 -39.45 -12.71 -21.85
N ALA C 310 -38.91 -12.32 -20.69
CA ALA C 310 -37.89 -11.27 -20.62
C ALA C 310 -38.39 -9.95 -21.19
N ASN C 311 -39.59 -9.55 -20.76
CA ASN C 311 -40.10 -8.22 -21.06
C ASN C 311 -39.69 -7.26 -19.95
N VAL C 312 -40.16 -6.02 -20.04
CA VAL C 312 -39.68 -4.98 -19.13
C VAL C 312 -40.05 -5.29 -17.69
N ARG C 313 -41.12 -6.04 -17.47
CA ARG C 313 -41.55 -6.35 -16.11
C ARG C 313 -40.86 -7.57 -15.54
N ASN C 314 -40.71 -8.64 -16.34
CA ASN C 314 -40.02 -9.83 -15.88
C ASN C 314 -38.55 -9.57 -15.61
N LYS C 315 -37.91 -8.76 -16.46
CA LYS C 315 -36.51 -8.43 -16.26
C LYS C 315 -36.31 -7.62 -14.99
N LYS C 316 -37.29 -6.79 -14.62
CA LYS C 316 -37.19 -6.06 -13.35
C LYS C 316 -37.18 -7.01 -12.17
N VAL C 317 -37.97 -8.09 -12.24
CA VAL C 317 -37.98 -9.08 -11.17
C VAL C 317 -36.62 -9.77 -11.09
N LEU C 318 -36.07 -10.16 -12.23
CA LEU C 318 -34.76 -10.81 -12.25
C LEU C 318 -33.67 -9.86 -11.77
N LYS C 319 -33.71 -8.61 -12.23
CA LYS C 319 -32.68 -7.65 -11.82
C LYS C 319 -32.73 -7.40 -10.31
N ASP C 320 -33.93 -7.31 -9.74
CA ASP C 320 -34.07 -7.13 -8.31
C ASP C 320 -33.51 -8.33 -7.55
N ALA C 321 -33.80 -9.54 -8.04
CA ALA C 321 -33.33 -10.74 -7.36
C ALA C 321 -31.82 -10.91 -7.47
N VAL C 322 -31.24 -10.54 -8.61
CA VAL C 322 -29.79 -10.65 -8.78
C VAL C 322 -29.07 -9.71 -7.83
N ASN C 323 -29.65 -8.53 -7.57
CA ASN C 323 -29.05 -7.57 -6.66
C ASN C 323 -29.30 -7.89 -5.19
N ASN C 324 -29.72 -9.13 -4.88
CA ASN C 324 -30.00 -9.52 -3.51
C ASN C 324 -29.38 -10.86 -3.15
N ILE C 325 -28.41 -11.32 -3.94
CA ILE C 325 -27.77 -12.61 -3.71
C ILE C 325 -26.54 -12.43 -2.85
N THR C 326 -26.27 -13.39 -1.98
CA THR C 326 -25.12 -13.37 -1.09
C THR C 326 -24.23 -14.59 -1.37
N ALA C 327 -22.95 -14.43 -1.07
CA ALA C 327 -21.95 -15.44 -1.37
C ALA C 327 -21.65 -16.24 -0.10
N LYS C 328 -21.81 -17.56 -0.18
CA LYS C 328 -21.57 -18.45 0.95
C LYS C 328 -21.60 -19.89 0.44
N GLY C 329 -20.71 -20.72 0.99
CA GLY C 329 -20.68 -22.13 0.69
C GLY C 329 -19.53 -22.51 -0.23
N ILE C 330 -19.61 -23.72 -0.76
CA ILE C 330 -18.58 -24.26 -1.65
C ILE C 330 -19.11 -24.25 -3.08
N THR C 331 -18.23 -24.55 -4.03
CA THR C 331 -18.56 -24.52 -5.45
C THR C 331 -18.84 -25.93 -5.93
N ASP C 332 -19.93 -26.09 -6.68
CA ASP C 332 -20.31 -27.39 -7.25
C ASP C 332 -20.77 -27.14 -8.69
N TYR C 333 -19.86 -27.34 -9.65
CA TYR C 333 -20.21 -27.13 -11.05
C TYR C 333 -21.12 -28.23 -11.58
N LYS C 334 -20.96 -29.46 -11.09
CA LYS C 334 -21.79 -30.56 -11.57
C LYS C 334 -23.25 -30.34 -11.22
N LYS C 335 -23.53 -29.89 -9.99
CA LYS C 335 -24.92 -29.61 -9.61
C LYS C 335 -25.43 -28.33 -10.24
N GLY C 336 -24.54 -27.37 -10.49
CA GLY C 336 -24.96 -26.14 -11.14
C GLY C 336 -25.25 -26.31 -12.62
N PHE C 337 -24.53 -27.20 -13.30
CA PHE C 337 -24.74 -27.39 -14.72
C PHE C 337 -25.86 -28.39 -15.01
N SER C 338 -26.10 -29.34 -14.11
CA SER C 338 -27.26 -30.21 -14.26
C SER C 338 -28.55 -29.43 -14.14
N PHE C 339 -28.62 -28.50 -13.18
CA PHE C 339 -29.80 -27.67 -13.02
C PHE C 339 -30.03 -26.79 -14.24
N ALA C 340 -28.95 -26.22 -14.79
CA ALA C 340 -29.09 -25.38 -15.98
C ALA C 340 -29.52 -26.19 -17.20
N PHE C 341 -29.00 -27.40 -17.37
CA PHE C 341 -29.34 -28.19 -18.53
C PHE C 341 -30.75 -28.75 -18.46
N GLU C 342 -31.24 -29.04 -17.25
CA GLU C 342 -32.60 -29.52 -17.10
C GLU C 342 -33.62 -28.43 -17.43
N GLN C 343 -33.33 -27.18 -17.09
CA GLN C 343 -34.28 -26.10 -17.33
C GLN C 343 -34.38 -25.74 -18.81
N LEU C 344 -33.39 -26.11 -19.62
CA LEU C 344 -33.46 -25.89 -21.05
C LEU C 344 -34.19 -26.99 -21.80
N LEU C 345 -34.63 -28.04 -21.11
CA LEU C 345 -35.36 -29.15 -21.70
C LEU C 345 -36.80 -29.23 -21.20
N ASN C 346 -37.33 -28.14 -20.64
CA ASN C 346 -38.61 -28.18 -19.95
C ASN C 346 -39.77 -28.51 -20.88
N TYR C 347 -40.08 -27.62 -21.82
CA TYR C 347 -41.07 -27.81 -22.88
C TYR C 347 -42.51 -27.96 -22.39
N ASN C 348 -42.79 -27.76 -21.09
CA ASN C 348 -44.14 -27.39 -20.71
C ASN C 348 -44.46 -25.93 -21.04
N VAL C 349 -43.44 -25.07 -21.08
CA VAL C 349 -43.63 -23.63 -21.10
C VAL C 349 -43.35 -23.09 -22.50
N SER C 350 -43.76 -21.86 -22.73
CA SER C 350 -43.48 -21.18 -23.99
C SER C 350 -42.02 -20.75 -24.01
N ARG C 351 -41.32 -21.06 -25.10
CA ARG C 351 -39.91 -20.72 -25.25
C ARG C 351 -39.64 -20.02 -26.57
N ALA C 352 -38.37 -19.81 -26.90
CA ALA C 352 -38.01 -19.25 -28.19
C ALA C 352 -37.76 -20.32 -29.25
N ASN C 353 -37.43 -21.54 -28.86
CA ASN C 353 -37.12 -22.63 -29.78
C ASN C 353 -36.04 -22.21 -30.76
N CYS C 354 -34.96 -21.65 -30.20
CA CYS C 354 -33.85 -21.09 -30.95
C CYS C 354 -32.61 -21.27 -30.10
N ASN C 355 -31.59 -20.45 -30.35
CA ASN C 355 -30.31 -20.52 -29.64
C ASN C 355 -30.51 -20.83 -28.16
N LYS C 356 -29.91 -21.92 -27.71
CA LYS C 356 -29.94 -22.31 -26.31
C LYS C 356 -28.52 -22.14 -25.78
N ILE C 357 -28.34 -21.15 -24.91
CA ILE C 357 -27.02 -20.79 -24.41
C ILE C 357 -27.03 -20.73 -22.89
N ILE C 358 -25.89 -21.03 -22.30
CA ILE C 358 -25.68 -20.92 -20.86
C ILE C 358 -24.53 -19.95 -20.63
N MET C 359 -24.76 -18.96 -19.79
CA MET C 359 -23.75 -17.97 -19.43
C MET C 359 -23.32 -18.23 -17.99
N LEU C 360 -22.10 -18.72 -17.81
CA LEU C 360 -21.57 -19.03 -16.49
C LEU C 360 -20.76 -17.83 -15.98
N PHE C 361 -21.18 -17.28 -14.86
CA PHE C 361 -20.51 -16.15 -14.23
C PHE C 361 -19.79 -16.66 -12.99
N THR C 362 -18.47 -16.73 -13.06
CA THR C 362 -17.67 -17.27 -11.97
C THR C 362 -16.34 -16.52 -11.96
N ASP C 363 -15.40 -17.00 -11.14
CA ASP C 363 -14.04 -16.50 -11.14
C ASP C 363 -13.06 -17.56 -11.63
N GLY C 364 -13.03 -18.73 -10.99
CA GLY C 364 -12.13 -19.79 -11.41
C GLY C 364 -12.38 -21.01 -10.56
N GLY C 365 -11.69 -22.08 -10.93
CA GLY C 365 -11.85 -23.34 -10.21
C GLY C 365 -11.05 -24.43 -10.89
N GLU C 366 -11.27 -25.65 -10.42
CA GLU C 366 -10.57 -26.82 -10.93
C GLU C 366 -11.50 -27.90 -11.46
N GLU C 367 -12.81 -27.73 -11.36
CA GLU C 367 -13.77 -28.71 -11.85
C GLU C 367 -14.04 -28.46 -13.33
N ARG C 368 -14.02 -29.54 -14.12
CA ARG C 368 -14.36 -29.46 -15.53
C ARG C 368 -15.75 -30.01 -15.84
N ALA C 369 -16.26 -30.92 -15.01
CA ALA C 369 -17.60 -31.47 -15.16
C ALA C 369 -17.79 -32.12 -16.54
N GLN C 370 -16.78 -32.89 -16.96
CA GLN C 370 -16.85 -33.53 -18.27
C GLN C 370 -18.03 -34.49 -18.37
N GLU C 371 -18.37 -35.16 -17.27
CA GLU C 371 -19.48 -36.11 -17.30
C GLU C 371 -20.80 -35.40 -17.56
N ILE C 372 -20.99 -34.23 -16.97
CA ILE C 372 -22.25 -33.50 -17.14
C ILE C 372 -22.40 -33.05 -18.60
N PHE C 373 -21.33 -32.51 -19.18
CA PHE C 373 -21.40 -32.06 -20.57
C PHE C 373 -21.61 -33.22 -21.52
N ASN C 374 -20.97 -34.35 -21.27
CA ASN C 374 -21.15 -35.53 -22.12
C ASN C 374 -22.58 -36.04 -22.02
N LYS C 375 -23.15 -36.06 -20.81
CA LYS C 375 -24.50 -36.58 -20.65
C LYS C 375 -25.55 -35.64 -21.24
N TYR C 376 -25.39 -34.33 -21.06
CA TYR C 376 -26.47 -33.40 -21.36
C TYR C 376 -26.40 -32.83 -22.77
N ASN C 377 -25.20 -32.56 -23.28
CA ASN C 377 -25.07 -32.16 -24.69
C ASN C 377 -23.85 -32.84 -25.31
N LYS C 378 -24.07 -34.04 -25.84
CA LYS C 378 -23.06 -34.73 -26.62
C LYS C 378 -23.08 -34.31 -28.08
N ASP C 379 -24.20 -33.78 -28.55
CA ASP C 379 -24.33 -33.29 -29.91
C ASP C 379 -24.20 -31.77 -30.00
N LYS C 380 -23.79 -31.12 -28.91
CA LYS C 380 -23.52 -29.68 -28.88
C LYS C 380 -24.73 -28.86 -29.33
N LYS C 381 -25.89 -29.17 -28.77
CA LYS C 381 -27.09 -28.39 -29.05
C LYS C 381 -27.18 -27.13 -28.21
N VAL C 382 -26.38 -27.00 -27.16
CA VAL C 382 -26.41 -25.86 -26.26
C VAL C 382 -25.01 -25.26 -26.19
N ARG C 383 -24.92 -23.94 -26.40
CA ARG C 383 -23.67 -23.24 -26.25
C ARG C 383 -23.42 -22.89 -24.78
N VAL C 384 -22.15 -22.79 -24.42
CA VAL C 384 -21.75 -22.40 -23.07
C VAL C 384 -20.77 -21.24 -23.18
N PHE C 385 -21.17 -20.09 -22.65
CA PHE C 385 -20.30 -18.92 -22.55
C PHE C 385 -19.88 -18.77 -21.09
N THR C 386 -18.58 -18.60 -20.87
CA THR C 386 -18.05 -18.52 -19.52
C THR C 386 -17.39 -17.16 -19.30
N PHE C 387 -17.53 -16.65 -18.08
CA PHE C 387 -17.01 -15.33 -17.72
C PHE C 387 -16.16 -15.49 -16.46
N SER C 388 -14.96 -14.91 -16.48
CA SER C 388 -14.08 -14.86 -15.32
C SER C 388 -14.08 -13.43 -14.81
N VAL C 389 -14.75 -13.21 -13.68
CA VAL C 389 -15.04 -11.87 -13.18
C VAL C 389 -14.23 -11.63 -11.91
N GLY C 390 -13.58 -10.47 -11.84
CA GLY C 390 -12.91 -10.03 -10.64
C GLY C 390 -11.39 -10.08 -10.77
N GLN C 391 -10.74 -9.51 -9.76
CA GLN C 391 -9.28 -9.53 -9.65
C GLN C 391 -8.89 -10.70 -8.77
N HIS C 392 -8.54 -11.82 -9.39
CA HIS C 392 -8.19 -13.03 -8.67
C HIS C 392 -7.07 -13.73 -9.42
N ASN C 393 -6.48 -14.73 -8.76
CA ASN C 393 -5.41 -15.53 -9.35
C ASN C 393 -5.75 -17.01 -9.20
N TYR C 394 -6.98 -17.36 -9.54
CA TYR C 394 -7.42 -18.75 -9.53
C TYR C 394 -7.06 -19.39 -10.85
N ASP C 395 -7.58 -20.59 -11.11
CA ASP C 395 -7.30 -21.32 -12.33
C ASP C 395 -8.43 -21.04 -13.34
N ARG C 396 -8.06 -20.46 -14.48
CA ARG C 396 -9.00 -20.20 -15.56
C ARG C 396 -9.01 -21.30 -16.61
N GLY C 397 -8.21 -22.34 -16.43
CA GLY C 397 -8.11 -23.42 -17.38
C GLY C 397 -9.40 -24.16 -17.62
N PRO C 398 -10.01 -24.70 -16.55
CA PRO C 398 -11.31 -25.35 -16.72
C PRO C 398 -12.39 -24.44 -17.25
N ILE C 399 -12.36 -23.16 -16.86
CA ILE C 399 -13.36 -22.21 -17.35
C ILE C 399 -13.22 -22.01 -18.85
N GLN C 400 -11.98 -21.92 -19.34
CA GLN C 400 -11.76 -21.78 -20.78
C GLN C 400 -12.12 -23.07 -21.52
N TRP C 401 -11.91 -24.23 -20.90
CA TRP C 401 -12.20 -25.49 -21.56
C TRP C 401 -13.69 -25.65 -21.82
N MET C 402 -14.53 -25.26 -20.85
CA MET C 402 -15.97 -25.35 -21.05
C MET C 402 -16.43 -24.45 -22.20
N ALA C 403 -15.70 -23.38 -22.47
CA ALA C 403 -16.16 -22.39 -23.45
C ALA C 403 -16.26 -22.99 -24.85
N CYS C 404 -15.19 -23.61 -25.33
CA CYS C 404 -15.16 -24.08 -26.71
C CYS C 404 -15.32 -25.58 -26.85
N GLU C 405 -15.39 -26.33 -25.75
CA GLU C 405 -15.92 -27.68 -25.85
C GLU C 405 -17.40 -27.67 -26.20
N ASN C 406 -18.07 -26.53 -26.05
CA ASN C 406 -19.51 -26.42 -26.31
C ASN C 406 -19.82 -25.20 -27.18
N LYS C 407 -18.90 -24.84 -28.09
CA LYS C 407 -19.14 -23.81 -29.10
C LYS C 407 -19.50 -22.46 -28.47
N GLY C 408 -18.73 -22.04 -27.48
CA GLY C 408 -18.94 -20.75 -26.88
C GLY C 408 -17.74 -19.86 -27.03
N TYR C 409 -17.51 -18.96 -26.07
CA TYR C 409 -16.36 -18.08 -26.13
C TYR C 409 -16.07 -17.68 -24.69
N TYR C 410 -14.84 -17.25 -24.43
CA TYR C 410 -14.40 -16.99 -23.06
C TYR C 410 -14.14 -15.50 -22.87
N TYR C 411 -14.59 -14.97 -21.74
CA TYR C 411 -14.50 -13.55 -21.44
C TYR C 411 -13.88 -13.32 -20.08
N GLU C 412 -13.22 -12.17 -19.93
CA GLU C 412 -12.66 -11.74 -18.66
C GLU C 412 -13.19 -10.36 -18.32
N ILE C 413 -13.69 -10.20 -17.10
CA ILE C 413 -14.23 -8.92 -16.64
C ILE C 413 -13.53 -8.54 -15.34
N PRO C 414 -12.33 -7.96 -15.41
CA PRO C 414 -11.59 -7.65 -14.18
C PRO C 414 -12.04 -6.40 -13.45
N SER C 415 -12.78 -5.50 -14.09
CA SER C 415 -13.16 -4.25 -13.45
C SER C 415 -14.45 -3.74 -14.08
N ILE C 416 -14.98 -2.65 -13.52
CA ILE C 416 -16.27 -2.10 -13.95
C ILE C 416 -16.19 -1.66 -15.40
N GLY C 417 -15.05 -1.11 -15.82
CA GLY C 417 -14.91 -0.63 -17.18
C GLY C 417 -14.99 -1.73 -18.23
N ALA C 418 -14.81 -2.98 -17.83
CA ALA C 418 -14.90 -4.11 -18.75
C ALA C 418 -16.30 -4.70 -18.84
N ILE C 419 -17.23 -4.25 -17.99
CA ILE C 419 -18.57 -4.83 -18.00
C ILE C 419 -19.34 -4.42 -19.25
N ARG C 420 -19.20 -3.15 -19.65
CA ARG C 420 -20.03 -2.62 -20.73
C ARG C 420 -19.80 -3.36 -22.04
N ILE C 421 -18.55 -3.68 -22.35
CA ILE C 421 -18.22 -4.24 -23.67
C ILE C 421 -18.26 -5.76 -23.65
N ASN C 422 -17.84 -6.41 -22.57
CA ASN C 422 -17.73 -7.85 -22.55
C ASN C 422 -19.09 -8.55 -22.51
N THR C 423 -20.14 -7.86 -22.05
CA THR C 423 -21.47 -8.46 -21.95
C THR C 423 -22.27 -8.34 -23.24
N GLN C 424 -21.73 -7.72 -24.28
CA GLN C 424 -22.39 -7.63 -25.57
C GLN C 424 -21.64 -8.34 -26.68
N GLU C 425 -20.45 -8.88 -26.40
CA GLU C 425 -19.66 -9.55 -27.41
C GLU C 425 -20.13 -10.97 -27.71
N TYR C 426 -21.07 -11.51 -26.93
CA TYR C 426 -21.57 -12.85 -27.20
C TYR C 426 -22.46 -12.90 -28.43
N LEU C 427 -22.90 -11.74 -28.95
CA LEU C 427 -23.68 -11.72 -30.18
C LEU C 427 -22.84 -11.97 -31.41
N ASP C 428 -21.52 -11.81 -31.32
CA ASP C 428 -20.65 -12.19 -32.44
C ASP C 428 -20.67 -13.68 -32.67
N VAL C 429 -20.67 -14.47 -31.60
CA VAL C 429 -20.70 -15.93 -31.73
C VAL C 429 -22.06 -16.39 -32.23
N LEU C 430 -23.13 -15.81 -31.71
CA LEU C 430 -24.47 -16.24 -32.09
C LEU C 430 -24.81 -15.94 -33.54
N GLY C 431 -24.17 -14.95 -34.14
CA GLY C 431 -24.40 -14.61 -35.52
C GLY C 431 -23.62 -15.42 -36.53
N ARG C 432 -22.80 -16.37 -36.07
CA ARG C 432 -22.02 -17.20 -37.00
C ARG C 432 -22.91 -18.03 -37.92
N PRO C 433 -23.90 -18.79 -37.43
CA PRO C 433 -24.76 -19.52 -38.36
C PRO C 433 -25.62 -18.62 -39.21
N MET C 434 -25.82 -17.37 -38.81
CA MET C 434 -26.65 -16.45 -39.56
C MET C 434 -25.94 -15.94 -40.81
N VAL C 435 -24.62 -15.78 -40.77
CA VAL C 435 -23.89 -15.34 -41.95
C VAL C 435 -23.63 -16.51 -42.90
N LEU C 436 -23.51 -17.73 -42.37
CA LEU C 436 -23.29 -18.89 -43.22
C LEU C 436 -24.56 -19.30 -43.95
N ALA C 437 -25.73 -18.83 -43.50
CA ALA C 437 -26.97 -19.09 -44.23
C ALA C 437 -26.94 -18.48 -45.61
N GLY C 438 -26.42 -17.25 -45.71
CA GLY C 438 -26.32 -16.59 -47.00
C GLY C 438 -27.34 -15.49 -47.18
N ASP C 439 -27.95 -15.43 -48.36
CA ASP C 439 -28.96 -14.43 -48.66
C ASP C 439 -30.33 -14.75 -48.06
N LYS C 440 -30.54 -15.99 -47.61
CA LYS C 440 -31.80 -16.34 -46.96
C LYS C 440 -31.90 -15.77 -45.56
N ALA C 441 -30.81 -15.24 -45.01
CA ALA C 441 -30.84 -14.56 -43.72
C ALA C 441 -31.03 -13.07 -43.86
N LYS C 442 -31.16 -12.55 -45.08
CA LYS C 442 -31.35 -11.12 -45.31
C LYS C 442 -32.85 -10.81 -45.34
N GLN C 443 -33.46 -10.89 -44.15
CA GLN C 443 -34.87 -10.58 -43.98
C GLN C 443 -35.00 -9.30 -43.18
N VAL C 444 -35.88 -8.42 -43.62
CA VAL C 444 -36.12 -7.14 -42.95
C VAL C 444 -37.04 -7.36 -41.77
N GLN C 445 -36.62 -6.93 -40.58
CA GLN C 445 -37.41 -7.02 -39.37
C GLN C 445 -37.72 -5.63 -38.85
N TRP C 446 -38.73 -5.56 -37.99
CA TRP C 446 -39.16 -4.29 -37.41
C TRP C 446 -39.20 -4.41 -35.89
N THR C 447 -38.75 -3.36 -35.21
CA THR C 447 -38.60 -3.38 -33.77
C THR C 447 -39.95 -3.13 -33.09
N ASN C 448 -39.91 -3.06 -31.77
CA ASN C 448 -41.04 -2.55 -31.00
C ASN C 448 -41.05 -1.03 -31.08
N VAL C 449 -42.07 -0.41 -30.48
CA VAL C 449 -42.16 1.04 -30.45
C VAL C 449 -41.24 1.56 -29.36
N TYR C 450 -40.33 2.47 -29.73
CA TYR C 450 -39.40 3.06 -28.79
C TYR C 450 -39.21 4.52 -29.13
N LEU C 451 -38.71 5.28 -28.16
CA LEU C 451 -38.44 6.69 -28.36
C LEU C 451 -37.11 6.87 -29.07
N ASP C 452 -37.12 7.63 -30.17
CA ASP C 452 -35.92 7.79 -30.97
C ASP C 452 -34.84 8.50 -30.17
N ALA C 453 -33.59 8.08 -30.37
CA ALA C 453 -32.49 8.63 -29.59
C ALA C 453 -32.27 10.11 -29.87
N LEU C 454 -32.54 10.55 -31.10
CA LEU C 454 -32.35 11.94 -31.49
C LEU C 454 -33.61 12.78 -31.28
N GLU C 455 -34.46 12.39 -30.32
CA GLU C 455 -35.65 13.16 -29.94
C GLU C 455 -36.58 13.38 -31.13
N LEU C 456 -37.08 12.28 -31.68
CA LEU C 456 -38.00 12.31 -32.80
C LEU C 456 -39.38 11.79 -32.48
N GLY C 457 -39.57 11.14 -31.32
CA GLY C 457 -40.86 10.60 -30.95
C GLY C 457 -40.88 9.09 -30.92
N LEU C 458 -42.06 8.49 -30.97
CA LEU C 458 -42.19 7.04 -31.04
C LEU C 458 -41.92 6.58 -32.47
N VAL C 459 -40.98 5.65 -32.64
CA VAL C 459 -40.60 5.16 -33.95
C VAL C 459 -40.43 3.65 -33.91
N ILE C 460 -40.41 3.05 -35.11
CA ILE C 460 -39.98 1.68 -35.30
C ILE C 460 -38.89 1.69 -36.36
N THR C 461 -38.04 0.66 -36.33
CA THR C 461 -36.85 0.63 -37.17
C THR C 461 -36.80 -0.65 -37.98
N GLY C 462 -36.56 -0.53 -39.29
CA GLY C 462 -36.21 -1.67 -40.09
C GLY C 462 -34.78 -2.09 -39.88
N THR C 463 -34.49 -3.36 -40.15
CA THR C 463 -33.21 -3.94 -39.79
C THR C 463 -32.75 -4.90 -40.87
N LEU C 464 -31.45 -4.86 -41.16
CA LEU C 464 -30.83 -5.77 -42.13
C LEU C 464 -29.33 -5.91 -41.84
N PRO C 465 -28.84 -7.11 -41.61
CA PRO C 465 -27.41 -7.29 -41.33
C PRO C 465 -26.55 -7.13 -42.59
N VAL C 466 -25.29 -6.82 -42.37
CA VAL C 466 -24.30 -6.63 -43.44
C VAL C 466 -23.15 -7.60 -43.20
N PHE C 467 -22.76 -8.32 -44.24
CA PHE C 467 -21.79 -9.41 -44.16
C PHE C 467 -20.44 -9.00 -44.73
N ASN C 468 -19.38 -9.64 -44.25
CA ASN C 468 -18.02 -9.40 -44.74
C ASN C 468 -17.70 -10.42 -45.82
N ILE C 469 -17.71 -9.98 -47.08
CA ILE C 469 -17.55 -10.90 -48.20
C ILE C 469 -16.26 -10.61 -48.95
N THR C 470 -15.23 -10.11 -48.25
CA THR C 470 -13.93 -9.94 -48.89
C THR C 470 -13.31 -11.30 -49.18
N GLY C 471 -12.94 -11.50 -50.44
CA GLY C 471 -12.43 -12.79 -50.88
C GLY C 471 -13.49 -13.83 -51.12
N GLN C 472 -14.78 -13.49 -50.95
CA GLN C 472 -15.85 -14.44 -51.16
C GLN C 472 -15.96 -14.89 -52.61
N PHE C 473 -15.41 -14.11 -53.55
CA PHE C 473 -15.43 -14.52 -54.95
C PHE C 473 -14.61 -15.78 -55.18
N GLU C 474 -13.45 -15.88 -54.51
CA GLU C 474 -12.60 -17.05 -54.62
C GLU C 474 -12.57 -17.91 -53.36
N ASN C 475 -13.08 -17.39 -52.24
CA ASN C 475 -13.20 -18.15 -50.98
C ASN C 475 -11.84 -18.68 -50.52
N LYS C 476 -10.95 -17.74 -50.20
CA LYS C 476 -9.60 -18.10 -49.79
C LYS C 476 -9.24 -17.69 -48.36
N THR C 477 -9.79 -16.60 -47.83
CA THR C 477 -9.57 -16.27 -46.42
C THR C 477 -10.56 -17.01 -45.52
N ASN C 478 -11.84 -16.67 -45.62
CA ASN C 478 -12.94 -17.35 -44.93
C ASN C 478 -12.72 -17.45 -43.42
N LEU C 479 -11.81 -16.67 -42.83
CA LEU C 479 -11.56 -16.76 -41.40
C LEU C 479 -12.25 -15.64 -40.61
N LYS C 480 -12.19 -14.40 -41.11
CA LYS C 480 -12.88 -13.28 -40.49
C LYS C 480 -14.21 -12.99 -41.16
N ASN C 481 -14.62 -13.80 -42.12
CA ASN C 481 -15.82 -13.57 -42.89
C ASN C 481 -17.08 -14.14 -42.27
N GLN C 482 -16.98 -14.71 -41.07
CA GLN C 482 -18.15 -15.23 -40.37
C GLN C 482 -18.67 -14.28 -39.31
N LEU C 483 -18.28 -13.01 -39.38
CA LEU C 483 -18.81 -11.97 -38.53
C LEU C 483 -19.49 -10.90 -39.38
N ILE C 484 -20.57 -10.33 -38.85
CA ILE C 484 -21.31 -9.30 -39.58
C ILE C 484 -20.52 -8.00 -39.55
N LEU C 485 -20.55 -7.28 -40.68
CA LEU C 485 -19.96 -5.95 -40.71
C LEU C 485 -20.73 -5.00 -39.80
N GLY C 486 -22.04 -5.11 -39.80
CA GLY C 486 -22.87 -4.22 -39.00
C GLY C 486 -24.33 -4.47 -39.28
N VAL C 487 -25.16 -3.51 -38.89
CA VAL C 487 -26.61 -3.61 -39.04
C VAL C 487 -27.12 -2.34 -39.69
N MET C 488 -27.87 -2.48 -40.78
CA MET C 488 -28.56 -1.36 -41.39
C MET C 488 -29.82 -1.01 -40.61
N GLY C 489 -30.22 0.25 -40.68
CA GLY C 489 -31.44 0.68 -40.04
C GLY C 489 -32.09 1.88 -40.70
N VAL C 490 -33.41 1.90 -40.74
CA VAL C 490 -34.17 3.06 -41.21
C VAL C 490 -35.36 3.24 -40.28
N ASP C 491 -35.59 4.48 -39.84
CA ASP C 491 -36.62 4.78 -38.87
C ASP C 491 -37.93 5.14 -39.54
N VAL C 492 -39.03 4.67 -38.95
CA VAL C 492 -40.38 5.02 -39.39
C VAL C 492 -41.12 5.57 -38.18
N SER C 493 -41.63 6.79 -38.31
CA SER C 493 -42.36 7.41 -37.21
C SER C 493 -43.75 6.84 -37.09
N LEU C 494 -44.27 6.82 -35.86
CA LEU C 494 -45.66 6.42 -35.66
C LEU C 494 -46.62 7.44 -36.24
N GLU C 495 -46.19 8.70 -36.36
CA GLU C 495 -47.02 9.71 -37.01
C GLU C 495 -47.17 9.41 -38.50
N ASP C 496 -46.16 8.80 -39.11
CA ASP C 496 -46.28 8.37 -40.50
C ASP C 496 -47.37 7.34 -40.66
N ILE C 497 -47.46 6.39 -39.72
CA ILE C 497 -48.48 5.36 -39.77
C ILE C 497 -49.86 5.96 -39.54
N LYS C 498 -49.96 6.94 -38.65
CA LYS C 498 -51.24 7.55 -38.34
C LYS C 498 -51.82 8.34 -39.51
N ARG C 499 -50.97 8.82 -40.42
CA ARG C 499 -51.47 9.54 -41.58
C ARG C 499 -52.15 8.61 -42.58
N LEU C 500 -51.79 7.33 -42.59
CA LEU C 500 -52.39 6.36 -43.48
C LEU C 500 -53.71 5.80 -42.97
N THR C 501 -54.13 6.19 -41.77
CA THR C 501 -55.38 5.74 -41.16
C THR C 501 -56.16 6.97 -40.72
N PRO C 502 -56.82 7.66 -41.64
CA PRO C 502 -57.60 8.84 -41.25
C PRO C 502 -58.79 8.46 -40.38
N ARG C 503 -59.09 9.35 -39.44
CA ARG C 503 -60.14 9.10 -38.45
C ARG C 503 -61.23 10.13 -38.44
N PHE C 504 -61.16 11.16 -39.28
CA PHE C 504 -62.14 12.23 -39.26
C PHE C 504 -63.41 11.89 -40.05
N THR C 505 -63.41 10.78 -40.79
CA THR C 505 -64.62 10.27 -41.39
C THR C 505 -65.38 9.32 -40.47
N LEU C 506 -64.78 8.95 -39.34
CA LEU C 506 -65.39 8.07 -38.37
C LEU C 506 -65.96 8.88 -37.21
N CYS C 507 -66.75 8.22 -36.38
CA CYS C 507 -67.24 8.83 -35.17
C CYS C 507 -66.08 9.07 -34.21
N PRO C 508 -66.17 10.08 -33.35
CA PRO C 508 -65.12 10.27 -32.34
C PRO C 508 -64.89 9.06 -31.46
N ASN C 509 -65.83 8.12 -31.41
CA ASN C 509 -65.67 6.88 -30.67
C ASN C 509 -65.00 5.78 -31.49
N GLY C 510 -64.82 5.98 -32.79
CA GLY C 510 -64.18 5.00 -33.64
C GLY C 510 -62.70 5.29 -33.84
N TYR C 511 -61.92 4.22 -33.97
CA TYR C 511 -60.47 4.36 -34.08
C TYR C 511 -59.88 3.11 -34.69
N TYR C 512 -58.64 3.23 -35.17
CA TYR C 512 -57.84 2.10 -35.62
C TYR C 512 -56.88 1.70 -34.51
N PHE C 513 -56.41 0.45 -34.60
CA PHE C 513 -55.31 0.00 -33.75
C PHE C 513 -54.65 -1.20 -34.39
N ALA C 514 -53.33 -1.24 -34.35
CA ALA C 514 -52.53 -2.31 -34.92
C ALA C 514 -51.87 -3.11 -33.81
N ILE C 515 -51.57 -4.37 -34.10
CA ILE C 515 -51.10 -5.31 -33.10
C ILE C 515 -49.82 -5.97 -33.59
N ASP C 516 -49.09 -6.55 -32.64
CA ASP C 516 -47.82 -7.25 -32.80
C ASP C 516 -48.03 -8.74 -32.52
N PRO C 517 -47.20 -9.63 -33.08
CA PRO C 517 -47.30 -11.05 -32.70
C PRO C 517 -47.13 -11.28 -31.22
N ASN C 518 -46.35 -10.42 -30.56
CA ASN C 518 -46.23 -10.49 -29.09
C ASN C 518 -47.47 -9.96 -28.39
N GLY C 519 -48.39 -9.31 -29.11
CA GLY C 519 -49.58 -8.73 -28.52
C GLY C 519 -49.51 -7.24 -28.30
N TYR C 520 -48.33 -6.63 -28.40
CA TYR C 520 -48.19 -5.20 -28.16
C TYR C 520 -48.83 -4.41 -29.28
N VAL C 521 -49.15 -3.16 -28.98
CA VAL C 521 -49.84 -2.28 -29.92
C VAL C 521 -48.82 -1.41 -30.62
N LEU C 522 -48.78 -1.52 -31.94
CA LEU C 522 -48.04 -0.56 -32.76
C LEU C 522 -48.81 0.75 -32.87
N LEU C 523 -50.14 0.67 -32.89
CA LEU C 523 -51.01 1.83 -33.05
C LEU C 523 -52.16 1.72 -32.06
N HIS C 524 -52.44 2.80 -31.35
CA HIS C 524 -53.58 2.86 -30.42
C HIS C 524 -53.77 4.29 -29.94
N PRO C 525 -55.01 4.72 -29.72
CA PRO C 525 -55.21 6.05 -29.11
C PRO C 525 -54.61 6.18 -27.73
N ASN C 526 -54.51 5.08 -26.98
CA ASN C 526 -54.04 5.11 -25.60
C ASN C 526 -52.54 4.93 -25.48
N LEU C 527 -51.82 4.82 -26.60
CA LEU C 527 -50.36 4.74 -26.58
C LEU C 527 -49.78 6.15 -26.52
N GLN C 528 -48.94 6.40 -25.53
CA GLN C 528 -48.43 7.74 -25.27
C GLN C 528 -46.91 7.78 -25.37
N PRO C 529 -46.34 8.91 -25.78
CA PRO C 529 -44.88 8.98 -25.92
C PRO C 529 -44.15 9.06 -24.59
N LYS C 530 -44.44 8.12 -23.70
CA LYS C 530 -43.82 8.07 -22.39
C LYS C 530 -43.36 6.65 -22.10
N PRO C 531 -42.27 6.48 -21.34
CA PRO C 531 -41.86 5.14 -20.95
C PRO C 531 -42.91 4.49 -20.06
N ILE C 532 -43.04 3.18 -20.20
CA ILE C 532 -43.95 2.41 -19.37
C ILE C 532 -43.24 2.05 -18.07
N GLY C 533 -43.91 2.30 -16.95
CA GLY C 533 -43.30 2.12 -15.65
C GLY C 533 -43.58 0.76 -15.05
N VAL C 534 -42.70 0.35 -14.15
CA VAL C 534 -42.82 -0.91 -13.43
C VAL C 534 -42.53 -0.66 -11.95
N GLY C 535 -43.39 -1.20 -11.09
CA GLY C 535 -43.14 -1.12 -9.65
C GLY C 535 -43.37 0.28 -9.07
N ILE C 536 -42.80 0.47 -7.89
CA ILE C 536 -42.92 1.70 -7.12
C ILE C 536 -41.57 2.41 -7.14
N PRO C 537 -41.51 3.68 -7.53
CA PRO C 537 -40.24 4.44 -7.46
C PRO C 537 -39.98 4.95 -6.06
N THR C 538 -38.99 4.37 -5.40
CA THR C 538 -38.62 4.75 -4.04
C THR C 538 -37.12 5.05 -4.00
N ILE C 539 -36.76 6.33 -4.06
CA ILE C 539 -35.37 6.77 -4.01
C ILE C 539 -35.25 7.85 -2.94
N ASN C 540 -34.27 7.70 -2.07
CA ASN C 540 -34.04 8.66 -0.99
C ASN C 540 -33.48 9.97 -1.54
N SER C 553 -34.99 6.12 -20.22
CA SER C 553 -35.91 5.94 -21.33
C SER C 553 -35.26 5.09 -22.43
N GLN C 554 -34.39 4.17 -22.03
CA GLN C 554 -33.71 3.31 -22.98
C GLN C 554 -34.49 2.04 -23.31
N GLU C 555 -35.60 1.77 -22.59
CA GLU C 555 -36.42 0.60 -22.82
C GLU C 555 -37.50 0.91 -23.86
N PRO C 556 -37.95 -0.10 -24.61
CA PRO C 556 -39.02 0.13 -25.58
C PRO C 556 -40.36 0.37 -24.90
N VAL C 557 -41.23 1.06 -25.61
CA VAL C 557 -42.59 1.34 -25.12
C VAL C 557 -43.46 0.19 -25.62
N THR C 558 -43.43 -0.91 -24.87
CA THR C 558 -44.17 -2.13 -25.22
C THR C 558 -45.43 -2.18 -24.37
N LEU C 559 -46.54 -1.70 -24.94
CA LEU C 559 -47.83 -1.70 -24.27
C LEU C 559 -48.68 -2.80 -24.88
N ASP C 560 -49.18 -3.69 -24.04
CA ASP C 560 -50.00 -4.79 -24.52
C ASP C 560 -51.38 -4.29 -24.93
N PHE C 561 -52.01 -5.02 -25.86
CA PHE C 561 -53.34 -4.62 -26.33
C PHE C 561 -54.35 -4.70 -25.19
N LEU C 562 -54.27 -5.74 -24.37
CA LEU C 562 -55.21 -5.89 -23.27
C LEU C 562 -54.98 -4.85 -22.18
N ASP C 563 -53.84 -4.17 -22.18
CA ASP C 563 -53.58 -3.10 -21.24
C ASP C 563 -53.85 -1.72 -21.82
N ALA C 564 -53.89 -1.59 -23.15
CA ALA C 564 -54.19 -0.31 -23.77
C ALA C 564 -55.61 0.13 -23.45
N GLU C 565 -56.57 -0.79 -23.50
CA GLU C 565 -57.95 -0.49 -23.15
C GLU C 565 -58.48 -1.49 -22.13
N LEU C 566 -59.79 -1.43 -21.85
CA LEU C 566 -60.35 -2.27 -20.81
C LEU C 566 -60.39 -3.73 -21.26
N GLU C 567 -59.84 -4.61 -20.44
CA GLU C 567 -59.72 -6.02 -20.78
C GLU C 567 -61.06 -6.72 -20.61
N ASN C 568 -61.36 -7.62 -21.55
CA ASN C 568 -62.64 -8.33 -21.59
C ASN C 568 -62.38 -9.75 -22.06
N ASP C 569 -63.31 -10.64 -21.71
CA ASP C 569 -63.19 -12.03 -22.15
C ASP C 569 -63.38 -12.18 -23.65
N ILE C 570 -64.00 -11.20 -24.30
CA ILE C 570 -64.20 -11.27 -25.75
C ILE C 570 -63.05 -10.61 -26.50
N LYS C 571 -62.36 -9.65 -25.89
CA LYS C 571 -61.20 -9.07 -26.53
C LYS C 571 -60.05 -10.06 -26.61
N VAL C 572 -59.95 -10.97 -25.64
CA VAL C 572 -58.85 -11.93 -25.62
C VAL C 572 -58.91 -12.84 -26.84
N GLU C 573 -60.11 -13.32 -27.19
CA GLU C 573 -60.22 -14.16 -28.37
C GLU C 573 -60.06 -13.34 -29.65
N ILE C 574 -60.46 -12.07 -29.63
CA ILE C 574 -60.16 -11.19 -30.75
C ILE C 574 -58.66 -10.97 -30.88
N ARG C 575 -57.98 -10.76 -29.75
CA ARG C 575 -56.53 -10.55 -29.79
C ARG C 575 -55.81 -11.78 -30.31
N ASN C 576 -56.22 -12.97 -29.87
CA ASN C 576 -55.59 -14.20 -30.35
C ASN C 576 -55.85 -14.42 -31.82
N LYS C 577 -57.05 -14.06 -32.30
CA LYS C 577 -57.34 -14.21 -33.71
C LYS C 577 -56.55 -13.22 -34.56
N MET C 578 -56.19 -12.06 -34.01
CA MET C 578 -55.34 -11.12 -34.71
C MET C 578 -53.88 -11.55 -34.70
N ILE C 579 -53.44 -12.20 -33.63
CA ILE C 579 -52.02 -12.54 -33.50
C ILE C 579 -51.61 -13.57 -34.55
N ASP C 580 -52.45 -14.56 -34.81
CA ASP C 580 -52.14 -15.59 -35.81
C ASP C 580 -52.55 -15.18 -37.21
N GLY C 581 -53.05 -13.96 -37.40
CA GLY C 581 -53.27 -13.40 -38.71
C GLY C 581 -54.40 -14.01 -39.52
N GLU C 582 -55.63 -13.82 -39.06
CA GLU C 582 -56.80 -14.22 -39.83
C GLU C 582 -57.83 -13.10 -39.77
N SER C 583 -58.38 -12.73 -40.93
CA SER C 583 -59.34 -11.65 -40.99
C SER C 583 -60.69 -12.09 -40.44
N GLY C 584 -61.44 -11.11 -39.93
CA GLY C 584 -62.74 -11.41 -39.35
C GLY C 584 -63.41 -10.14 -38.88
N GLU C 585 -64.58 -10.32 -38.27
CA GLU C 585 -65.34 -9.21 -37.71
C GLU C 585 -66.19 -9.73 -36.56
N LYS C 586 -66.60 -8.82 -35.68
CA LYS C 586 -67.40 -9.20 -34.53
C LYS C 586 -68.11 -7.97 -33.97
N THR C 587 -69.42 -8.09 -33.78
CA THR C 587 -70.23 -7.05 -33.15
C THR C 587 -70.70 -7.55 -31.79
N PHE C 588 -70.40 -6.78 -30.75
CA PHE C 588 -70.73 -7.21 -29.39
C PHE C 588 -70.73 -6.00 -28.47
N ARG C 589 -71.29 -6.19 -27.28
CA ARG C 589 -71.46 -5.11 -26.31
C ARG C 589 -70.23 -5.05 -25.40
N THR C 590 -69.57 -3.90 -25.38
CA THR C 590 -68.46 -3.65 -24.47
C THR C 590 -68.88 -2.67 -23.40
N LEU C 591 -67.94 -2.34 -22.52
CA LEU C 591 -68.06 -1.19 -21.63
C LEU C 591 -66.80 -0.36 -21.81
N VAL C 592 -66.99 0.92 -22.12
CA VAL C 592 -65.92 1.79 -22.60
C VAL C 592 -65.57 2.80 -21.54
N LYS C 593 -64.28 2.94 -21.25
CA LYS C 593 -63.80 3.96 -20.33
C LYS C 593 -63.77 5.32 -21.04
N SER C 594 -64.20 6.35 -20.32
CA SER C 594 -64.29 7.68 -20.91
C SER C 594 -62.89 8.26 -21.14
N GLN C 595 -62.85 9.36 -21.89
CA GLN C 595 -61.58 10.01 -22.19
C GLN C 595 -60.88 10.45 -20.90
N ASP C 596 -61.62 11.09 -20.00
CA ASP C 596 -61.13 11.31 -18.65
C ASP C 596 -61.49 10.08 -17.82
N GLU C 597 -60.49 9.53 -17.14
CA GLU C 597 -60.68 8.24 -16.47
C GLU C 597 -61.51 8.40 -15.22
N ARG C 598 -62.79 8.75 -15.39
CA ARG C 598 -63.69 8.94 -14.26
C ARG C 598 -65.01 8.19 -14.48
N TYR C 599 -65.37 7.96 -15.74
CA TYR C 599 -66.66 7.37 -16.08
C TYR C 599 -66.45 6.13 -16.94
N ILE C 600 -67.40 5.20 -16.84
CA ILE C 600 -67.45 4.02 -17.68
C ILE C 600 -68.87 3.86 -18.20
N ASP C 601 -69.01 3.67 -19.51
CA ASP C 601 -70.31 3.45 -20.13
C ASP C 601 -70.22 2.28 -21.10
N LYS C 602 -71.36 1.64 -21.32
CA LYS C 602 -71.46 0.48 -22.19
C LYS C 602 -72.08 0.85 -23.52
N GLY C 603 -71.57 0.27 -24.60
CA GLY C 603 -72.10 0.54 -25.92
C GLY C 603 -71.72 -0.53 -26.90
N ASN C 604 -72.49 -0.60 -27.98
CA ASN C 604 -72.19 -1.54 -29.06
C ASN C 604 -70.92 -1.15 -29.79
N ARG C 605 -70.09 -2.14 -30.09
CA ARG C 605 -68.87 -1.93 -30.85
C ARG C 605 -68.73 -3.05 -31.88
N THR C 606 -68.00 -2.76 -32.95
CA THR C 606 -67.73 -3.72 -34.01
C THR C 606 -66.25 -3.67 -34.34
N TYR C 607 -65.56 -4.79 -34.15
CA TYR C 607 -64.14 -4.88 -34.46
C TYR C 607 -63.97 -5.61 -35.78
N THR C 608 -63.29 -4.97 -36.73
CA THR C 608 -62.99 -5.55 -38.02
C THR C 608 -61.47 -5.53 -38.21
N TRP C 609 -60.88 -6.70 -38.41
CA TRP C 609 -59.43 -6.82 -38.51
C TRP C 609 -59.05 -7.66 -39.72
N THR C 610 -57.88 -7.38 -40.27
CA THR C 610 -57.28 -8.17 -41.34
C THR C 610 -55.79 -8.20 -41.12
N PRO C 611 -55.10 -9.23 -41.60
CA PRO C 611 -53.63 -9.23 -41.53
C PRO C 611 -52.99 -8.46 -42.67
N VAL C 612 -51.86 -7.85 -42.37
CA VAL C 612 -51.05 -7.14 -43.36
C VAL C 612 -50.05 -8.15 -43.92
N ASN C 613 -50.23 -8.55 -45.18
CA ASN C 613 -49.33 -9.55 -45.76
C ASN C 613 -47.90 -9.06 -45.86
N GLY C 614 -47.68 -7.75 -45.87
CA GLY C 614 -46.31 -7.26 -45.92
C GLY C 614 -45.49 -7.70 -44.72
N THR C 615 -46.06 -7.60 -43.53
CA THR C 615 -45.35 -7.85 -42.28
C THR C 615 -46.12 -8.79 -41.38
N ASP C 616 -45.71 -8.88 -40.11
CA ASP C 616 -46.43 -9.68 -39.13
C ASP C 616 -47.46 -8.87 -38.34
N TYR C 617 -47.65 -7.59 -38.70
CA TYR C 617 -48.63 -6.77 -38.01
C TYR C 617 -50.05 -7.13 -38.45
N SER C 618 -51.01 -6.80 -37.59
CA SER C 618 -52.42 -6.97 -37.90
C SER C 618 -53.16 -5.71 -37.51
N LEU C 619 -53.99 -5.19 -38.42
CA LEU C 619 -54.68 -3.92 -38.24
C LEU C 619 -56.17 -4.16 -38.02
N ALA C 620 -56.74 -3.45 -37.05
CA ALA C 620 -58.16 -3.54 -36.75
C ALA C 620 -58.75 -2.13 -36.66
N LEU C 621 -60.03 -2.03 -37.00
CA LEU C 621 -60.76 -0.78 -36.92
C LEU C 621 -61.96 -0.98 -35.99
N VAL C 622 -62.03 -0.17 -34.94
CA VAL C 622 -63.15 -0.21 -34.00
C VAL C 622 -64.18 0.79 -34.47
N LEU C 623 -65.40 0.31 -34.72
CA LEU C 623 -66.44 1.18 -35.26
C LEU C 623 -67.75 0.87 -34.55
N PRO C 624 -68.30 1.82 -33.79
CA PRO C 624 -69.58 1.56 -33.13
C PRO C 624 -70.74 1.59 -34.11
N THR C 625 -71.94 1.34 -33.62
CA THR C 625 -73.14 1.54 -34.42
C THR C 625 -73.31 3.04 -34.65
N TYR C 626 -74.38 3.43 -35.34
CA TYR C 626 -74.74 4.83 -35.59
C TYR C 626 -73.60 5.62 -36.22
N SER C 627 -72.58 4.91 -36.71
CA SER C 627 -71.43 5.53 -37.35
C SER C 627 -71.04 4.81 -38.63
N PHE C 628 -71.88 3.90 -39.12
CA PHE C 628 -71.67 3.27 -40.42
C PHE C 628 -71.97 4.23 -41.56
N TYR C 629 -72.46 5.42 -41.26
CA TYR C 629 -72.69 6.48 -42.25
C TYR C 629 -72.14 7.78 -41.70
N TYR C 630 -71.78 8.68 -42.61
CA TYR C 630 -71.25 9.98 -42.21
C TYR C 630 -71.72 11.03 -43.21
N ILE C 631 -71.62 12.29 -42.79
CA ILE C 631 -72.07 13.42 -43.60
C ILE C 631 -70.90 13.91 -44.43
N LYS C 632 -71.09 13.93 -45.74
CA LYS C 632 -70.08 14.41 -46.68
C LYS C 632 -70.61 15.69 -47.33
N ALA C 633 -69.98 16.81 -47.04
CA ALA C 633 -70.43 18.09 -47.57
C ALA C 633 -70.24 18.14 -49.07
N LYS C 634 -71.28 18.57 -49.78
CA LYS C 634 -71.24 18.72 -51.24
C LYS C 634 -71.74 20.13 -51.57
N LEU C 635 -70.80 21.06 -51.73
CA LEU C 635 -71.15 22.43 -52.12
C LEU C 635 -69.95 23.04 -52.82
N GLU C 636 -70.17 23.52 -54.05
CA GLU C 636 -69.12 24.18 -54.81
C GLU C 636 -69.51 25.60 -55.22
N GLU C 637 -70.68 26.08 -54.79
CA GLU C 637 -71.11 27.42 -55.10
C GLU C 637 -70.29 28.44 -54.30
N THR C 638 -70.29 29.68 -54.77
CA THR C 638 -69.44 30.71 -54.17
C THR C 638 -70.11 31.40 -52.99
N ILE C 639 -71.27 32.03 -53.23
CA ILE C 639 -71.86 32.87 -52.19
C ILE C 639 -72.38 32.04 -51.01
N THR C 640 -72.80 30.80 -51.26
CA THR C 640 -73.28 29.96 -50.18
C THR C 640 -72.15 29.47 -49.28
N GLN C 641 -70.90 29.58 -49.72
CA GLN C 641 -69.75 29.20 -48.92
C GLN C 641 -69.03 30.40 -48.32
N ALA C 642 -69.05 31.54 -49.01
CA ALA C 642 -68.41 32.73 -48.47
C ALA C 642 -69.13 33.23 -47.22
N ARG C 643 -70.46 33.16 -47.22
CA ARG C 643 -71.21 33.61 -46.05
C ARG C 643 -70.90 32.74 -44.83
N TYR C 644 -70.78 31.43 -45.03
CA TYR C 644 -70.46 30.54 -43.92
C TYR C 644 -69.09 30.86 -43.33
N SER C 645 -68.14 31.26 -44.18
CA SER C 645 -66.82 31.63 -43.70
C SER C 645 -66.87 32.90 -42.86
N GLU C 646 -67.83 33.80 -43.13
CA GLU C 646 -67.92 35.05 -42.40
C GLU C 646 -68.31 34.85 -40.94
N THR C 647 -68.90 33.70 -40.61
CA THR C 647 -69.32 33.43 -39.23
C THR C 647 -68.15 33.10 -38.31
N LEU C 648 -66.96 32.87 -38.86
CA LEU C 648 -65.78 32.56 -38.06
C LEU C 648 -65.03 33.80 -37.61
N LYS C 649 -65.48 34.99 -37.99
CA LYS C 649 -64.75 36.21 -37.67
C LYS C 649 -64.88 36.53 -36.18
N PRO C 650 -63.78 36.75 -35.47
CA PRO C 650 -63.88 37.03 -34.02
C PRO C 650 -64.70 38.27 -33.69
N ASP C 651 -64.68 39.29 -34.55
CA ASP C 651 -65.48 40.49 -34.31
C ASP C 651 -66.97 40.24 -34.47
N ASN C 652 -67.36 39.08 -34.99
CA ASN C 652 -68.75 38.72 -35.16
C ASN C 652 -69.22 37.80 -34.02
N PHE C 653 -68.38 37.60 -33.00
CA PHE C 653 -68.71 36.70 -31.90
C PHE C 653 -69.81 37.24 -31.01
N GLU C 654 -70.12 38.53 -31.10
CA GLU C 654 -71.13 39.11 -30.22
C GLU C 654 -72.50 38.49 -30.45
N GLU C 655 -72.85 38.25 -31.72
CA GLU C 655 -74.13 37.64 -32.06
C GLU C 655 -74.00 36.18 -32.44
N SER C 656 -72.83 35.73 -32.89
CA SER C 656 -72.61 34.35 -33.30
C SER C 656 -71.94 33.51 -32.23
N GLY C 657 -71.70 34.08 -31.05
CA GLY C 657 -71.12 33.34 -29.95
C GLY C 657 -69.64 33.08 -30.13
N TYR C 658 -68.97 32.87 -29.00
CA TYR C 658 -67.54 32.59 -29.00
C TYR C 658 -67.27 31.28 -29.73
N THR C 659 -66.62 31.36 -30.89
CA THR C 659 -66.45 30.21 -31.77
C THR C 659 -65.02 29.69 -31.71
N PHE C 660 -64.88 28.39 -31.51
CA PHE C 660 -63.60 27.70 -31.61
C PHE C 660 -63.52 26.94 -32.92
N ILE C 661 -62.35 26.36 -33.18
CA ILE C 661 -62.15 25.54 -34.37
C ILE C 661 -61.08 24.50 -34.07
N ALA C 662 -61.30 23.28 -34.53
CA ALA C 662 -60.40 22.18 -34.22
C ALA C 662 -59.10 22.33 -34.99
N PRO C 663 -57.95 22.22 -34.33
CA PRO C 663 -56.67 22.32 -35.04
C PRO C 663 -56.38 21.08 -35.87
N ARG C 664 -56.97 20.98 -37.04
CA ARG C 664 -56.79 19.84 -37.92
C ARG C 664 -55.87 20.20 -39.08
N ASP C 665 -55.12 19.20 -39.56
CA ASP C 665 -54.17 19.40 -40.64
C ASP C 665 -54.94 19.45 -41.96
N TYR C 666 -55.53 20.61 -42.22
CA TYR C 666 -56.20 20.80 -43.51
C TYR C 666 -55.22 20.68 -44.65
N CYS C 667 -54.07 21.36 -44.54
CA CYS C 667 -52.93 21.21 -45.45
C CYS C 667 -51.77 22.08 -44.97
N ASN C 668 -50.64 21.92 -45.66
CA ASN C 668 -49.34 22.26 -45.07
C ASN C 668 -49.18 23.76 -44.83
N ASP C 669 -49.62 24.59 -45.77
CA ASP C 669 -49.40 26.03 -45.64
C ASP C 669 -50.17 26.65 -44.49
N LEU C 670 -51.10 25.93 -43.88
CA LEU C 670 -51.77 26.34 -42.66
C LEU C 670 -51.27 25.45 -41.53
N LYS C 671 -50.48 26.02 -40.63
CA LYS C 671 -49.88 25.28 -39.54
C LYS C 671 -50.66 25.49 -38.25
N ILE C 672 -50.88 24.40 -37.51
CA ILE C 672 -51.66 24.49 -36.27
C ILE C 672 -50.84 25.16 -35.18
N SER C 673 -51.55 25.76 -34.22
CA SER C 673 -50.92 26.52 -33.16
C SER C 673 -51.08 25.92 -31.77
N ASP C 674 -51.98 24.96 -31.58
CA ASP C 674 -52.21 24.30 -30.31
C ASP C 674 -52.65 25.25 -29.21
N ASN C 675 -53.22 26.40 -29.57
CA ASN C 675 -53.82 27.31 -28.61
C ASN C 675 -55.18 27.83 -29.03
N ASN C 676 -55.49 27.84 -30.33
CA ASN C 676 -56.75 28.29 -30.93
C ASN C 676 -56.99 29.78 -30.75
N THR C 677 -56.12 30.50 -30.05
CA THR C 677 -56.25 31.95 -29.98
C THR C 677 -55.80 32.60 -31.29
N GLU C 678 -54.73 32.08 -31.88
CA GLU C 678 -54.21 32.58 -33.14
C GLU C 678 -54.53 31.68 -34.33
N PHE C 679 -54.87 30.41 -34.08
CA PHE C 679 -55.20 29.51 -35.18
C PHE C 679 -56.43 29.98 -35.93
N LEU C 680 -57.44 30.48 -35.20
CA LEU C 680 -58.64 30.97 -35.85
C LEU C 680 -58.34 32.16 -36.75
N LEU C 681 -57.49 33.08 -36.29
CA LEU C 681 -57.08 34.20 -37.13
C LEU C 681 -56.30 33.72 -38.34
N ASN C 682 -55.41 32.75 -38.15
CA ASN C 682 -54.68 32.18 -39.29
C ASN C 682 -55.61 31.46 -40.25
N PHE C 683 -56.58 30.72 -39.72
CA PHE C 683 -57.45 29.90 -40.58
C PHE C 683 -58.34 30.77 -41.46
N ASN C 684 -59.05 31.74 -40.86
CA ASN C 684 -60.01 32.51 -41.63
C ASN C 684 -59.36 33.51 -42.57
N GLU C 685 -58.14 33.95 -42.27
CA GLU C 685 -57.39 34.78 -43.20
C GLU C 685 -56.68 33.96 -44.26
N PHE C 686 -56.73 32.62 -44.16
CA PHE C 686 -56.17 31.74 -45.16
C PHE C 686 -57.16 31.43 -46.27
N ILE C 687 -58.40 31.08 -45.91
CA ILE C 687 -59.38 30.67 -46.90
C ILE C 687 -59.73 31.82 -47.84
N ASP C 688 -59.92 33.03 -47.30
CA ASP C 688 -60.26 34.16 -48.15
C ASP C 688 -59.08 34.58 -49.01
N ARG C 689 -57.87 34.55 -48.45
CA ARG C 689 -56.65 34.88 -49.18
C ARG C 689 -56.08 33.63 -49.86
N LYS C 690 -56.92 32.94 -50.61
CA LYS C 690 -56.56 31.73 -51.33
C LYS C 690 -57.73 31.35 -52.22
N THR C 691 -57.44 30.68 -53.33
CA THR C 691 -58.49 30.26 -54.24
C THR C 691 -59.38 29.23 -53.56
N PRO C 692 -60.70 29.38 -53.62
CA PRO C 692 -61.59 28.42 -52.94
C PRO C 692 -61.53 27.01 -53.49
N ASN C 693 -61.01 26.81 -54.71
CA ASN C 693 -60.94 25.48 -55.29
C ASN C 693 -59.96 24.56 -54.58
N ASN C 694 -59.11 25.12 -53.71
CA ASN C 694 -58.15 24.36 -52.91
C ASN C 694 -57.23 23.54 -53.81
N PRO C 695 -56.33 24.19 -54.56
CA PRO C 695 -55.53 23.46 -55.55
C PRO C 695 -54.61 22.41 -54.95
N SER C 696 -54.10 22.63 -53.74
CA SER C 696 -53.06 21.79 -53.19
C SER C 696 -53.50 20.90 -52.04
N CYS C 697 -54.76 21.01 -51.59
CA CYS C 697 -55.17 20.25 -50.43
C CYS C 697 -56.68 20.03 -50.42
N ASN C 698 -57.09 19.06 -49.61
CA ASN C 698 -58.45 18.52 -49.68
C ASN C 698 -59.47 19.54 -49.22
N ALA C 699 -60.62 19.54 -49.90
CA ALA C 699 -61.76 20.34 -49.48
C ALA C 699 -62.71 19.57 -48.57
N ASP C 700 -62.55 18.25 -48.45
CA ASP C 700 -63.46 17.46 -47.62
C ASP C 700 -63.37 17.88 -46.15
N LEU C 701 -62.16 18.08 -45.64
CA LEU C 701 -62.00 18.52 -44.27
C LEU C 701 -62.33 19.99 -44.09
N ILE C 702 -62.32 20.77 -45.17
CA ILE C 702 -62.66 22.19 -45.11
C ILE C 702 -64.14 22.43 -45.39
N ASN C 703 -64.72 21.69 -46.34
CA ASN C 703 -66.14 21.84 -46.59
C ASN C 703 -66.97 21.39 -45.39
N ARG C 704 -66.50 20.40 -44.64
CA ARG C 704 -67.24 19.92 -43.49
C ARG C 704 -67.30 20.97 -42.39
N VAL C 705 -66.15 21.57 -42.06
CA VAL C 705 -66.14 22.57 -40.99
C VAL C 705 -66.88 23.83 -41.43
N LEU C 706 -66.76 24.20 -42.71
CA LEU C 706 -67.49 25.37 -43.21
C LEU C 706 -68.99 25.10 -43.21
N LEU C 707 -69.41 23.89 -43.58
CA LEU C 707 -70.83 23.56 -43.61
C LEU C 707 -71.45 23.67 -42.22
N ASP C 708 -70.75 23.15 -41.21
CA ASP C 708 -71.27 23.18 -39.85
C ASP C 708 -71.25 24.59 -39.26
N ALA C 709 -70.44 25.49 -39.82
CA ALA C 709 -70.49 26.88 -39.39
C ALA C 709 -71.84 27.50 -39.70
N GLY C 710 -72.38 27.21 -40.89
CA GLY C 710 -73.71 27.68 -41.23
C GLY C 710 -74.79 27.04 -40.36
N PHE C 711 -74.61 25.77 -40.00
CA PHE C 711 -75.61 25.07 -39.20
C PHE C 711 -75.65 25.60 -37.78
N THR C 712 -74.49 25.76 -37.15
CA THR C 712 -74.46 26.29 -35.79
C THR C 712 -74.92 27.74 -35.76
N ASN C 713 -74.53 28.53 -36.77
CA ASN C 713 -74.97 29.92 -36.83
C ASN C 713 -76.48 30.03 -36.95
N GLU C 714 -77.08 29.15 -37.75
CA GLU C 714 -78.54 29.14 -37.90
C GLU C 714 -79.24 28.78 -36.60
N LEU C 715 -78.56 28.09 -35.69
CA LEU C 715 -79.12 27.81 -34.38
C LEU C 715 -78.88 28.94 -33.39
N VAL C 716 -77.68 29.52 -33.41
CA VAL C 716 -77.38 30.63 -32.51
C VAL C 716 -78.24 31.83 -32.84
N GLN C 717 -78.40 32.13 -34.13
CA GLN C 717 -79.12 33.35 -34.52
C GLN C 717 -80.63 33.17 -34.37
N ASN C 718 -81.19 32.15 -35.01
CA ASN C 718 -82.64 32.01 -35.08
C ASN C 718 -83.27 31.56 -33.76
N TYR C 719 -82.53 30.88 -32.90
CA TYR C 719 -83.10 30.37 -31.65
C TYR C 719 -82.44 30.93 -30.41
N TRP C 720 -81.11 30.90 -30.33
CA TRP C 720 -80.45 31.31 -29.09
C TRP C 720 -80.54 32.82 -28.88
N SER C 721 -80.65 33.60 -29.96
CA SER C 721 -80.70 35.05 -29.81
C SER C 721 -82.05 35.52 -29.26
N LYS C 722 -83.12 34.76 -29.48
CA LYS C 722 -84.43 35.17 -28.99
C LYS C 722 -84.45 35.25 -27.46
N GLN C 723 -83.86 34.26 -26.79
CA GLN C 723 -83.78 34.23 -25.33
C GLN C 723 -82.37 34.64 -24.93
N LYS C 724 -82.19 35.94 -24.68
CA LYS C 724 -80.87 36.45 -24.34
C LYS C 724 -80.35 35.87 -23.03
N ASN C 725 -81.22 35.79 -22.02
CA ASN C 725 -80.83 35.28 -20.72
C ASN C 725 -81.93 34.38 -20.16
N ILE C 726 -81.52 33.37 -19.41
CA ILE C 726 -82.42 32.47 -18.70
C ILE C 726 -81.91 32.33 -17.27
N LYS C 727 -82.84 32.24 -16.31
CA LYS C 727 -82.45 32.23 -14.91
C LYS C 727 -81.58 31.04 -14.57
N GLY C 728 -81.93 29.85 -15.04
CA GLY C 728 -81.21 28.64 -14.73
C GLY C 728 -80.10 28.28 -15.68
N VAL C 729 -79.75 29.17 -16.63
CA VAL C 729 -78.77 28.88 -17.65
C VAL C 729 -77.62 29.88 -17.53
N LYS C 730 -76.39 29.36 -17.49
CA LYS C 730 -75.21 30.20 -17.48
C LYS C 730 -74.45 30.20 -18.79
N ALA C 731 -74.63 29.18 -19.63
CA ALA C 731 -73.98 29.11 -20.93
C ALA C 731 -74.76 28.17 -21.82
N ARG C 732 -74.50 28.27 -23.13
CA ARG C 732 -75.11 27.39 -24.12
C ARG C 732 -74.06 27.04 -25.16
N PHE C 733 -73.76 25.75 -25.29
CA PHE C 733 -72.68 25.30 -26.15
C PHE C 733 -73.19 24.26 -27.15
N VAL C 734 -72.62 24.29 -28.35
CA VAL C 734 -72.83 23.26 -29.35
C VAL C 734 -71.47 22.83 -29.88
N VAL C 735 -71.25 21.52 -29.95
CA VAL C 735 -70.01 20.95 -30.45
C VAL C 735 -70.36 20.03 -31.62
N THR C 736 -69.67 20.21 -32.73
CA THR C 736 -70.04 19.56 -33.99
C THR C 736 -68.91 18.67 -34.47
N ASP C 737 -69.28 17.66 -35.26
CA ASP C 737 -68.30 16.74 -35.83
C ASP C 737 -67.29 17.47 -36.71
N GLY C 738 -67.70 18.58 -37.32
CA GLY C 738 -66.78 19.32 -38.17
C GLY C 738 -65.58 19.87 -37.43
N GLY C 739 -65.76 20.26 -36.18
CA GLY C 739 -64.64 20.70 -35.38
C GLY C 739 -64.77 22.11 -34.86
N ILE C 740 -66.00 22.60 -34.68
CA ILE C 740 -66.26 23.93 -34.15
C ILE C 740 -67.20 23.83 -32.97
N THR C 741 -66.87 24.52 -31.89
CA THR C 741 -67.73 24.65 -30.72
C THR C 741 -67.98 26.13 -30.44
N ARG C 742 -69.21 26.45 -30.05
CA ARG C 742 -69.63 27.82 -29.88
C ARG C 742 -70.37 27.99 -28.57
N VAL C 743 -70.09 29.07 -27.85
CA VAL C 743 -70.75 29.41 -26.61
C VAL C 743 -71.46 30.74 -26.82
N TYR C 744 -72.79 30.76 -26.62
CA TYR C 744 -73.55 31.93 -26.98
C TYR C 744 -73.17 33.19 -26.20
N PRO C 745 -73.08 33.17 -24.86
CA PRO C 745 -72.54 34.35 -24.18
C PRO C 745 -71.05 34.47 -24.41
N LYS C 746 -70.62 35.51 -25.13
CA LYS C 746 -69.22 35.66 -25.45
C LYS C 746 -68.36 35.73 -24.20
N GLU C 747 -68.89 36.33 -23.12
CA GLU C 747 -68.16 36.34 -21.86
C GLU C 747 -68.06 34.95 -21.23
N ALA C 748 -68.97 34.03 -21.60
CA ALA C 748 -68.90 32.67 -21.11
C ALA C 748 -67.87 31.82 -21.85
N GLY C 749 -67.31 32.33 -22.94
CA GLY C 749 -66.27 31.60 -23.64
C GLY C 749 -64.94 31.59 -22.93
N GLU C 750 -64.77 32.47 -21.93
CA GLU C 750 -63.54 32.46 -21.14
C GLU C 750 -63.49 31.28 -20.18
N ASN C 751 -64.65 30.76 -19.77
CA ASN C 751 -64.73 29.64 -18.85
C ASN C 751 -64.67 28.29 -19.56
N TRP C 752 -64.55 28.28 -20.89
CA TRP C 752 -64.49 27.03 -21.64
C TRP C 752 -63.13 26.37 -21.44
N GLN C 753 -63.13 25.20 -20.80
CA GLN C 753 -61.91 24.45 -20.55
C GLN C 753 -61.77 23.24 -21.46
N GLU C 754 -62.71 23.01 -22.36
CA GLU C 754 -62.69 21.83 -23.22
C GLU C 754 -61.65 21.98 -24.32
N ASN C 755 -61.18 20.84 -24.80
CA ASN C 755 -60.23 20.82 -25.90
C ASN C 755 -60.89 21.34 -27.17
N PRO C 756 -60.26 22.26 -27.90
CA PRO C 756 -60.86 22.72 -29.17
C PRO C 756 -61.03 21.61 -30.19
N GLU C 757 -60.25 20.53 -30.09
CA GLU C 757 -60.46 19.38 -30.96
C GLU C 757 -61.67 18.60 -30.50
N THR C 758 -62.66 18.48 -31.38
CA THR C 758 -63.92 17.83 -31.01
C THR C 758 -63.72 16.37 -30.63
N TYR C 759 -62.86 15.66 -31.37
CA TYR C 759 -62.65 14.24 -31.13
C TYR C 759 -61.97 13.94 -29.81
N GLU C 760 -61.44 14.95 -29.13
CA GLU C 760 -60.76 14.77 -27.85
C GLU C 760 -61.58 15.30 -26.68
N ASP C 761 -62.89 15.48 -26.86
CA ASP C 761 -63.76 15.99 -25.81
C ASP C 761 -64.44 14.82 -25.10
N SER C 762 -64.19 14.70 -23.80
CA SER C 762 -64.72 13.57 -23.04
C SER C 762 -66.24 13.61 -22.98
N PHE C 763 -66.82 14.79 -22.78
CA PHE C 763 -68.28 14.89 -22.72
C PHE C 763 -68.93 14.61 -24.06
N TYR C 764 -68.24 14.93 -25.16
CA TYR C 764 -68.77 14.63 -26.48
C TYR C 764 -68.90 13.13 -26.69
N LYS C 765 -67.88 12.36 -26.29
CA LYS C 765 -67.90 10.92 -26.50
C LYS C 765 -68.90 10.22 -25.58
N ARG C 766 -69.08 10.73 -24.37
CA ARG C 766 -70.07 10.15 -23.47
C ARG C 766 -71.49 10.38 -23.95
N SER C 767 -71.74 11.52 -24.61
CA SER C 767 -73.09 11.85 -25.04
C SER C 767 -73.54 10.95 -26.20
N LEU C 768 -72.61 10.59 -27.09
CA LEU C 768 -72.98 9.76 -28.24
C LEU C 768 -73.42 8.37 -27.79
N ASP C 769 -72.72 7.77 -26.83
CA ASP C 769 -73.08 6.43 -26.38
C ASP C 769 -74.44 6.42 -25.68
N ASN C 770 -74.70 7.40 -24.83
CA ASN C 770 -75.94 7.44 -24.07
C ASN C 770 -77.08 7.97 -24.94
N ASP C 771 -78.27 7.40 -24.73
CA ASP C 771 -79.47 7.84 -25.43
C ASP C 771 -80.20 8.95 -24.70
N ASN C 772 -79.68 9.41 -23.57
CA ASN C 772 -80.35 10.44 -22.79
C ASN C 772 -79.39 11.55 -22.40
N TYR C 773 -79.82 12.45 -21.52
CA TYR C 773 -78.98 13.56 -21.11
C TYR C 773 -77.85 13.08 -20.20
N VAL C 774 -76.68 13.70 -20.35
CA VAL C 774 -75.49 13.32 -19.60
C VAL C 774 -75.06 14.52 -18.76
N PHE C 775 -74.85 14.29 -17.47
CA PHE C 775 -74.39 15.32 -16.55
C PHE C 775 -72.91 15.12 -16.28
N THR C 776 -72.12 16.16 -16.49
CA THR C 776 -70.68 16.12 -16.29
C THR C 776 -70.34 16.82 -14.99
N ALA C 777 -69.69 16.11 -14.09
CA ALA C 777 -69.33 16.68 -12.79
C ALA C 777 -68.13 17.60 -12.95
N PRO C 778 -68.15 18.78 -12.33
CA PRO C 778 -66.96 19.64 -12.37
C PRO C 778 -65.82 19.04 -11.56
N TYR C 779 -64.61 19.42 -11.92
CA TYR C 779 -63.44 18.95 -11.18
C TYR C 779 -63.35 19.60 -9.81
N PHE C 780 -62.72 18.90 -8.88
CA PHE C 780 -62.52 19.38 -7.53
C PHE C 780 -61.09 19.92 -7.40
N ASN C 781 -60.70 20.26 -6.17
CA ASN C 781 -59.36 20.77 -5.86
C ASN C 781 -59.07 22.06 -6.65
N LYS C 782 -60.09 22.91 -6.76
CA LYS C 782 -60.03 24.23 -7.42
C LYS C 782 -59.19 24.22 -8.69
N SER C 783 -59.32 23.17 -9.50
CA SER C 783 -58.56 23.05 -10.74
C SER C 783 -59.15 24.03 -11.75
N GLY C 784 -58.79 25.30 -11.59
CA GLY C 784 -59.35 26.37 -12.40
C GLY C 784 -60.70 26.79 -11.86
N PRO C 785 -61.31 27.80 -12.47
CA PRO C 785 -62.63 28.25 -12.01
C PRO C 785 -63.73 27.32 -12.51
N GLY C 786 -64.25 26.48 -11.63
CA GLY C 786 -65.33 25.58 -11.99
C GLY C 786 -66.37 25.39 -10.91
N ALA C 787 -66.14 25.96 -9.73
CA ALA C 787 -67.01 25.69 -8.59
C ALA C 787 -68.37 26.34 -8.77
N TYR C 788 -68.40 27.67 -8.85
CA TYR C 788 -69.65 28.41 -8.94
C TYR C 788 -69.75 29.30 -10.17
N GLU C 789 -68.63 29.76 -10.72
CA GLU C 789 -68.64 30.69 -11.84
C GLU C 789 -68.72 29.98 -13.20
N SER C 790 -68.66 28.66 -13.22
CA SER C 790 -68.78 27.90 -14.47
C SER C 790 -70.17 27.30 -14.65
N GLY C 791 -70.60 26.47 -13.70
CA GLY C 791 -71.86 25.79 -13.78
C GLY C 791 -71.68 24.29 -13.92
N ILE C 792 -72.80 23.60 -14.11
CA ILE C 792 -72.85 22.15 -14.27
C ILE C 792 -73.14 21.84 -15.73
N MET C 793 -72.25 21.08 -16.37
CA MET C 793 -72.38 20.79 -17.78
C MET C 793 -73.42 19.70 -18.01
N VAL C 794 -74.35 19.96 -18.93
CA VAL C 794 -75.35 18.99 -19.38
C VAL C 794 -75.29 18.96 -20.89
N SER C 795 -75.31 17.76 -21.46
CA SER C 795 -75.18 17.62 -22.91
C SER C 795 -76.07 16.49 -23.41
N LYS C 796 -76.41 16.56 -24.69
CA LYS C 796 -77.22 15.54 -25.35
C LYS C 796 -76.90 15.55 -26.83
N ALA C 797 -76.58 14.39 -27.40
CA ALA C 797 -76.29 14.30 -28.82
C ALA C 797 -77.56 14.44 -29.64
N VAL C 798 -77.46 15.09 -30.78
CA VAL C 798 -78.58 15.23 -31.71
C VAL C 798 -78.60 14.01 -32.61
N GLU C 799 -79.80 13.51 -32.89
CA GLU C 799 -79.99 12.35 -33.75
C GLU C 799 -80.87 12.77 -34.94
N ILE C 800 -80.40 12.49 -36.14
CA ILE C 800 -81.12 12.87 -37.36
C ILE C 800 -81.34 11.63 -38.21
N TYR C 801 -82.41 11.65 -38.99
CA TYR C 801 -82.75 10.57 -39.91
C TYR C 801 -82.90 11.17 -41.30
N ILE C 802 -82.17 10.61 -42.27
CA ILE C 802 -82.16 11.16 -43.63
C ILE C 802 -82.95 10.24 -44.54
N GLN C 803 -82.48 9.00 -44.69
CA GLN C 803 -83.20 7.93 -45.38
C GLN C 803 -83.35 6.72 -44.48
N GLY C 804 -83.76 6.96 -43.24
CA GLY C 804 -83.86 5.89 -42.28
C GLY C 804 -82.55 5.47 -41.67
N LYS C 805 -81.50 6.27 -41.83
CA LYS C 805 -80.17 5.96 -41.30
C LYS C 805 -79.87 6.89 -40.13
N LEU C 806 -79.52 6.30 -38.99
CA LEU C 806 -79.24 7.10 -37.80
C LEU C 806 -77.89 7.79 -37.92
N LEU C 807 -77.86 9.07 -37.55
CA LEU C 807 -76.64 9.85 -37.52
C LEU C 807 -76.62 10.71 -36.27
N LYS C 808 -75.42 10.93 -35.73
CA LYS C 808 -75.22 11.78 -34.55
C LYS C 808 -74.12 12.78 -34.88
N PRO C 809 -74.47 13.88 -35.53
CA PRO C 809 -73.44 14.81 -36.02
C PRO C 809 -72.88 15.74 -34.94
N ALA C 810 -73.68 16.05 -33.92
CA ALA C 810 -73.27 17.07 -32.97
C ALA C 810 -73.89 16.78 -31.60
N VAL C 811 -73.42 17.52 -30.60
CA VAL C 811 -74.01 17.50 -29.27
C VAL C 811 -74.31 18.94 -28.87
N VAL C 812 -75.38 19.11 -28.10
CA VAL C 812 -75.80 20.41 -27.61
C VAL C 812 -76.03 20.30 -26.11
N GLY C 813 -75.95 21.44 -25.43
CA GLY C 813 -76.19 21.44 -24.00
C GLY C 813 -76.02 22.81 -23.41
N ILE C 814 -76.21 22.88 -22.09
CA ILE C 814 -76.16 24.11 -21.33
C ILE C 814 -75.35 23.87 -20.06
N LYS C 815 -74.92 24.97 -19.45
CA LYS C 815 -74.22 24.95 -18.16
C LYS C 815 -75.18 25.49 -17.11
N ILE C 816 -75.80 24.59 -16.35
CA ILE C 816 -76.80 24.99 -15.37
C ILE C 816 -76.13 25.69 -14.20
N ASP C 817 -76.69 26.83 -13.78
CA ASP C 817 -76.14 27.56 -12.66
C ASP C 817 -76.36 26.79 -11.36
N VAL C 818 -75.30 26.66 -10.57
CA VAL C 818 -75.39 25.89 -9.33
C VAL C 818 -76.25 26.62 -8.31
N ASN C 819 -76.15 27.95 -8.25
CA ASN C 819 -76.92 28.71 -7.27
C ASN C 819 -78.42 28.61 -7.54
N SER C 820 -78.83 28.70 -8.80
CA SER C 820 -80.24 28.59 -9.13
C SER C 820 -80.77 27.19 -8.85
N TRP C 821 -79.93 26.17 -9.00
CA TRP C 821 -80.36 24.80 -8.73
C TRP C 821 -80.66 24.59 -7.25
N ILE C 822 -79.92 25.27 -6.38
CA ILE C 822 -80.13 25.10 -4.93
C ILE C 822 -81.53 25.57 -4.54
N GLU C 823 -81.97 26.71 -5.09
CA GLU C 823 -83.27 27.25 -4.74
C GLU C 823 -84.39 26.30 -5.13
N ASN C 824 -84.31 25.70 -6.32
CA ASN C 824 -85.31 24.74 -6.73
C ASN C 824 -85.21 23.44 -5.93
N PHE C 825 -83.99 23.05 -5.55
CA PHE C 825 -83.80 21.81 -4.81
C PHE C 825 -84.46 21.88 -3.44
N THR C 826 -84.32 23.01 -2.74
CA THR C 826 -84.90 23.15 -1.41
C THR C 826 -86.43 23.21 -1.48
N LYS C 827 -86.95 24.04 -2.37
CA LYS C 827 -88.40 24.21 -2.50
C LYS C 827 -89.08 22.94 -2.99
N ARG C 843 -83.20 22.62 3.77
CA ARG C 843 -82.01 23.44 3.61
C ARG C 843 -81.17 23.45 4.88
N ASN C 844 -79.96 22.90 4.77
CA ASN C 844 -79.01 22.85 5.89
C ASN C 844 -79.60 22.14 7.10
N SER C 845 -80.47 21.16 6.86
CA SER C 845 -81.10 20.43 7.95
C SER C 845 -80.08 19.59 8.71
N ASP C 846 -80.27 19.48 10.01
CA ASP C 846 -79.40 18.69 10.87
C ASP C 846 -79.91 17.28 11.09
N VAL C 847 -81.02 16.90 10.47
CA VAL C 847 -81.64 15.60 10.67
C VAL C 847 -81.63 14.75 9.41
N MET C 848 -81.90 15.35 8.26
CA MET C 848 -82.06 14.61 7.01
C MET C 848 -81.10 15.15 5.97
N ASP C 849 -80.53 14.25 5.16
CA ASP C 849 -79.59 14.60 4.11
C ASP C 849 -80.20 14.31 2.75
N CYS C 850 -80.00 15.24 1.81
CA CYS C 850 -80.50 15.09 0.44
C CYS C 850 -79.39 15.48 -0.52
N VAL C 851 -78.83 14.50 -1.23
CA VAL C 851 -77.77 14.75 -2.20
C VAL C 851 -78.14 14.08 -3.51
N ILE C 852 -77.57 14.61 -4.60
CA ILE C 852 -77.76 14.06 -5.94
C ILE C 852 -76.40 13.68 -6.50
N LEU C 853 -76.28 12.45 -6.99
CA LEU C 853 -75.06 11.96 -7.61
C LEU C 853 -75.35 11.57 -9.05
N ASP C 854 -74.30 11.56 -9.87
CA ASP C 854 -74.42 11.20 -11.27
C ASP C 854 -73.92 9.77 -11.47
N ASP C 855 -73.85 9.36 -12.74
CA ASP C 855 -73.33 8.03 -13.07
C ASP C 855 -71.82 8.00 -12.85
N GLY C 856 -71.40 7.57 -11.66
CA GLY C 856 -70.01 7.60 -11.30
C GLY C 856 -69.79 8.02 -9.86
N GLY C 857 -70.87 8.34 -9.17
CA GLY C 857 -70.79 8.72 -7.77
C GLY C 857 -70.12 10.04 -7.49
N PHE C 858 -70.39 11.06 -8.29
CA PHE C 858 -69.85 12.40 -8.09
C PHE C 858 -70.96 13.33 -7.63
N LEU C 859 -70.67 14.12 -6.61
CA LEU C 859 -71.68 15.01 -6.04
C LEU C 859 -71.98 16.16 -6.99
N LEU C 860 -73.27 16.44 -7.16
CA LEU C 860 -73.73 17.57 -7.96
C LEU C 860 -74.63 18.53 -7.19
N MET C 861 -75.49 18.01 -6.33
CA MET C 861 -76.35 18.80 -5.46
C MET C 861 -76.20 18.31 -4.03
N ALA C 862 -76.67 19.12 -3.09
CA ALA C 862 -76.55 18.79 -1.68
C ALA C 862 -77.64 19.52 -0.90
N ASN C 863 -77.63 19.33 0.42
CA ASN C 863 -78.65 19.90 1.29
C ASN C 863 -78.03 20.43 2.57
N HIS C 864 -76.78 20.90 2.53
CA HIS C 864 -76.12 21.34 3.74
C HIS C 864 -75.31 22.63 3.62
N ASP C 865 -75.12 23.17 2.41
CA ASP C 865 -74.28 24.35 2.19
C ASP C 865 -72.84 24.07 2.59
N ASP C 866 -72.54 22.83 2.97
CA ASP C 866 -71.19 22.36 3.26
C ASP C 866 -70.73 21.27 2.31
N TYR C 867 -71.62 20.33 1.97
CA TYR C 867 -71.33 19.42 0.87
C TYR C 867 -71.27 20.16 -0.44
N THR C 868 -72.14 21.16 -0.64
CA THR C 868 -72.12 21.95 -1.86
C THR C 868 -70.79 22.70 -2.03
N ASN C 869 -70.15 23.05 -0.91
CA ASN C 869 -68.84 23.69 -0.99
C ASN C 869 -67.83 22.79 -1.67
N GLN C 870 -67.85 21.50 -1.35
CA GLN C 870 -67.00 20.51 -2.02
C GLN C 870 -67.80 19.86 -3.13
N ILE C 871 -67.96 20.61 -4.22
CA ILE C 871 -68.74 20.19 -5.38
C ILE C 871 -67.87 19.33 -6.27
N GLY C 872 -68.50 18.43 -7.02
CA GLY C 872 -67.77 17.58 -7.94
C GLY C 872 -66.76 16.68 -7.28
N ARG C 873 -67.13 16.07 -6.17
CA ARG C 873 -66.25 15.17 -5.42
C ARG C 873 -66.88 13.78 -5.34
N PHE C 874 -66.03 12.77 -5.35
CA PHE C 874 -66.51 11.40 -5.21
C PHE C 874 -67.23 11.24 -3.89
N PHE C 875 -68.43 10.65 -3.93
CA PHE C 875 -69.25 10.58 -2.73
C PHE C 875 -68.66 9.66 -1.68
N GLY C 876 -67.75 8.78 -2.06
CA GLY C 876 -67.05 7.98 -1.08
C GLY C 876 -66.02 8.73 -0.26
N GLU C 877 -65.61 9.90 -0.72
CA GLU C 877 -64.68 10.74 0.02
C GLU C 877 -65.38 11.69 0.97
N ILE C 878 -66.70 11.79 0.91
CA ILE C 878 -67.47 12.65 1.80
C ILE C 878 -68.50 11.89 2.62
N ASP C 879 -68.81 10.66 2.26
CA ASP C 879 -69.72 9.82 3.04
C ASP C 879 -69.37 8.35 2.80
N PRO C 880 -68.24 7.88 3.32
CA PRO C 880 -67.81 6.50 3.01
C PRO C 880 -68.79 5.42 3.44
N SER C 881 -69.49 5.61 4.56
CA SER C 881 -70.41 4.58 5.03
C SER C 881 -71.54 4.33 4.04
N LEU C 882 -72.10 5.41 3.50
CA LEU C 882 -73.22 5.26 2.56
C LEU C 882 -72.75 4.79 1.19
N MET C 883 -71.61 5.31 0.71
CA MET C 883 -71.11 4.93 -0.60
C MET C 883 -70.76 3.45 -0.65
N ARG C 884 -70.11 2.94 0.39
CA ARG C 884 -69.71 1.53 0.41
C ARG C 884 -70.92 0.61 0.42
N HIS C 885 -72.00 1.03 1.09
CA HIS C 885 -73.21 0.21 1.11
C HIS C 885 -73.89 0.18 -0.25
N LEU C 886 -73.81 1.28 -1.00
CA LEU C 886 -74.43 1.30 -2.33
C LEU C 886 -73.75 0.34 -3.28
N VAL C 887 -72.43 0.14 -3.14
CA VAL C 887 -71.74 -0.84 -3.97
C VAL C 887 -72.21 -2.25 -3.65
N ASN C 888 -72.37 -2.56 -2.36
CA ASN C 888 -72.72 -3.92 -1.96
C ASN C 888 -74.14 -4.29 -2.35
N ILE C 889 -75.06 -3.33 -2.34
CA ILE C 889 -76.46 -3.61 -2.66
C ILE C 889 -76.66 -3.53 -4.17
N SER C 890 -75.56 -3.46 -4.91
CA SER C 890 -75.57 -3.53 -6.37
C SER C 890 -76.24 -2.32 -7.01
N VAL C 891 -75.91 -1.13 -6.52
CA VAL C 891 -76.27 0.12 -7.19
C VAL C 891 -75.14 0.61 -8.09
N TYR C 892 -73.91 0.53 -7.60
CA TYR C 892 -72.73 0.97 -8.34
C TYR C 892 -71.79 -0.21 -8.50
N ALA C 893 -71.46 -0.54 -9.75
CA ALA C 893 -70.39 -1.47 -10.04
C ALA C 893 -69.10 -0.69 -10.26
N PHE C 894 -67.98 -1.41 -10.36
CA PHE C 894 -66.70 -0.75 -10.59
C PHE C 894 -65.72 -1.72 -11.24
N ASN C 895 -65.05 -1.25 -12.29
CA ASN C 895 -63.98 -1.97 -12.95
C ASN C 895 -62.66 -1.30 -12.57
N LYS C 896 -61.67 -2.10 -12.18
CA LYS C 896 -60.34 -1.58 -11.87
C LYS C 896 -59.37 -1.87 -13.01
N SER C 897 -58.49 -0.91 -13.28
CA SER C 897 -57.54 -1.01 -14.38
C SER C 897 -56.16 -0.62 -13.89
N TYR C 898 -55.17 -0.84 -14.74
CA TYR C 898 -53.80 -0.41 -14.49
C TYR C 898 -53.35 0.53 -15.60
N ASP C 899 -52.71 1.62 -15.22
CA ASP C 899 -52.17 2.58 -16.18
C ASP C 899 -50.65 2.52 -16.10
N TYR C 900 -50.02 2.04 -17.17
CA TYR C 900 -48.58 1.84 -17.18
C TYR C 900 -47.80 3.07 -17.62
N GLN C 901 -48.47 4.10 -18.10
CA GLN C 901 -47.83 5.34 -18.53
C GLN C 901 -48.47 6.49 -17.76
N SER C 902 -47.84 6.89 -16.66
CA SER C 902 -48.38 7.98 -15.84
C SER C 902 -47.26 8.59 -15.01
N VAL C 903 -47.36 9.90 -14.78
CA VAL C 903 -46.41 10.57 -13.89
C VAL C 903 -46.67 10.12 -12.47
N CYS C 904 -45.59 9.86 -11.73
CA CYS C 904 -45.70 9.17 -10.46
C CYS C 904 -44.79 9.85 -9.43
N GLU C 905 -45.35 10.15 -8.25
CA GLU C 905 -44.58 10.83 -7.23
C GLU C 905 -43.71 9.84 -6.47
N PRO C 906 -42.40 10.07 -6.38
CA PRO C 906 -41.54 9.16 -5.63
C PRO C 906 -41.89 9.13 -4.15
N GLY C 907 -41.68 7.97 -3.54
CA GLY C 907 -41.95 7.80 -2.12
C GLY C 907 -40.71 7.46 -1.32
N ALA C 908 -40.79 7.62 0.00
CA ALA C 908 -39.66 7.31 0.86
C ALA C 908 -39.41 5.81 0.93
N ALA C 909 -38.15 5.44 1.06
CA ALA C 909 -37.77 4.03 1.13
C ALA C 909 -37.16 3.69 2.49
N SER C 970 -38.90 16.66 -9.29
CA SER C 970 -39.67 16.16 -10.42
C SER C 970 -40.42 14.88 -10.03
N LYS C 971 -40.94 14.18 -11.05
CA LYS C 971 -41.69 12.96 -10.86
C LYS C 971 -41.20 11.90 -11.83
N GLN C 972 -41.38 10.64 -11.45
CA GLN C 972 -40.96 9.50 -12.25
C GLN C 972 -42.19 8.81 -12.83
N SER C 973 -41.96 7.70 -13.52
CA SER C 973 -43.01 6.94 -14.17
C SER C 973 -43.23 5.63 -13.42
N CYS C 974 -44.48 5.35 -13.07
CA CYS C 974 -44.82 4.09 -12.42
C CYS C 974 -46.21 3.68 -12.86
N ILE C 975 -46.76 2.69 -12.18
CA ILE C 975 -48.08 2.14 -12.49
C ILE C 975 -49.08 2.73 -11.50
N THR C 976 -50.22 3.17 -12.02
CA THR C 976 -51.31 3.66 -11.18
C THR C 976 -52.55 2.83 -11.46
N GLU C 977 -53.24 2.44 -10.39
CA GLU C 977 -54.51 1.73 -10.51
C GLU C 977 -55.64 2.73 -10.69
N GLN C 978 -56.46 2.52 -11.70
CA GLN C 978 -57.59 3.38 -12.00
C GLN C 978 -58.89 2.62 -11.74
N THR C 979 -59.79 3.23 -10.98
CA THR C 979 -61.09 2.66 -10.71
C THR C 979 -62.18 3.64 -11.15
N GLN C 980 -63.22 3.09 -11.76
CA GLN C 980 -64.36 3.90 -12.20
C GLN C 980 -65.64 3.18 -11.82
N TYR C 981 -66.67 3.96 -11.52
CA TYR C 981 -67.94 3.43 -11.05
C TYR C 981 -69.02 3.72 -12.07
N PHE C 982 -70.01 2.82 -12.14
CA PHE C 982 -71.08 2.95 -13.11
C PHE C 982 -72.31 2.21 -12.60
N PHE C 983 -73.45 2.49 -13.22
CA PHE C 983 -74.71 1.90 -12.79
C PHE C 983 -74.76 0.42 -13.16
N ASP C 984 -74.94 -0.43 -12.16
CA ASP C 984 -74.98 -1.88 -12.40
C ASP C 984 -76.36 -2.33 -12.85
N ASN C 985 -77.36 -2.16 -11.99
CA ASN C 985 -78.69 -2.68 -12.25
C ASN C 985 -79.49 -1.71 -13.11
N ASP C 986 -80.53 -2.26 -13.75
CA ASP C 986 -81.46 -1.45 -14.53
C ASP C 986 -82.65 -0.97 -13.71
N SER C 987 -82.78 -1.42 -12.46
CA SER C 987 -83.86 -0.97 -11.60
C SER C 987 -83.65 0.49 -11.19
N LYS C 988 -84.74 1.15 -10.80
CA LYS C 988 -84.71 2.57 -10.51
C LYS C 988 -85.04 2.92 -9.07
N SER C 989 -85.87 2.14 -8.40
CA SER C 989 -86.24 2.40 -7.01
C SER C 989 -85.37 1.58 -6.07
N PHE C 990 -84.66 2.25 -5.18
CA PHE C 990 -83.78 1.60 -4.21
C PHE C 990 -84.13 2.08 -2.81
N SER C 991 -84.21 1.15 -1.88
CA SER C 991 -84.47 1.49 -0.48
C SER C 991 -83.83 0.44 0.42
N GLY C 992 -83.55 0.84 1.65
CA GLY C 992 -82.93 -0.06 2.59
C GLY C 992 -82.50 0.68 3.84
N VAL C 993 -81.84 -0.06 4.72
CA VAL C 993 -81.38 0.45 6.01
C VAL C 993 -79.90 0.13 6.16
N LEU C 994 -79.12 1.11 6.59
CA LEU C 994 -77.67 0.97 6.75
C LEU C 994 -77.38 0.72 8.22
N ASP C 995 -76.77 -0.44 8.51
CA ASP C 995 -76.43 -0.83 9.87
C ASP C 995 -74.93 -0.60 10.07
N CYS C 996 -74.59 0.59 10.58
CA CYS C 996 -73.20 0.94 10.83
C CYS C 996 -72.71 0.45 12.19
N GLY C 997 -73.57 -0.18 12.98
CA GLY C 997 -73.20 -0.66 14.29
C GLY C 997 -73.87 0.13 15.41
N ASN C 998 -74.58 -0.59 16.29
CA ASN C 998 -75.31 -0.01 17.42
C ASN C 998 -76.10 1.24 17.02
N CYS C 999 -76.62 1.24 15.79
CA CYS C 999 -77.39 2.37 15.26
C CYS C 999 -78.13 1.88 14.03
N SER C 1000 -78.78 2.82 13.32
CA SER C 1000 -79.57 2.47 12.15
C SER C 1000 -79.85 3.73 11.34
N ARG C 1001 -79.59 3.66 10.03
CA ARG C 1001 -79.92 4.73 9.11
C ARG C 1001 -80.67 4.14 7.93
N ILE C 1002 -81.82 4.71 7.61
CA ILE C 1002 -82.68 4.22 6.53
C ILE C 1002 -82.58 5.19 5.36
N PHE C 1003 -82.43 4.65 4.16
CA PHE C 1003 -82.25 5.44 2.96
C PHE C 1003 -83.30 5.08 1.93
N HIS C 1004 -83.38 5.90 0.88
CA HIS C 1004 -84.23 5.61 -0.27
C HIS C 1004 -83.64 6.30 -1.48
N GLY C 1005 -83.18 5.52 -2.46
CA GLY C 1005 -82.57 6.03 -3.66
C GLY C 1005 -83.48 5.86 -4.85
N GLU C 1006 -83.66 6.94 -5.60
CA GLU C 1006 -84.47 6.94 -6.82
C GLU C 1006 -83.66 7.60 -7.93
N LYS C 1007 -83.74 7.03 -9.13
CA LYS C 1007 -82.99 7.52 -10.27
C LYS C 1007 -83.90 8.32 -11.20
N LEU C 1008 -83.44 9.49 -11.60
CA LEU C 1008 -84.23 10.36 -12.47
C LEU C 1008 -84.35 9.76 -13.85
N MET C 1009 -85.41 10.15 -14.55
CA MET C 1009 -85.66 9.63 -15.89
C MET C 1009 -84.87 10.41 -16.94
N ASN C 1010 -84.47 9.69 -17.99
CA ASN C 1010 -83.82 10.28 -19.17
C ASN C 1010 -82.56 11.06 -18.78
N THR C 1011 -81.82 10.55 -17.81
CA THR C 1011 -80.55 11.14 -17.40
C THR C 1011 -79.78 10.11 -16.59
N ASN C 1012 -78.56 10.46 -16.22
CA ASN C 1012 -77.66 9.58 -15.48
C ASN C 1012 -77.52 10.01 -14.02
N LEU C 1013 -78.60 10.54 -13.46
CA LEU C 1013 -78.59 11.07 -12.10
C LEU C 1013 -79.34 10.13 -11.15
N ILE C 1014 -78.96 10.19 -9.88
CA ILE C 1014 -79.63 9.44 -8.82
C ILE C 1014 -79.84 10.36 -7.63
N PHE C 1015 -81.02 10.25 -7.02
CA PHE C 1015 -81.38 11.04 -5.84
C PHE C 1015 -81.50 10.11 -4.65
N ILE C 1016 -80.76 10.40 -3.59
CA ILE C 1016 -80.73 9.57 -2.39
C ILE C 1016 -80.96 10.46 -1.17
N MET C 1017 -81.75 9.96 -0.23
CA MET C 1017 -82.10 10.69 0.99
C MET C 1017 -81.75 9.83 2.19
N VAL C 1018 -80.91 10.37 3.09
CA VAL C 1018 -80.44 9.65 4.26
C VAL C 1018 -80.50 10.55 5.48
N GLU C 1019 -80.50 9.94 6.66
CA GLU C 1019 -80.37 10.70 7.89
C GLU C 1019 -78.96 11.25 8.02
N SER C 1020 -78.82 12.25 8.88
CA SER C 1020 -77.52 12.89 9.09
C SER C 1020 -76.51 11.90 9.65
N LYS C 1021 -75.26 12.02 9.19
CA LYS C 1021 -74.21 11.13 9.66
C LYS C 1021 -73.88 11.35 11.13
N GLY C 1022 -74.30 12.47 11.71
CA GLY C 1022 -74.03 12.73 13.12
C GLY C 1022 -74.85 11.88 14.07
N THR C 1023 -75.98 11.33 13.60
CA THR C 1023 -76.80 10.50 14.46
C THR C 1023 -76.06 9.24 14.89
N CYS C 1024 -75.35 8.60 13.97
CA CYS C 1024 -74.57 7.42 14.26
C CYS C 1024 -73.09 7.78 14.30
N PRO C 1025 -72.44 7.75 15.47
CA PRO C 1025 -71.04 8.19 15.56
C PRO C 1025 -70.06 7.16 14.98
N CYS C 1026 -70.14 6.98 13.67
CA CYS C 1026 -69.22 6.10 12.95
C CYS C 1026 -68.73 6.81 11.69
N ASP C 1027 -67.42 6.76 11.48
CA ASP C 1027 -66.79 7.31 10.27
C ASP C 1027 -65.67 6.37 9.82
N THR C 1028 -66.01 5.44 8.94
CA THR C 1028 -65.08 4.40 8.53
C THR C 1028 -64.06 4.98 7.55
N ARG C 1029 -63.21 4.11 7.00
CA ARG C 1029 -62.21 4.56 6.03
C ARG C 1029 -62.89 5.09 4.77
N LEU C 1030 -62.38 6.19 4.25
CA LEU C 1030 -62.98 6.84 3.10
C LEU C 1030 -62.69 6.05 1.83
N LEU C 1031 -63.69 5.97 0.96
CA LEU C 1031 -63.58 5.23 -0.30
C LEU C 1031 -62.97 6.14 -1.36
N ILE C 1032 -61.79 5.77 -1.85
CA ILE C 1032 -61.01 6.61 -2.74
C ILE C 1032 -61.24 6.16 -4.18
N GLN C 1033 -61.56 7.11 -5.06
CA GLN C 1033 -61.63 6.90 -6.50
C GLN C 1033 -60.72 7.95 -7.13
N ALA C 1034 -59.44 7.61 -7.27
CA ALA C 1034 -58.47 8.53 -7.84
C ALA C 1034 -57.28 7.72 -8.34
N GLU C 1035 -56.30 8.42 -8.89
CA GLU C 1035 -55.10 7.78 -9.41
C GLU C 1035 -54.27 7.27 -8.25
N GLN C 1036 -54.37 5.98 -7.97
CA GLN C 1036 -53.69 5.36 -6.84
C GLN C 1036 -52.42 4.67 -7.35
N THR C 1037 -51.28 5.08 -6.82
CA THR C 1037 -50.01 4.48 -7.21
C THR C 1037 -49.94 3.04 -6.72
N SER C 1038 -49.63 2.13 -7.64
CA SER C 1038 -49.60 0.70 -7.33
C SER C 1038 -48.39 0.08 -8.02
N ASP C 1039 -48.13 -1.19 -7.71
CA ASP C 1039 -47.04 -1.93 -8.30
C ASP C 1039 -47.51 -3.18 -9.03
N GLY C 1040 -48.80 -3.48 -8.99
CA GLY C 1040 -49.33 -4.67 -9.64
C GLY C 1040 -49.39 -4.51 -11.13
N PRO C 1041 -49.74 -5.59 -11.84
CA PRO C 1041 -50.07 -6.90 -11.28
C PRO C 1041 -48.84 -7.71 -10.89
N ASN C 1042 -49.03 -8.72 -10.07
CA ASN C 1042 -47.92 -9.56 -9.65
C ASN C 1042 -47.44 -10.40 -10.83
N PRO C 1043 -46.14 -10.35 -11.16
CA PRO C 1043 -45.64 -11.15 -12.29
C PRO C 1043 -45.26 -12.58 -11.96
N CYS C 1044 -45.19 -12.94 -10.68
CA CYS C 1044 -44.86 -14.32 -10.32
C CYS C 1044 -45.91 -15.30 -10.84
N ASP C 1045 -47.18 -14.94 -10.68
CA ASP C 1045 -48.27 -15.77 -11.19
C ASP C 1045 -48.74 -15.38 -12.58
N MET C 1046 -48.23 -14.26 -13.12
CA MET C 1046 -48.53 -13.92 -14.51
C MET C 1046 -47.86 -14.89 -15.46
N VAL C 1047 -46.63 -15.31 -15.15
CA VAL C 1047 -45.89 -16.22 -16.02
C VAL C 1047 -46.41 -17.65 -15.95
N LYS C 1048 -47.26 -17.96 -14.97
CA LYS C 1048 -47.84 -19.30 -14.91
C LYS C 1048 -48.87 -19.50 -16.02
N GLN C 1049 -49.62 -18.45 -16.36
CA GLN C 1049 -50.57 -18.47 -17.48
C GLN C 1049 -50.35 -17.23 -18.35
N PRO C 1050 -49.24 -17.17 -19.07
CA PRO C 1050 -48.94 -15.99 -19.87
C PRO C 1050 -49.90 -15.85 -21.05
N ARG C 1051 -50.02 -14.62 -21.53
CA ARG C 1051 -50.88 -14.34 -22.66
C ARG C 1051 -50.35 -15.04 -23.91
N TYR C 1052 -51.26 -15.39 -24.82
CA TYR C 1052 -50.88 -16.07 -26.04
C TYR C 1052 -50.02 -15.18 -26.91
N ARG C 1053 -48.99 -15.76 -27.51
CA ARG C 1053 -48.10 -15.03 -28.40
C ARG C 1053 -47.53 -15.99 -29.43
N LYS C 1054 -47.04 -15.43 -30.52
CA LYS C 1054 -46.43 -16.20 -31.60
C LYS C 1054 -45.04 -15.64 -31.89
N GLY C 1055 -44.04 -16.50 -31.85
CA GLY C 1055 -42.68 -16.07 -32.06
C GLY C 1055 -42.25 -16.18 -33.50
N PRO C 1056 -41.08 -15.65 -33.83
CA PRO C 1056 -40.56 -15.76 -35.19
C PRO C 1056 -40.35 -17.23 -35.58
N ASP C 1057 -40.63 -17.54 -36.84
CA ASP C 1057 -40.49 -18.89 -37.36
C ASP C 1057 -39.14 -19.13 -38.04
N VAL C 1058 -38.25 -18.16 -38.04
CA VAL C 1058 -36.92 -18.29 -38.64
C VAL C 1058 -35.89 -18.39 -37.52
N CYS C 1059 -35.09 -19.45 -37.56
CA CYS C 1059 -34.08 -19.70 -36.53
C CYS C 1059 -32.79 -20.13 -37.21
N PHE C 1060 -31.72 -19.39 -36.97
CA PHE C 1060 -30.41 -19.66 -37.57
C PHE C 1060 -29.44 -20.06 -36.47
N ASP C 1061 -29.26 -21.37 -36.28
CA ASP C 1061 -28.30 -21.89 -35.32
C ASP C 1061 -27.87 -23.28 -35.77
N ASN C 1062 -26.76 -23.75 -35.17
CA ASN C 1062 -26.27 -25.11 -35.40
C ASN C 1062 -25.96 -25.36 -36.87
N ASN C 1063 -24.97 -24.62 -37.37
CA ASN C 1063 -24.46 -24.82 -38.72
C ASN C 1063 -23.17 -25.64 -38.66
N VAL C 1064 -23.08 -26.64 -39.54
CA VAL C 1064 -21.92 -27.53 -39.52
C VAL C 1064 -20.68 -26.89 -40.14
N LEU C 1065 -20.83 -25.82 -40.92
CA LEU C 1065 -19.69 -25.13 -41.48
C LEU C 1065 -19.06 -24.14 -40.52
N GLU C 1066 -19.64 -23.98 -39.33
CA GLU C 1066 -19.10 -23.03 -38.35
C GLU C 1066 -17.73 -23.49 -37.86
N ASP C 1067 -16.83 -22.53 -37.67
CA ASP C 1067 -15.45 -22.85 -37.29
C ASP C 1067 -15.33 -23.09 -35.79
N TYR C 1068 -15.67 -22.07 -34.99
CA TYR C 1068 -15.55 -22.07 -33.53
C TYR C 1068 -14.27 -22.72 -33.02
N THR C 1069 -13.15 -22.47 -33.71
CA THR C 1069 -11.86 -22.96 -33.25
C THR C 1069 -11.14 -21.98 -32.33
N ASP C 1070 -11.46 -20.69 -32.43
CA ASP C 1070 -10.92 -19.69 -31.51
C ASP C 1070 -11.77 -19.74 -30.24
N CYS C 1071 -11.27 -20.45 -29.22
CA CYS C 1071 -12.13 -20.78 -28.09
C CYS C 1071 -12.59 -19.52 -27.38
N GLY C 1072 -11.71 -18.93 -26.58
CA GLY C 1072 -11.82 -17.54 -26.18
C GLY C 1072 -10.46 -16.96 -25.83
N GLY C 1073 -9.42 -17.78 -25.99
CA GLY C 1073 -8.13 -17.44 -25.42
C GLY C 1073 -6.95 -17.75 -26.32
N VAL C 1074 -7.14 -17.69 -27.64
CA VAL C 1074 -6.05 -17.96 -28.57
C VAL C 1074 -4.91 -16.96 -28.37
N SER C 1075 -5.20 -15.76 -27.90
CA SER C 1075 -4.19 -14.75 -27.60
C SER C 1075 -3.90 -14.65 -26.11
N GLY C 1076 -3.99 -15.76 -25.38
CA GLY C 1076 -3.72 -15.76 -23.95
C GLY C 1076 -4.62 -16.71 -23.19
#